data_2JKF
# 
_entry.id   2JKF 
# 
_audit_conform.dict_name       mmcif_pdbx.dic 
_audit_conform.dict_version    5.391 
_audit_conform.dict_location   http://mmcif.pdb.org/dictionaries/ascii/mmcif_pdbx.dic 
# 
loop_
_database_2.database_id 
_database_2.database_code 
_database_2.pdbx_database_accession 
_database_2.pdbx_DOI 
PDB   2JKF         pdb_00002jkf 10.2210/pdb2jkf/pdb 
PDBE  EBI-37310    ?            ?                   
WWPDB D_1290037310 ?            ?                   
# 
loop_
_pdbx_audit_revision_history.ordinal 
_pdbx_audit_revision_history.data_content_type 
_pdbx_audit_revision_history.major_revision 
_pdbx_audit_revision_history.minor_revision 
_pdbx_audit_revision_history.revision_date 
1 'Structure model' 1 0 2008-09-23 
2 'Structure model' 1 1 2011-07-13 
3 'Structure model' 1 2 2018-01-17 
4 'Structure model' 1 3 2024-05-08 
# 
_pdbx_audit_revision_details.ordinal             1 
_pdbx_audit_revision_details.revision_ordinal    1 
_pdbx_audit_revision_details.data_content_type   'Structure model' 
_pdbx_audit_revision_details.provider            repository 
_pdbx_audit_revision_details.type                'Initial release' 
_pdbx_audit_revision_details.description         ? 
_pdbx_audit_revision_details.details             ? 
# 
loop_
_pdbx_audit_revision_group.ordinal 
_pdbx_audit_revision_group.revision_ordinal 
_pdbx_audit_revision_group.data_content_type 
_pdbx_audit_revision_group.group 
1 2 'Structure model' Advisory                    
2 2 'Structure model' 'Version format compliance' 
3 3 'Structure model' 'Data collection'           
4 4 'Structure model' 'Data collection'           
5 4 'Structure model' 'Database references'       
6 4 'Structure model' Other                       
# 
loop_
_pdbx_audit_revision_category.ordinal 
_pdbx_audit_revision_category.revision_ordinal 
_pdbx_audit_revision_category.data_content_type 
_pdbx_audit_revision_category.category 
1 3 'Structure model' diffrn_source        
2 4 'Structure model' chem_comp_atom       
3 4 'Structure model' chem_comp_bond       
4 4 'Structure model' database_2           
5 4 'Structure model' pdbx_database_status 
# 
loop_
_pdbx_audit_revision_item.ordinal 
_pdbx_audit_revision_item.revision_ordinal 
_pdbx_audit_revision_item.data_content_type 
_pdbx_audit_revision_item.item 
1 3 'Structure model' '_diffrn_source.pdbx_synchrotron_site' 
2 4 'Structure model' '_database_2.pdbx_DOI'                 
3 4 'Structure model' '_database_2.pdbx_database_accession'  
4 4 'Structure model' '_pdbx_database_status.status_code_sf' 
# 
_pdbx_database_status.status_code                     REL 
_pdbx_database_status.entry_id                        2JKF 
_pdbx_database_status.deposit_site                    PDBE 
_pdbx_database_status.process_site                    PDBE 
_pdbx_database_status.SG_entry                        . 
_pdbx_database_status.recvd_initial_deposition_date   2008-08-28 
_pdbx_database_status.pdb_format_compatible           Y 
_pdbx_database_status.status_code_sf                  REL 
_pdbx_database_status.status_code_mr                  ? 
_pdbx_database_status.status_code_cs                  ? 
_pdbx_database_status.methods_development_category    ? 
_pdbx_database_status.status_code_nmr_data            ? 
# 
_pdbx_database_related.db_name        PDB 
_pdbx_database_related.db_id          2JKG 
_pdbx_database_related.content_type   unspecified 
_pdbx_database_related.details        'PLASMODIUM FALCIPARUM PROFILIN' 
# 
loop_
_audit_author.name 
_audit_author.pdbx_ordinal 
'Kursula, I.'      1 
'Kursula, P.'      2 
'Ganter, M.'       3 
'Panjikar, S.'     4 
'Matuschewski, K.' 5 
'Schueler, H.'     6 
# 
_citation.id                        primary 
_citation.title                     
'Structural Basis for Parasite-Specific Functions of the Divergent Profilin of Plasmodium Falciparum' 
_citation.journal_abbrev            Structure 
_citation.journal_volume            16 
_citation.page_first                1638 
_citation.page_last                 ? 
_citation.year                      2008 
_citation.journal_id_ASTM           STRUE6 
_citation.country                   UK 
_citation.journal_id_ISSN           0969-2126 
_citation.journal_id_CSD            2005 
_citation.book_publisher            ? 
_citation.pdbx_database_id_PubMed   19000816 
_citation.pdbx_database_id_DOI      10.1016/J.STR.2008.09.008 
# 
loop_
_citation_author.citation_id 
_citation_author.name 
_citation_author.ordinal 
_citation_author.identifier_ORCID 
primary 'Kursula, I.'      1 ? 
primary 'Kursula, P.'      2 ? 
primary 'Ganter, M.'       3 ? 
primary 'Panjikar, S.'     4 ? 
primary 'Matuschewski, K.' 5 ? 
primary 'Schueler, H.'     6 ? 
# 
loop_
_entity.id 
_entity.type 
_entity.src_method 
_entity.pdbx_description 
_entity.formula_weight 
_entity.pdbx_number_of_molecules 
_entity.pdbx_ec 
_entity.pdbx_mutation 
_entity.pdbx_fragment 
_entity.details 
1 polymer man PROFILIN 20102.010 1  ? ? ? ? 
2 water   nat water    18.015    83 ? ? ? ? 
# 
_entity_name_com.entity_id   1 
_entity_name_com.name        'CONSERVED PROTEIN' 
# 
_entity_poly.entity_id                      1 
_entity_poly.type                           'polypeptide(L)' 
_entity_poly.nstd_linkage                   no 
_entity_poly.nstd_monomer                   no 
_entity_poly.pdbx_seq_one_letter_code       
;MAEEYSWDSYLNDRLLATNQVSGAGLASEEDGVVYACVAQGEESDPNFDKWSLFYKEDYDIEVEDENGTKTTKTINEGQT
ILVVFNEGYAPDGVWLGGTKYQFINIERDLEFEGYNFDVATCAKLKGGLHLVKVPGGNILVVLYDEEKEQDRGNSKIAAL
TFAKELAESSQLQHHHHHH
;
_entity_poly.pdbx_seq_one_letter_code_can   
;MAEEYSWDSYLNDRLLATNQVSGAGLASEEDGVVYACVAQGEESDPNFDKWSLFYKEDYDIEVEDENGTKTTKTINEGQT
ILVVFNEGYAPDGVWLGGTKYQFINIERDLEFEGYNFDVATCAKLKGGLHLVKVPGGNILVVLYDEEKEQDRGNSKIAAL
TFAKELAESSQLQHHHHHH
;
_entity_poly.pdbx_strand_id                 A 
_entity_poly.pdbx_target_identifier         ? 
# 
_pdbx_entity_nonpoly.entity_id   2 
_pdbx_entity_nonpoly.name        water 
_pdbx_entity_nonpoly.comp_id     HOH 
# 
loop_
_entity_poly_seq.entity_id 
_entity_poly_seq.num 
_entity_poly_seq.mon_id 
_entity_poly_seq.hetero 
1 1   MET n 
1 2   ALA n 
1 3   GLU n 
1 4   GLU n 
1 5   TYR n 
1 6   SER n 
1 7   TRP n 
1 8   ASP n 
1 9   SER n 
1 10  TYR n 
1 11  LEU n 
1 12  ASN n 
1 13  ASP n 
1 14  ARG n 
1 15  LEU n 
1 16  LEU n 
1 17  ALA n 
1 18  THR n 
1 19  ASN n 
1 20  GLN n 
1 21  VAL n 
1 22  SER n 
1 23  GLY n 
1 24  ALA n 
1 25  GLY n 
1 26  LEU n 
1 27  ALA n 
1 28  SER n 
1 29  GLU n 
1 30  GLU n 
1 31  ASP n 
1 32  GLY n 
1 33  VAL n 
1 34  VAL n 
1 35  TYR n 
1 36  ALA n 
1 37  CYS n 
1 38  VAL n 
1 39  ALA n 
1 40  GLN n 
1 41  GLY n 
1 42  GLU n 
1 43  GLU n 
1 44  SER n 
1 45  ASP n 
1 46  PRO n 
1 47  ASN n 
1 48  PHE n 
1 49  ASP n 
1 50  LYS n 
1 51  TRP n 
1 52  SER n 
1 53  LEU n 
1 54  PHE n 
1 55  TYR n 
1 56  LYS n 
1 57  GLU n 
1 58  ASP n 
1 59  TYR n 
1 60  ASP n 
1 61  ILE n 
1 62  GLU n 
1 63  VAL n 
1 64  GLU n 
1 65  ASP n 
1 66  GLU n 
1 67  ASN n 
1 68  GLY n 
1 69  THR n 
1 70  LYS n 
1 71  THR n 
1 72  THR n 
1 73  LYS n 
1 74  THR n 
1 75  ILE n 
1 76  ASN n 
1 77  GLU n 
1 78  GLY n 
1 79  GLN n 
1 80  THR n 
1 81  ILE n 
1 82  LEU n 
1 83  VAL n 
1 84  VAL n 
1 85  PHE n 
1 86  ASN n 
1 87  GLU n 
1 88  GLY n 
1 89  TYR n 
1 90  ALA n 
1 91  PRO n 
1 92  ASP n 
1 93  GLY n 
1 94  VAL n 
1 95  TRP n 
1 96  LEU n 
1 97  GLY n 
1 98  GLY n 
1 99  THR n 
1 100 LYS n 
1 101 TYR n 
1 102 GLN n 
1 103 PHE n 
1 104 ILE n 
1 105 ASN n 
1 106 ILE n 
1 107 GLU n 
1 108 ARG n 
1 109 ASP n 
1 110 LEU n 
1 111 GLU n 
1 112 PHE n 
1 113 GLU n 
1 114 GLY n 
1 115 TYR n 
1 116 ASN n 
1 117 PHE n 
1 118 ASP n 
1 119 VAL n 
1 120 ALA n 
1 121 THR n 
1 122 CYS n 
1 123 ALA n 
1 124 LYS n 
1 125 LEU n 
1 126 LYS n 
1 127 GLY n 
1 128 GLY n 
1 129 LEU n 
1 130 HIS n 
1 131 LEU n 
1 132 VAL n 
1 133 LYS n 
1 134 VAL n 
1 135 PRO n 
1 136 GLY n 
1 137 GLY n 
1 138 ASN n 
1 139 ILE n 
1 140 LEU n 
1 141 VAL n 
1 142 VAL n 
1 143 LEU n 
1 144 TYR n 
1 145 ASP n 
1 146 GLU n 
1 147 GLU n 
1 148 LYS n 
1 149 GLU n 
1 150 GLN n 
1 151 ASP n 
1 152 ARG n 
1 153 GLY n 
1 154 ASN n 
1 155 SER n 
1 156 LYS n 
1 157 ILE n 
1 158 ALA n 
1 159 ALA n 
1 160 LEU n 
1 161 THR n 
1 162 PHE n 
1 163 ALA n 
1 164 LYS n 
1 165 GLU n 
1 166 LEU n 
1 167 ALA n 
1 168 GLU n 
1 169 SER n 
1 170 SER n 
1 171 GLN n 
1 172 LEU n 
1 173 GLN n 
1 174 HIS n 
1 175 HIS n 
1 176 HIS n 
1 177 HIS n 
1 178 HIS n 
1 179 HIS n 
# 
_entity_src_gen.entity_id                          1 
_entity_src_gen.pdbx_src_id                        1 
_entity_src_gen.pdbx_alt_source_flag               sample 
_entity_src_gen.pdbx_seq_type                      ? 
_entity_src_gen.pdbx_beg_seq_num                   ? 
_entity_src_gen.pdbx_end_seq_num                   ? 
_entity_src_gen.gene_src_common_name               ? 
_entity_src_gen.gene_src_genus                     ? 
_entity_src_gen.pdbx_gene_src_gene                 ? 
_entity_src_gen.gene_src_species                   ? 
_entity_src_gen.gene_src_strain                    ? 
_entity_src_gen.gene_src_tissue                    ? 
_entity_src_gen.gene_src_tissue_fraction           ? 
_entity_src_gen.gene_src_details                   ? 
_entity_src_gen.pdbx_gene_src_fragment             ? 
_entity_src_gen.pdbx_gene_src_scientific_name      'PLASMODIUM FALCIPARUM' 
_entity_src_gen.pdbx_gene_src_ncbi_taxonomy_id     5833 
_entity_src_gen.pdbx_gene_src_variant              ? 
_entity_src_gen.pdbx_gene_src_cell_line            ? 
_entity_src_gen.pdbx_gene_src_atcc                 ? 
_entity_src_gen.pdbx_gene_src_organ                ? 
_entity_src_gen.pdbx_gene_src_organelle            ? 
_entity_src_gen.pdbx_gene_src_cell                 ? 
_entity_src_gen.pdbx_gene_src_cellular_location    ? 
_entity_src_gen.host_org_common_name               ? 
_entity_src_gen.pdbx_host_org_scientific_name      'ESCHERICHIA COLI' 
_entity_src_gen.pdbx_host_org_ncbi_taxonomy_id     469008 
_entity_src_gen.host_org_genus                     ? 
_entity_src_gen.pdbx_host_org_gene                 ? 
_entity_src_gen.pdbx_host_org_organ                ? 
_entity_src_gen.host_org_species                   ? 
_entity_src_gen.pdbx_host_org_tissue               ? 
_entity_src_gen.pdbx_host_org_tissue_fraction      ? 
_entity_src_gen.pdbx_host_org_strain               'BL21(DE3)' 
_entity_src_gen.pdbx_host_org_variant              ? 
_entity_src_gen.pdbx_host_org_cell_line            ? 
_entity_src_gen.pdbx_host_org_atcc                 ? 
_entity_src_gen.pdbx_host_org_culture_collection   ? 
_entity_src_gen.pdbx_host_org_cell                 ? 
_entity_src_gen.pdbx_host_org_organelle            ? 
_entity_src_gen.pdbx_host_org_cellular_location    ? 
_entity_src_gen.pdbx_host_org_vector_type          ? 
_entity_src_gen.pdbx_host_org_vector               ? 
_entity_src_gen.host_org_details                   ? 
_entity_src_gen.expression_system_id               ? 
_entity_src_gen.plasmid_name                       ? 
_entity_src_gen.plasmid_details                    ? 
_entity_src_gen.pdbx_description                   CODONPLUSRIPL 
# 
loop_
_chem_comp.id 
_chem_comp.type 
_chem_comp.mon_nstd_flag 
_chem_comp.name 
_chem_comp.pdbx_synonyms 
_chem_comp.formula 
_chem_comp.formula_weight 
ALA 'L-peptide linking' y ALANINE         ? 'C3 H7 N O2'     89.093  
ARG 'L-peptide linking' y ARGININE        ? 'C6 H15 N4 O2 1' 175.209 
ASN 'L-peptide linking' y ASPARAGINE      ? 'C4 H8 N2 O3'    132.118 
ASP 'L-peptide linking' y 'ASPARTIC ACID' ? 'C4 H7 N O4'     133.103 
CYS 'L-peptide linking' y CYSTEINE        ? 'C3 H7 N O2 S'   121.158 
GLN 'L-peptide linking' y GLUTAMINE       ? 'C5 H10 N2 O3'   146.144 
GLU 'L-peptide linking' y 'GLUTAMIC ACID' ? 'C5 H9 N O4'     147.129 
GLY 'peptide linking'   y GLYCINE         ? 'C2 H5 N O2'     75.067  
HIS 'L-peptide linking' y HISTIDINE       ? 'C6 H10 N3 O2 1' 156.162 
HOH non-polymer         . WATER           ? 'H2 O'           18.015  
ILE 'L-peptide linking' y ISOLEUCINE      ? 'C6 H13 N O2'    131.173 
LEU 'L-peptide linking' y LEUCINE         ? 'C6 H13 N O2'    131.173 
LYS 'L-peptide linking' y LYSINE          ? 'C6 H15 N2 O2 1' 147.195 
MET 'L-peptide linking' y METHIONINE      ? 'C5 H11 N O2 S'  149.211 
PHE 'L-peptide linking' y PHENYLALANINE   ? 'C9 H11 N O2'    165.189 
PRO 'L-peptide linking' y PROLINE         ? 'C5 H9 N O2'     115.130 
SER 'L-peptide linking' y SERINE          ? 'C3 H7 N O3'     105.093 
THR 'L-peptide linking' y THREONINE       ? 'C4 H9 N O3'     119.119 
TRP 'L-peptide linking' y TRYPTOPHAN      ? 'C11 H12 N2 O2'  204.225 
TYR 'L-peptide linking' y TYROSINE        ? 'C9 H11 N O3'    181.189 
VAL 'L-peptide linking' y VALINE          ? 'C5 H11 N O2'    117.146 
# 
loop_
_pdbx_poly_seq_scheme.asym_id 
_pdbx_poly_seq_scheme.entity_id 
_pdbx_poly_seq_scheme.seq_id 
_pdbx_poly_seq_scheme.mon_id 
_pdbx_poly_seq_scheme.ndb_seq_num 
_pdbx_poly_seq_scheme.pdb_seq_num 
_pdbx_poly_seq_scheme.auth_seq_num 
_pdbx_poly_seq_scheme.pdb_mon_id 
_pdbx_poly_seq_scheme.auth_mon_id 
_pdbx_poly_seq_scheme.pdb_strand_id 
_pdbx_poly_seq_scheme.pdb_ins_code 
_pdbx_poly_seq_scheme.hetero 
A 1 1   MET 1   1   ?   ?   ?   A . n 
A 1 2   ALA 2   2   ?   ?   ?   A . n 
A 1 3   GLU 3   3   ?   ?   ?   A . n 
A 1 4   GLU 4   4   ?   ?   ?   A . n 
A 1 5   TYR 5   5   5   TYR TYR A . n 
A 1 6   SER 6   6   6   SER SER A . n 
A 1 7   TRP 7   7   7   TRP TRP A . n 
A 1 8   ASP 8   8   8   ASP ASP A . n 
A 1 9   SER 9   9   9   SER SER A . n 
A 1 10  TYR 10  10  10  TYR TYR A . n 
A 1 11  LEU 11  11  11  LEU LEU A . n 
A 1 12  ASN 12  12  12  ASN ASN A . n 
A 1 13  ASP 13  13  13  ASP ASP A . n 
A 1 14  ARG 14  14  14  ARG ARG A . n 
A 1 15  LEU 15  15  15  LEU LEU A . n 
A 1 16  LEU 16  16  16  LEU LEU A . n 
A 1 17  ALA 17  17  17  ALA ALA A . n 
A 1 18  THR 18  18  18  THR THR A . n 
A 1 19  ASN 19  19  19  ASN ASN A . n 
A 1 20  GLN 20  20  20  GLN GLN A . n 
A 1 21  VAL 21  21  21  VAL VAL A . n 
A 1 22  SER 22  22  22  SER SER A . n 
A 1 23  GLY 23  23  23  GLY GLY A . n 
A 1 24  ALA 24  24  24  ALA ALA A . n 
A 1 25  GLY 25  25  25  GLY GLY A . n 
A 1 26  LEU 26  26  26  LEU LEU A . n 
A 1 27  ALA 27  27  27  ALA ALA A . n 
A 1 28  SER 28  28  28  SER SER A . n 
A 1 29  GLU 29  29  29  GLU GLU A . n 
A 1 30  GLU 30  30  30  GLU GLU A . n 
A 1 31  ASP 31  31  31  ASP ASP A . n 
A 1 32  GLY 32  32  32  GLY GLY A . n 
A 1 33  VAL 33  33  33  VAL VAL A . n 
A 1 34  VAL 34  34  34  VAL VAL A . n 
A 1 35  TYR 35  35  35  TYR TYR A . n 
A 1 36  ALA 36  36  36  ALA ALA A . n 
A 1 37  CYS 37  37  37  CYS CYS A . n 
A 1 38  VAL 38  38  38  VAL VAL A . n 
A 1 39  ALA 39  39  39  ALA ALA A . n 
A 1 40  GLN 40  40  40  GLN GLN A . n 
A 1 41  GLY 41  41  41  GLY GLY A . n 
A 1 42  GLU 42  42  42  GLU GLU A . n 
A 1 43  GLU 43  43  43  GLU GLU A . n 
A 1 44  SER 44  44  44  SER SER A . n 
A 1 45  ASP 45  45  45  ASP ASP A . n 
A 1 46  PRO 46  46  46  PRO PRO A . n 
A 1 47  ASN 47  47  47  ASN ASN A . n 
A 1 48  PHE 48  48  48  PHE PHE A . n 
A 1 49  ASP 49  49  49  ASP ASP A . n 
A 1 50  LYS 50  50  50  LYS LYS A . n 
A 1 51  TRP 51  51  51  TRP TRP A . n 
A 1 52  SER 52  52  52  SER SER A . n 
A 1 53  LEU 53  53  53  LEU LEU A . n 
A 1 54  PHE 54  54  54  PHE PHE A . n 
A 1 55  TYR 55  55  55  TYR TYR A . n 
A 1 56  LYS 56  56  56  LYS LYS A . n 
A 1 57  GLU 57  57  57  GLU GLU A . n 
A 1 58  ASP 58  58  58  ASP ASP A . n 
A 1 59  TYR 59  59  59  TYR TYR A . n 
A 1 60  ASP 60  60  60  ASP ASP A . n 
A 1 61  ILE 61  61  61  ILE ILE A . n 
A 1 62  GLU 62  62  62  GLU GLU A . n 
A 1 63  VAL 63  63  63  VAL VAL A . n 
A 1 64  GLU 64  64  64  GLU GLU A . n 
A 1 65  ASP 65  65  65  ASP ASP A . n 
A 1 66  GLU 66  66  66  GLU GLU A . n 
A 1 67  ASN 67  67  67  ASN ASN A . n 
A 1 68  GLY 68  68  68  GLY GLY A . n 
A 1 69  THR 69  69  69  THR THR A . n 
A 1 70  LYS 70  70  70  LYS LYS A . n 
A 1 71  THR 71  71  71  THR THR A . n 
A 1 72  THR 72  72  72  THR THR A . n 
A 1 73  LYS 73  73  73  LYS LYS A . n 
A 1 74  THR 74  74  74  THR THR A . n 
A 1 75  ILE 75  75  75  ILE ILE A . n 
A 1 76  ASN 76  76  76  ASN ASN A . n 
A 1 77  GLU 77  77  77  GLU GLU A . n 
A 1 78  GLY 78  78  78  GLY GLY A . n 
A 1 79  GLN 79  79  79  GLN GLN A . n 
A 1 80  THR 80  80  80  THR THR A . n 
A 1 81  ILE 81  81  81  ILE ILE A . n 
A 1 82  LEU 82  82  82  LEU LEU A . n 
A 1 83  VAL 83  83  83  VAL VAL A . n 
A 1 84  VAL 84  84  84  VAL VAL A . n 
A 1 85  PHE 85  85  85  PHE PHE A . n 
A 1 86  ASN 86  86  86  ASN ASN A . n 
A 1 87  GLU 87  87  87  GLU GLU A . n 
A 1 88  GLY 88  88  88  GLY GLY A . n 
A 1 89  TYR 89  89  89  TYR TYR A . n 
A 1 90  ALA 90  90  90  ALA ALA A . n 
A 1 91  PRO 91  91  91  PRO PRO A . n 
A 1 92  ASP 92  92  92  ASP ASP A . n 
A 1 93  GLY 93  93  93  GLY GLY A . n 
A 1 94  VAL 94  94  94  VAL VAL A . n 
A 1 95  TRP 95  95  95  TRP TRP A . n 
A 1 96  LEU 96  96  96  LEU LEU A . n 
A 1 97  GLY 97  97  97  GLY GLY A . n 
A 1 98  GLY 98  98  98  GLY GLY A . n 
A 1 99  THR 99  99  99  THR THR A . n 
A 1 100 LYS 100 100 100 LYS LYS A . n 
A 1 101 TYR 101 101 101 TYR TYR A . n 
A 1 102 GLN 102 102 102 GLN GLN A . n 
A 1 103 PHE 103 103 103 PHE PHE A . n 
A 1 104 ILE 104 104 104 ILE ILE A . n 
A 1 105 ASN 105 105 105 ASN ASN A . n 
A 1 106 ILE 106 106 106 ILE ILE A . n 
A 1 107 GLU 107 107 107 GLU GLU A . n 
A 1 108 ARG 108 108 108 ARG ARG A . n 
A 1 109 ASP 109 109 109 ASP ASP A . n 
A 1 110 LEU 110 110 110 LEU LEU A . n 
A 1 111 GLU 111 111 111 GLU GLU A . n 
A 1 112 PHE 112 112 112 PHE PHE A . n 
A 1 113 GLU 113 113 113 GLU GLU A . n 
A 1 114 GLY 114 114 114 GLY GLY A . n 
A 1 115 TYR 115 115 115 TYR TYR A . n 
A 1 116 ASN 116 116 116 ASN ASN A . n 
A 1 117 PHE 117 117 117 PHE PHE A . n 
A 1 118 ASP 118 118 118 ASP ASP A . n 
A 1 119 VAL 119 119 119 VAL VAL A . n 
A 1 120 ALA 120 120 120 ALA ALA A . n 
A 1 121 THR 121 121 121 THR THR A . n 
A 1 122 CYS 122 122 122 CYS CYS A . n 
A 1 123 ALA 123 123 123 ALA ALA A . n 
A 1 124 LYS 124 124 124 LYS LYS A . n 
A 1 125 LEU 125 125 125 LEU LEU A . n 
A 1 126 LYS 126 126 126 LYS LYS A . n 
A 1 127 GLY 127 127 127 GLY GLY A . n 
A 1 128 GLY 128 128 128 GLY GLY A . n 
A 1 129 LEU 129 129 129 LEU LEU A . n 
A 1 130 HIS 130 130 130 HIS HIS A . n 
A 1 131 LEU 131 131 131 LEU LEU A . n 
A 1 132 VAL 132 132 132 VAL VAL A . n 
A 1 133 LYS 133 133 133 LYS LYS A . n 
A 1 134 VAL 134 134 134 VAL VAL A . n 
A 1 135 PRO 135 135 135 PRO PRO A . n 
A 1 136 GLY 136 136 136 GLY GLY A . n 
A 1 137 GLY 137 137 137 GLY GLY A . n 
A 1 138 ASN 138 138 138 ASN ASN A . n 
A 1 139 ILE 139 139 139 ILE ILE A . n 
A 1 140 LEU 140 140 140 LEU LEU A . n 
A 1 141 VAL 141 141 141 VAL VAL A . n 
A 1 142 VAL 142 142 142 VAL VAL A . n 
A 1 143 LEU 143 143 143 LEU LEU A . n 
A 1 144 TYR 144 144 144 TYR TYR A . n 
A 1 145 ASP 145 145 145 ASP ASP A . n 
A 1 146 GLU 146 146 146 GLU GLU A . n 
A 1 147 GLU 147 147 147 GLU GLU A . n 
A 1 148 LYS 148 148 148 LYS LYS A . n 
A 1 149 GLU 149 149 149 GLU GLU A . n 
A 1 150 GLN 150 150 150 GLN GLN A . n 
A 1 151 ASP 151 151 151 ASP ASP A . n 
A 1 152 ARG 152 152 152 ARG ARG A . n 
A 1 153 GLY 153 153 153 GLY GLY A . n 
A 1 154 ASN 154 154 154 ASN ASN A . n 
A 1 155 SER 155 155 155 SER SER A . n 
A 1 156 LYS 156 156 156 LYS LYS A . n 
A 1 157 ILE 157 157 157 ILE ILE A . n 
A 1 158 ALA 158 158 158 ALA ALA A . n 
A 1 159 ALA 159 159 159 ALA ALA A . n 
A 1 160 LEU 160 160 160 LEU LEU A . n 
A 1 161 THR 161 161 161 THR THR A . n 
A 1 162 PHE 162 162 162 PHE PHE A . n 
A 1 163 ALA 163 163 163 ALA ALA A . n 
A 1 164 LYS 164 164 164 LYS LYS A . n 
A 1 165 GLU 165 165 165 GLU GLU A . n 
A 1 166 LEU 166 166 166 LEU LEU A . n 
A 1 167 ALA 167 167 167 ALA ALA A . n 
A 1 168 GLU 168 168 168 GLU GLU A . n 
A 1 169 SER 169 169 169 SER SER A . n 
A 1 170 SER 170 170 170 SER SER A . n 
A 1 171 GLN 171 171 171 GLN GLN A . n 
A 1 172 LEU 172 172 172 LEU LEU A . n 
A 1 173 GLN 173 173 173 GLN GLN A . n 
A 1 174 HIS 174 174 174 HIS HIS A . n 
A 1 175 HIS 175 175 ?   ?   ?   A . n 
A 1 176 HIS 176 176 ?   ?   ?   A . n 
A 1 177 HIS 177 177 ?   ?   ?   A . n 
A 1 178 HIS 178 178 ?   ?   ?   A . n 
A 1 179 HIS 179 179 ?   ?   ?   A . n 
# 
loop_
_pdbx_nonpoly_scheme.asym_id 
_pdbx_nonpoly_scheme.entity_id 
_pdbx_nonpoly_scheme.mon_id 
_pdbx_nonpoly_scheme.ndb_seq_num 
_pdbx_nonpoly_scheme.pdb_seq_num 
_pdbx_nonpoly_scheme.auth_seq_num 
_pdbx_nonpoly_scheme.pdb_mon_id 
_pdbx_nonpoly_scheme.auth_mon_id 
_pdbx_nonpoly_scheme.pdb_strand_id 
_pdbx_nonpoly_scheme.pdb_ins_code 
B 2 HOH 1  2001 2001 HOH HOH A . 
B 2 HOH 2  2002 2002 HOH HOH A . 
B 2 HOH 3  2003 2003 HOH HOH A . 
B 2 HOH 4  2004 2004 HOH HOH A . 
B 2 HOH 5  2005 2005 HOH HOH A . 
B 2 HOH 6  2006 2006 HOH HOH A . 
B 2 HOH 7  2007 2007 HOH HOH A . 
B 2 HOH 8  2008 2008 HOH HOH A . 
B 2 HOH 9  2009 2009 HOH HOH A . 
B 2 HOH 10 2010 2010 HOH HOH A . 
B 2 HOH 11 2011 2011 HOH HOH A . 
B 2 HOH 12 2012 2012 HOH HOH A . 
B 2 HOH 13 2013 2013 HOH HOH A . 
B 2 HOH 14 2014 2014 HOH HOH A . 
B 2 HOH 15 2015 2015 HOH HOH A . 
B 2 HOH 16 2016 2016 HOH HOH A . 
B 2 HOH 17 2017 2017 HOH HOH A . 
B 2 HOH 18 2018 2018 HOH HOH A . 
B 2 HOH 19 2019 2019 HOH HOH A . 
B 2 HOH 20 2020 2020 HOH HOH A . 
B 2 HOH 21 2021 2021 HOH HOH A . 
B 2 HOH 22 2022 2022 HOH HOH A . 
B 2 HOH 23 2023 2023 HOH HOH A . 
B 2 HOH 24 2024 2024 HOH HOH A . 
B 2 HOH 25 2025 2025 HOH HOH A . 
B 2 HOH 26 2026 2026 HOH HOH A . 
B 2 HOH 27 2027 2027 HOH HOH A . 
B 2 HOH 28 2028 2028 HOH HOH A . 
B 2 HOH 29 2029 2029 HOH HOH A . 
B 2 HOH 30 2030 2030 HOH HOH A . 
B 2 HOH 31 2031 2031 HOH HOH A . 
B 2 HOH 32 2032 2032 HOH HOH A . 
B 2 HOH 33 2033 2033 HOH HOH A . 
B 2 HOH 34 2034 2034 HOH HOH A . 
B 2 HOH 35 2035 2035 HOH HOH A . 
B 2 HOH 36 2036 2036 HOH HOH A . 
B 2 HOH 37 2037 2037 HOH HOH A . 
B 2 HOH 38 2038 2038 HOH HOH A . 
B 2 HOH 39 2039 2039 HOH HOH A . 
B 2 HOH 40 2040 2040 HOH HOH A . 
B 2 HOH 41 2041 2041 HOH HOH A . 
B 2 HOH 42 2042 2042 HOH HOH A . 
B 2 HOH 43 2043 2043 HOH HOH A . 
B 2 HOH 44 2044 2044 HOH HOH A . 
B 2 HOH 45 2045 2045 HOH HOH A . 
B 2 HOH 46 2046 2046 HOH HOH A . 
B 2 HOH 47 2047 2047 HOH HOH A . 
B 2 HOH 48 2048 2048 HOH HOH A . 
B 2 HOH 49 2049 2049 HOH HOH A . 
B 2 HOH 50 2050 2050 HOH HOH A . 
B 2 HOH 51 2051 2051 HOH HOH A . 
B 2 HOH 52 2052 2052 HOH HOH A . 
B 2 HOH 53 2053 2053 HOH HOH A . 
B 2 HOH 54 2054 2054 HOH HOH A . 
B 2 HOH 55 2055 2055 HOH HOH A . 
B 2 HOH 56 2056 2056 HOH HOH A . 
B 2 HOH 57 2057 2057 HOH HOH A . 
B 2 HOH 58 2058 2058 HOH HOH A . 
B 2 HOH 59 2059 2059 HOH HOH A . 
B 2 HOH 60 2060 2060 HOH HOH A . 
B 2 HOH 61 2061 2061 HOH HOH A . 
B 2 HOH 62 2062 2062 HOH HOH A . 
B 2 HOH 63 2063 2063 HOH HOH A . 
B 2 HOH 64 2064 2064 HOH HOH A . 
B 2 HOH 65 2065 2065 HOH HOH A . 
B 2 HOH 66 2066 2066 HOH HOH A . 
B 2 HOH 67 2067 2067 HOH HOH A . 
B 2 HOH 68 2068 2068 HOH HOH A . 
B 2 HOH 69 2069 2069 HOH HOH A . 
B 2 HOH 70 2070 2070 HOH HOH A . 
B 2 HOH 71 2071 2071 HOH HOH A . 
B 2 HOH 72 2072 2072 HOH HOH A . 
B 2 HOH 73 2073 2073 HOH HOH A . 
B 2 HOH 74 2074 2074 HOH HOH A . 
B 2 HOH 75 2075 2075 HOH HOH A . 
B 2 HOH 76 2076 2076 HOH HOH A . 
B 2 HOH 77 2077 2077 HOH HOH A . 
B 2 HOH 78 2078 2078 HOH HOH A . 
B 2 HOH 79 2079 2079 HOH HOH A . 
B 2 HOH 80 2080 2080 HOH HOH A . 
B 2 HOH 81 2081 2081 HOH HOH A . 
B 2 HOH 82 2082 2082 HOH HOH A . 
B 2 HOH 83 2083 2083 HOH HOH A . 
# 
loop_
_software.name 
_software.classification 
_software.version 
_software.citation_id 
_software.pdbx_ordinal 
REFMAC refinement       5.4.0077 ? 1 
XDS    'data reduction' .        ? 2 
XSCALE 'data scaling'   .        ? 3 
MOLREP phasing          .        ? 4 
# 
_cell.entry_id           2JKF 
_cell.length_a           45.440 
_cell.length_b           50.330 
_cell.length_c           86.650 
_cell.angle_alpha        90.00 
_cell.angle_beta         90.00 
_cell.angle_gamma        90.00 
_cell.Z_PDB              4 
_cell.pdbx_unique_axis   ? 
# 
_symmetry.entry_id                         2JKF 
_symmetry.space_group_name_H-M             'P 21 21 21' 
_symmetry.pdbx_full_space_group_name_H-M   ? 
_symmetry.cell_setting                     ? 
_symmetry.Int_Tables_number                19 
# 
_exptl.entry_id          2JKF 
_exptl.method            'X-RAY DIFFRACTION' 
_exptl.crystals_number   1 
# 
_exptl_crystal.id                    1 
_exptl_crystal.density_meas          ? 
_exptl_crystal.density_Matthews      2.5 
_exptl_crystal.density_percent_sol   50 
_exptl_crystal.description           NONE 
# 
_exptl_crystal_grow.crystal_id      1 
_exptl_crystal_grow.method          ? 
_exptl_crystal_grow.temp            ? 
_exptl_crystal_grow.temp_details    ? 
_exptl_crystal_grow.pH              6 
_exptl_crystal_grow.pdbx_pH_range   ? 
_exptl_crystal_grow.pdbx_details    '2.2 M AMMONIUM SULFATE, PH 6' 
# 
_diffrn.id                     1 
_diffrn.ambient_temp           100 
_diffrn.ambient_temp_details   ? 
_diffrn.crystal_id             1 
# 
_diffrn_detector.diffrn_id              1 
_diffrn_detector.detector               CCD 
_diffrn_detector.type                   MARRESEARCH 
_diffrn_detector.pdbx_collection_date   ? 
_diffrn_detector.details                'RH-COATED SI MIRRORS' 
# 
_diffrn_radiation.diffrn_id                        1 
_diffrn_radiation.wavelength_id                    1 
_diffrn_radiation.pdbx_monochromatic_or_laue_m_l   M 
_diffrn_radiation.monochromator                    'SI(111) DOUBLE CRYSTAL' 
_diffrn_radiation.pdbx_diffrn_protocol             'SINGLE WAVELENGTH' 
_diffrn_radiation.pdbx_scattering_type             x-ray 
# 
_diffrn_radiation_wavelength.id           1 
_diffrn_radiation_wavelength.wavelength   1.0 
_diffrn_radiation_wavelength.wt           1.0 
# 
_diffrn_source.diffrn_id                   1 
_diffrn_source.source                      SYNCHROTRON 
_diffrn_source.type                        'MAX II BEAMLINE I911-3' 
_diffrn_source.pdbx_synchrotron_site       'MAX II' 
_diffrn_source.pdbx_synchrotron_beamline   I911-3 
_diffrn_source.pdbx_wavelength             1.0 
_diffrn_source.pdbx_wavelength_list        ? 
# 
_reflns.pdbx_diffrn_id               1 
_reflns.pdbx_ordinal                 1 
_reflns.entry_id                     2JKF 
_reflns.observed_criterion_sigma_I   -3.0 
_reflns.observed_criterion_sigma_F   ? 
_reflns.d_resolution_low             20.00 
_reflns.d_resolution_high            2.31 
_reflns.number_obs                   8883 
_reflns.number_all                   ? 
_reflns.percent_possible_obs         96.4 
_reflns.pdbx_Rmerge_I_obs            0.05 
_reflns.pdbx_Rsym_value              ? 
_reflns.pdbx_netI_over_sigmaI        25.00 
_reflns.B_iso_Wilson_estimate        36.00 
_reflns.pdbx_redundancy              6.4 
# 
_reflns_shell.pdbx_diffrn_id         1 
_reflns_shell.pdbx_ordinal           1 
_reflns_shell.d_res_high             2.31 
_reflns_shell.d_res_low              2.37 
_reflns_shell.percent_possible_all   85.0 
_reflns_shell.Rmerge_I_obs           0.20 
_reflns_shell.pdbx_Rsym_value        ? 
_reflns_shell.meanI_over_sigI_obs    6.80 
_reflns_shell.pdbx_redundancy        4.6 
# 
_refine.pdbx_refine_id                           'X-RAY DIFFRACTION' 
_refine.entry_id                                 2JKF 
_refine.pdbx_diffrn_id                           1 
_refine.pdbx_TLS_residual_ADP_flag               'LIKELY RESIDUAL' 
_refine.ls_number_reflns_obs                     8436 
_refine.ls_number_reflns_all                     ? 
_refine.pdbx_ls_sigma_I                          ? 
_refine.pdbx_ls_sigma_F                          ? 
_refine.pdbx_data_cutoff_high_absF               ? 
_refine.pdbx_data_cutoff_low_absF                ? 
_refine.pdbx_data_cutoff_high_rms_absF           ? 
_refine.ls_d_res_low                             20.00 
_refine.ls_d_res_high                            2.31 
_refine.ls_percent_reflns_obs                    96.6 
_refine.ls_R_factor_obs                          0.204 
_refine.ls_R_factor_all                          ? 
_refine.ls_R_factor_R_work                       0.200 
_refine.ls_R_factor_R_free                       0.269 
_refine.ls_R_factor_R_free_error                 ? 
_refine.ls_R_factor_R_free_error_details         ? 
_refine.ls_percent_reflns_R_free                 5.000 
_refine.ls_number_reflns_R_free                  446 
_refine.ls_number_parameters                     ? 
_refine.ls_number_restraints                     ? 
_refine.occupancy_min                            ? 
_refine.occupancy_max                            ? 
_refine.correlation_coeff_Fo_to_Fc               0.933 
_refine.correlation_coeff_Fo_to_Fc_free          0.897 
_refine.B_iso_mean                               26.45 
_refine.aniso_B[1][1]                            -0.72000 
_refine.aniso_B[2][2]                            -0.27000 
_refine.aniso_B[3][3]                            0.99000 
_refine.aniso_B[1][2]                            0.00000 
_refine.aniso_B[1][3]                            0.00000 
_refine.aniso_B[2][3]                            0.00000 
_refine.solvent_model_details                    'BABINET MODEL WITH MASK' 
_refine.solvent_model_param_ksol                 ? 
_refine.solvent_model_param_bsol                 ? 
_refine.pdbx_solvent_vdw_probe_radii             1.20 
_refine.pdbx_solvent_ion_probe_radii             0.80 
_refine.pdbx_solvent_shrinkage_radii             0.80 
_refine.pdbx_ls_cross_valid_method               THROUGHOUT 
_refine.details                                  'HYDROGENS HAVE BEEN ADDED IN THE RIDING POSITIONS. U VALUES RESIDUAL ONLY' 
_refine.pdbx_starting_model                      ? 
_refine.pdbx_method_to_determine_struct          'MOLECULAR REPLACEMENT' 
_refine.pdbx_isotropic_thermal_model             ? 
_refine.pdbx_stereochemistry_target_values       'MAXIMUM LIKELIHOOD' 
_refine.pdbx_stereochem_target_val_spec_case     ? 
_refine.pdbx_R_Free_selection_details            RANDOM 
_refine.pdbx_overall_ESU_R                       0.341 
_refine.pdbx_overall_ESU_R_Free                  0.262 
_refine.overall_SU_ML                            0.190 
_refine.pdbx_overall_phase_error                 ? 
_refine.overall_SU_B                             17.058 
_refine.overall_SU_R_Cruickshank_DPI             ? 
_refine.pdbx_overall_SU_R_free_Cruickshank_DPI   ? 
_refine.pdbx_overall_SU_R_Blow_DPI               ? 
_refine.pdbx_overall_SU_R_free_Blow_DPI          ? 
# 
_refine_hist.pdbx_refine_id                   'X-RAY DIFFRACTION' 
_refine_hist.cycle_id                         LAST 
_refine_hist.pdbx_number_atoms_protein        1337 
_refine_hist.pdbx_number_atoms_nucleic_acid   0 
_refine_hist.pdbx_number_atoms_ligand         0 
_refine_hist.number_atoms_solvent             83 
_refine_hist.number_atoms_total               1420 
_refine_hist.d_res_high                       2.31 
_refine_hist.d_res_low                        20.00 
# 
loop_
_refine_ls_restr.type 
_refine_ls_restr.dev_ideal 
_refine_ls_restr.dev_ideal_target 
_refine_ls_restr.weight 
_refine_ls_restr.number 
_refine_ls_restr.pdbx_refine_id 
_refine_ls_restr.pdbx_restraint_function 
r_bond_refined_d             0.012  0.022  ? 1363 'X-RAY DIFFRACTION' ? 
r_bond_other_d               0.001  0.020  ? 885  'X-RAY DIFFRACTION' ? 
r_angle_refined_deg          1.392  1.948  ? 1847 'X-RAY DIFFRACTION' ? 
r_angle_other_deg            1.027  3.000  ? 2169 'X-RAY DIFFRACTION' ? 
r_dihedral_angle_1_deg       11.310 5.000  ? 169  'X-RAY DIFFRACTION' ? 
r_dihedral_angle_2_deg       30.219 26.250 ? 72   'X-RAY DIFFRACTION' ? 
r_dihedral_angle_3_deg       16.787 15.000 ? 226  'X-RAY DIFFRACTION' ? 
r_dihedral_angle_4_deg       8.726  15.000 ? 3    'X-RAY DIFFRACTION' ? 
r_chiral_restr               0.078  0.200  ? 199  'X-RAY DIFFRACTION' ? 
r_gen_planes_refined         0.006  0.020  ? 1556 'X-RAY DIFFRACTION' ? 
r_gen_planes_other           0.002  0.020  ? 268  'X-RAY DIFFRACTION' ? 
r_nbd_refined                ?      ?      ? ?    'X-RAY DIFFRACTION' ? 
r_nbd_other                  ?      ?      ? ?    'X-RAY DIFFRACTION' ? 
r_nbtor_refined              ?      ?      ? ?    'X-RAY DIFFRACTION' ? 
r_nbtor_other                ?      ?      ? ?    'X-RAY DIFFRACTION' ? 
r_xyhbond_nbd_refined        ?      ?      ? ?    'X-RAY DIFFRACTION' ? 
r_xyhbond_nbd_other          ?      ?      ? ?    'X-RAY DIFFRACTION' ? 
r_metal_ion_refined          ?      ?      ? ?    'X-RAY DIFFRACTION' ? 
r_metal_ion_other            ?      ?      ? ?    'X-RAY DIFFRACTION' ? 
r_symmetry_vdw_refined       ?      ?      ? ?    'X-RAY DIFFRACTION' ? 
r_symmetry_vdw_other         ?      ?      ? ?    'X-RAY DIFFRACTION' ? 
r_symmetry_hbond_refined     ?      ?      ? ?    'X-RAY DIFFRACTION' ? 
r_symmetry_hbond_other       ?      ?      ? ?    'X-RAY DIFFRACTION' ? 
r_symmetry_metal_ion_refined ?      ?      ? ?    'X-RAY DIFFRACTION' ? 
r_symmetry_metal_ion_other   ?      ?      ? ?    'X-RAY DIFFRACTION' ? 
r_mcbond_it                  0.804  2.000  ? 836  'X-RAY DIFFRACTION' ? 
r_mcbond_other               ?      ?      ? ?    'X-RAY DIFFRACTION' ? 
r_mcangle_it                 1.453  3.000  ? 1335 'X-RAY DIFFRACTION' ? 
r_mcangle_other              ?      ?      ? ?    'X-RAY DIFFRACTION' ? 
r_scbond_it                  2.107  4.000  ? 527  'X-RAY DIFFRACTION' ? 
r_scbond_other               ?      ?      ? ?    'X-RAY DIFFRACTION' ? 
r_scangle_it                 3.209  5.000  ? 512  'X-RAY DIFFRACTION' ? 
r_scangle_other              ?      ?      ? ?    'X-RAY DIFFRACTION' ? 
r_long_range_B_refined       ?      ?      ? ?    'X-RAY DIFFRACTION' ? 
r_long_range_B_other         ?      ?      ? ?    'X-RAY DIFFRACTION' ? 
r_rigid_bond_restr           ?      ?      ? ?    'X-RAY DIFFRACTION' ? 
r_sphericity_free            ?      ?      ? ?    'X-RAY DIFFRACTION' ? 
r_sphericity_bonded          ?      ?      ? ?    'X-RAY DIFFRACTION' ? 
# 
_refine_ls_shell.pdbx_refine_id                   'X-RAY DIFFRACTION' 
_refine_ls_shell.pdbx_total_number_of_bins_used   20 
_refine_ls_shell.d_res_high                       2.31 
_refine_ls_shell.d_res_low                        2.37 
_refine_ls_shell.number_reflns_R_work             524 
_refine_ls_shell.R_factor_R_work                  0.1850 
_refine_ls_shell.percent_reflns_obs               ? 
_refine_ls_shell.R_factor_R_free                  0.2380 
_refine_ls_shell.R_factor_R_free_error            ? 
_refine_ls_shell.percent_reflns_R_free            ? 
_refine_ls_shell.number_reflns_R_free             30 
_refine_ls_shell.number_reflns_all                ? 
_refine_ls_shell.R_factor_all                     ? 
# 
_struct.entry_id                  2JKF 
_struct.title                     'Plasmodium falciparum profilin' 
_struct.pdbx_model_details        ? 
_struct.pdbx_CASP_flag            ? 
_struct.pdbx_model_type_details   ? 
# 
_struct_keywords.entry_id        2JKF 
_struct_keywords.pdbx_keywords   'PROTEIN BINDING' 
_struct_keywords.text            
;PROLINE-RICH LIGAND, PLASMODIUM FALCIPARUM, MALARIA, PROFILIN, CYTOSKELETON, ACTIN FILAMENT STRUCTURAL PROTEIN, PROTEIN-BINDING, PROTEIN BINDING
;
# 
loop_
_struct_asym.id 
_struct_asym.pdbx_blank_PDB_chainid_flag 
_struct_asym.pdbx_modified 
_struct_asym.entity_id 
_struct_asym.details 
A N N 1 ? 
B N N 2 ? 
# 
loop_
_struct_ref.id 
_struct_ref.db_name 
_struct_ref.db_code 
_struct_ref.entity_id 
_struct_ref.pdbx_seq_one_letter_code 
_struct_ref.pdbx_align_begin 
_struct_ref.pdbx_db_accession 
_struct_ref.pdbx_db_isoform 
1 UNP Q8I2J4_PLAF7 1 ? ? Q8I2J4 ? 
2 PDB 2JKF         1 ? ? 2JKF   ? 
# 
loop_
_struct_ref_seq.align_id 
_struct_ref_seq.ref_id 
_struct_ref_seq.pdbx_PDB_id_code 
_struct_ref_seq.pdbx_strand_id 
_struct_ref_seq.seq_align_beg 
_struct_ref_seq.pdbx_seq_align_beg_ins_code 
_struct_ref_seq.seq_align_end 
_struct_ref_seq.pdbx_seq_align_end_ins_code 
_struct_ref_seq.pdbx_db_accession 
_struct_ref_seq.db_align_beg 
_struct_ref_seq.pdbx_db_align_beg_ins_code 
_struct_ref_seq.db_align_end 
_struct_ref_seq.pdbx_db_align_end_ins_code 
_struct_ref_seq.pdbx_auth_seq_align_beg 
_struct_ref_seq.pdbx_auth_seq_align_end 
1 1 2JKF A 1   ? 171 ? Q8I2J4 1   ? 171 ? 1   171 
2 2 2JKF A 172 ? 179 ? 2JKF   172 ? 179 ? 172 179 
# 
_pdbx_struct_assembly.id                   1 
_pdbx_struct_assembly.details              author_and_software_defined_assembly 
_pdbx_struct_assembly.method_details       PQS 
_pdbx_struct_assembly.oligomeric_details   monomeric 
_pdbx_struct_assembly.oligomeric_count     1 
# 
_pdbx_struct_assembly_gen.assembly_id       1 
_pdbx_struct_assembly_gen.oper_expression   1 
_pdbx_struct_assembly_gen.asym_id_list      A,B 
# 
_pdbx_struct_oper_list.id                   1 
_pdbx_struct_oper_list.type                 'identity operation' 
_pdbx_struct_oper_list.name                 1_555 
_pdbx_struct_oper_list.symmetry_operation   x,y,z 
_pdbx_struct_oper_list.matrix[1][1]         1.0000000000 
_pdbx_struct_oper_list.matrix[1][2]         0.0000000000 
_pdbx_struct_oper_list.matrix[1][3]         0.0000000000 
_pdbx_struct_oper_list.vector[1]            0.0000000000 
_pdbx_struct_oper_list.matrix[2][1]         0.0000000000 
_pdbx_struct_oper_list.matrix[2][2]         1.0000000000 
_pdbx_struct_oper_list.matrix[2][3]         0.0000000000 
_pdbx_struct_oper_list.vector[2]            0.0000000000 
_pdbx_struct_oper_list.matrix[3][1]         0.0000000000 
_pdbx_struct_oper_list.matrix[3][2]         0.0000000000 
_pdbx_struct_oper_list.matrix[3][3]         1.0000000000 
_pdbx_struct_oper_list.vector[3]            0.0000000000 
# 
_struct_biol.id   1 
# 
loop_
_struct_conf.conf_type_id 
_struct_conf.id 
_struct_conf.pdbx_PDB_helix_id 
_struct_conf.beg_label_comp_id 
_struct_conf.beg_label_asym_id 
_struct_conf.beg_label_seq_id 
_struct_conf.pdbx_beg_PDB_ins_code 
_struct_conf.end_label_comp_id 
_struct_conf.end_label_asym_id 
_struct_conf.end_label_seq_id 
_struct_conf.pdbx_end_PDB_ins_code 
_struct_conf.beg_auth_comp_id 
_struct_conf.beg_auth_asym_id 
_struct_conf.beg_auth_seq_id 
_struct_conf.end_auth_comp_id 
_struct_conf.end_auth_asym_id 
_struct_conf.end_auth_seq_id 
_struct_conf.pdbx_PDB_helix_class 
_struct_conf.details 
_struct_conf.pdbx_PDB_helix_length 
HELX_P HELX_P1 1 SER A 6   ? LEU A 15  ? SER A 6   LEU A 15  1 ? 10 
HELX_P HELX_P2 2 LEU A 16  ? ASN A 19  ? LEU A 16  ASN A 19  5 ? 4  
HELX_P HELX_P3 3 ASP A 49  ? PHE A 54  ? ASP A 49  PHE A 54  5 ? 6  
HELX_P HELX_P4 4 ASN A 76  ? GLU A 87  ? ASN A 76  GLU A 87  1 ? 12 
HELX_P HELX_P5 5 GLU A 147 ? GLU A 149 ? GLU A 147 GLU A 149 5 ? 3  
HELX_P HELX_P6 6 ASP A 151 ? SER A 170 ? ASP A 151 SER A 170 1 ? 20 
# 
_struct_conf_type.id          HELX_P 
_struct_conf_type.criteria    ? 
_struct_conf_type.reference   ? 
# 
loop_
_struct_sheet.id 
_struct_sheet.type 
_struct_sheet.number_strands 
_struct_sheet.details 
AA ? 7 ? 
AB ? 2 ? 
# 
loop_
_struct_sheet_order.sheet_id 
_struct_sheet_order.range_id_1 
_struct_sheet_order.range_id_2 
_struct_sheet_order.offset 
_struct_sheet_order.sense 
AA 1 2 ? anti-parallel 
AA 2 3 ? anti-parallel 
AA 3 4 ? anti-parallel 
AA 4 5 ? anti-parallel 
AA 5 6 ? anti-parallel 
AA 6 7 ? anti-parallel 
AB 1 2 ? anti-parallel 
# 
loop_
_struct_sheet_range.sheet_id 
_struct_sheet_range.id 
_struct_sheet_range.beg_label_comp_id 
_struct_sheet_range.beg_label_asym_id 
_struct_sheet_range.beg_label_seq_id 
_struct_sheet_range.pdbx_beg_PDB_ins_code 
_struct_sheet_range.end_label_comp_id 
_struct_sheet_range.end_label_asym_id 
_struct_sheet_range.end_label_seq_id 
_struct_sheet_range.pdbx_end_PDB_ins_code 
_struct_sheet_range.beg_auth_comp_id 
_struct_sheet_range.beg_auth_asym_id 
_struct_sheet_range.beg_auth_seq_id 
_struct_sheet_range.end_auth_comp_id 
_struct_sheet_range.end_auth_asym_id 
_struct_sheet_range.end_auth_seq_id 
AA 1 VAL A 34  ? ALA A 39  ? VAL A 34  ALA A 39  
AA 2 GLY A 23  ? SER A 28  ? GLY A 23  SER A 28  
AA 3 ASN A 138 ? ASP A 145 ? ASN A 138 ASP A 145 
AA 4 GLY A 127 ? VAL A 134 ? GLY A 127 VAL A 134 
AA 5 TYR A 115 ? LYS A 124 ? TYR A 115 LYS A 124 
AA 6 THR A 99  ? PHE A 112 ? THR A 99  PHE A 112 
AA 7 VAL A 94  ? LEU A 96  ? VAL A 94  LEU A 96  
AB 1 TYR A 59  ? GLU A 64  ? TYR A 59  GLU A 64  
AB 2 LYS A 70  ? ILE A 75  ? LYS A 70  ILE A 75  
# 
loop_
_pdbx_struct_sheet_hbond.sheet_id 
_pdbx_struct_sheet_hbond.range_id_1 
_pdbx_struct_sheet_hbond.range_id_2 
_pdbx_struct_sheet_hbond.range_1_label_atom_id 
_pdbx_struct_sheet_hbond.range_1_label_comp_id 
_pdbx_struct_sheet_hbond.range_1_label_asym_id 
_pdbx_struct_sheet_hbond.range_1_label_seq_id 
_pdbx_struct_sheet_hbond.range_1_PDB_ins_code 
_pdbx_struct_sheet_hbond.range_1_auth_atom_id 
_pdbx_struct_sheet_hbond.range_1_auth_comp_id 
_pdbx_struct_sheet_hbond.range_1_auth_asym_id 
_pdbx_struct_sheet_hbond.range_1_auth_seq_id 
_pdbx_struct_sheet_hbond.range_2_label_atom_id 
_pdbx_struct_sheet_hbond.range_2_label_comp_id 
_pdbx_struct_sheet_hbond.range_2_label_asym_id 
_pdbx_struct_sheet_hbond.range_2_label_seq_id 
_pdbx_struct_sheet_hbond.range_2_PDB_ins_code 
_pdbx_struct_sheet_hbond.range_2_auth_atom_id 
_pdbx_struct_sheet_hbond.range_2_auth_comp_id 
_pdbx_struct_sheet_hbond.range_2_auth_asym_id 
_pdbx_struct_sheet_hbond.range_2_auth_seq_id 
AA 1 2 N VAL A 38  ? N VAL A 38  O ALA A 24  ? O ALA A 24  
AA 2 3 N ALA A 27  ? N ALA A 27  O ILE A 139 ? O ILE A 139 
AA 3 4 N TYR A 144 ? N TYR A 144 O GLY A 128 ? O GLY A 128 
AA 4 5 N LYS A 133 ? N LYS A 133 O ASP A 118 ? O ASP A 118 
AA 5 6 N ALA A 123 ? N ALA A 123 O GLN A 102 ? O GLN A 102 
AA 6 7 N TYR A 101 ? N TYR A 101 O VAL A 94  ? O VAL A 94  
AB 1 2 N VAL A 63  ? N VAL A 63  O THR A 71  ? O THR A 71  
# 
loop_
_pdbx_validate_torsion.id 
_pdbx_validate_torsion.PDB_model_num 
_pdbx_validate_torsion.auth_comp_id 
_pdbx_validate_torsion.auth_asym_id 
_pdbx_validate_torsion.auth_seq_id 
_pdbx_validate_torsion.PDB_ins_code 
_pdbx_validate_torsion.label_alt_id 
_pdbx_validate_torsion.phi 
_pdbx_validate_torsion.psi 
1 1 GLU A 42 ? ? 166.91 -53.36 
2 1 ASP A 45 ? ? 83.02  112.97 
# 
loop_
_pdbx_validate_peptide_omega.id 
_pdbx_validate_peptide_omega.PDB_model_num 
_pdbx_validate_peptide_omega.auth_comp_id_1 
_pdbx_validate_peptide_omega.auth_asym_id_1 
_pdbx_validate_peptide_omega.auth_seq_id_1 
_pdbx_validate_peptide_omega.PDB_ins_code_1 
_pdbx_validate_peptide_omega.label_alt_id_1 
_pdbx_validate_peptide_omega.auth_comp_id_2 
_pdbx_validate_peptide_omega.auth_asym_id_2 
_pdbx_validate_peptide_omega.auth_seq_id_2 
_pdbx_validate_peptide_omega.PDB_ins_code_2 
_pdbx_validate_peptide_omega.label_alt_id_2 
_pdbx_validate_peptide_omega.omega 
1 1 TYR A 5  ? ? SER A 6  ? ? 149.31 
2 1 GLU A 43 ? ? SER A 44 ? ? -77.12 
3 1 SER A 44 ? ? ASP A 45 ? ? -85.13 
# 
loop_
_pdbx_refine_tls.pdbx_refine_id 
_pdbx_refine_tls.id 
_pdbx_refine_tls.details 
_pdbx_refine_tls.method 
_pdbx_refine_tls.origin_x 
_pdbx_refine_tls.origin_y 
_pdbx_refine_tls.origin_z 
_pdbx_refine_tls.T[1][1] 
_pdbx_refine_tls.T[2][2] 
_pdbx_refine_tls.T[3][3] 
_pdbx_refine_tls.T[1][2] 
_pdbx_refine_tls.T[1][3] 
_pdbx_refine_tls.T[2][3] 
_pdbx_refine_tls.L[1][1] 
_pdbx_refine_tls.L[2][2] 
_pdbx_refine_tls.L[3][3] 
_pdbx_refine_tls.L[1][2] 
_pdbx_refine_tls.L[1][3] 
_pdbx_refine_tls.L[2][3] 
_pdbx_refine_tls.S[1][1] 
_pdbx_refine_tls.S[1][2] 
_pdbx_refine_tls.S[1][3] 
_pdbx_refine_tls.S[2][1] 
_pdbx_refine_tls.S[2][2] 
_pdbx_refine_tls.S[2][3] 
_pdbx_refine_tls.S[3][1] 
_pdbx_refine_tls.S[3][2] 
_pdbx_refine_tls.S[3][3] 
'X-RAY DIFFRACTION' 1  ? refined -10.8346 -5.9567  4.8128  0.1238 0.2043 0.2895 0.0020  0.0002  0.0616  6.1893  7.0954 9.9228  -2.3887  -4.3407  4.5810   0.0019  -0.4531 -0.0071 0.4834  0.0672  0.5113  0.2808  -0.9443 -0.0693 
'X-RAY DIFFRACTION' 2  ? refined -0.8571  1.2150   7.7783  0.1113 0.1014 0.1288 0.0591  0.0205  -0.0406 8.7507  7.5777 5.4595  4.9678   0.5522   -4.4031  0.4124  -0.3910 0.3043  0.7482  -0.2810 0.0230  -0.4249 -0.2847 -0.1315 
'X-RAY DIFFRACTION' 3  ? refined -2.5583  -19.4692 7.7099  0.6551 0.7365 0.4948 -0.0899 -0.0897 0.0336  26.6115 7.1924 16.7759 -13.6075 20.7812  -10.2681 1.2856  0.8454  -0.1344 -1.0227 -0.0008 1.6572  0.7615  -1.9464 -1.2848 
'X-RAY DIFFRACTION' 4  ? refined 9.5904   -5.5638  6.7157  0.1842 0.1143 0.3089 0.0480  -0.0289 0.0026  11.3453 3.1329 4.2381  5.1671   -2.4666  -1.6193  0.0502  -0.6395 -0.2641 0.2198  -0.2488 -0.6404 0.0726  0.5613  0.1986  
'X-RAY DIFFRACTION' 5  ? refined 25.5500  1.5370   -6.6677 0.3155 0.3322 0.4393 0.0097  -0.0450 -0.0028 4.3867  2.2262 14.4687 -0.2710  -7.9021  1.1798   -0.0507 0.4002  -0.5144 -0.3973 0.0657  0.1129  0.3376  -0.8756 -0.0151 
'X-RAY DIFFRACTION' 6  ? refined 8.3120   4.6067   -2.8757 0.0471 0.0737 0.1664 0.0056  -0.0207 -0.0334 2.4648  5.0285 2.5624  0.3171   -0.3762  -2.0533  -0.0367 0.0149  0.1830  0.0794  -0.0031 -0.1678 -0.2715 0.2671  0.0397  
'X-RAY DIFFRACTION' 7  ? refined -8.3740  10.7188  -8.7606 0.1803 0.1406 0.2385 0.0247  -0.0069 -0.0200 15.8069 3.7426 2.4571  5.7219   4.6984   0.3694   -0.3494 0.8716  0.5382  -0.1779 0.2375  0.1347  -0.6352 0.0996  0.1119  
'X-RAY DIFFRACTION' 8  ? refined -4.0959  3.8956   -3.3651 0.0388 0.0133 0.1768 -0.0053 -0.0071 0.0026  4.6072  6.5564 2.1753  -2.4429  -0.4697  0.7864   -0.1067 -0.0833 0.2119  0.1364  -0.0046 0.0510  -0.1697 -0.1435 0.1112  
'X-RAY DIFFRACTION' 9  ? refined -6.5820  -4.6310  -5.5020 0.0268 0.0009 0.1815 -0.0040 -0.0065 0.0086  4.3487  1.1175 6.6521  -1.2098  -0.4935  0.1143   0.0529  0.1509  -0.4635 -0.1597 -0.0242 0.2885  0.3404  0.0467  -0.0287 
'X-RAY DIFFRACTION' 10 ? refined -17.9684 10.2705  6.7779  0.3624 0.4280 0.3969 0.0090  0.0003  -0.0037 8.0702  1.0692 15.4513 -2.2658  -11.0066 2.6539   0.4871  -0.7925 0.3713  0.0261  -0.0229 0.7278  -0.8744 -0.5411 -0.4640  
# 
loop_
_pdbx_refine_tls_group.pdbx_refine_id 
_pdbx_refine_tls_group.id 
_pdbx_refine_tls_group.refine_tls_id 
_pdbx_refine_tls_group.beg_auth_asym_id 
_pdbx_refine_tls_group.beg_auth_seq_id 
_pdbx_refine_tls_group.beg_label_asym_id 
_pdbx_refine_tls_group.beg_label_seq_id 
_pdbx_refine_tls_group.end_auth_asym_id 
_pdbx_refine_tls_group.end_auth_seq_id 
_pdbx_refine_tls_group.end_label_asym_id 
_pdbx_refine_tls_group.end_label_seq_id 
_pdbx_refine_tls_group.selection 
_pdbx_refine_tls_group.selection_details 
'X-RAY DIFFRACTION' 1  1  A 6   ? ? A 23  ? ? ? ? 
'X-RAY DIFFRACTION' 2  2  A 24  ? ? A 40  ? ? ? ? 
'X-RAY DIFFRACTION' 3  3  A 41  ? ? A 47  ? ? ? ? 
'X-RAY DIFFRACTION' 4  4  A 48  ? ? A 62  ? ? ? ? 
'X-RAY DIFFRACTION' 5  5  A 63  ? ? A 74  ? ? ? ? 
'X-RAY DIFFRACTION' 6  6  A 75  ? ? A 106 ? ? ? ? 
'X-RAY DIFFRACTION' 7  7  A 107 ? ? A 112 ? ? ? ? 
'X-RAY DIFFRACTION' 8  8  A 113 ? ? A 139 ? ? ? ? 
'X-RAY DIFFRACTION' 9  9  A 140 ? ? A 164 ? ? ? ? 
'X-RAY DIFFRACTION' 10 10 A 165 ? ? A 174 ? ? ? ? 
# 
loop_
_pdbx_unobs_or_zero_occ_residues.id 
_pdbx_unobs_or_zero_occ_residues.PDB_model_num 
_pdbx_unobs_or_zero_occ_residues.polymer_flag 
_pdbx_unobs_or_zero_occ_residues.occupancy_flag 
_pdbx_unobs_or_zero_occ_residues.auth_asym_id 
_pdbx_unobs_or_zero_occ_residues.auth_comp_id 
_pdbx_unobs_or_zero_occ_residues.auth_seq_id 
_pdbx_unobs_or_zero_occ_residues.PDB_ins_code 
_pdbx_unobs_or_zero_occ_residues.label_asym_id 
_pdbx_unobs_or_zero_occ_residues.label_comp_id 
_pdbx_unobs_or_zero_occ_residues.label_seq_id 
1 1 Y 1 A MET 1   ? A MET 1   
2 1 Y 1 A ALA 2   ? A ALA 2   
3 1 Y 1 A GLU 3   ? A GLU 3   
4 1 Y 1 A GLU 4   ? A GLU 4   
5 1 Y 1 A HIS 175 ? A HIS 175 
6 1 Y 1 A HIS 176 ? A HIS 176 
7 1 Y 1 A HIS 177 ? A HIS 177 
8 1 Y 1 A HIS 178 ? A HIS 178 
9 1 Y 1 A HIS 179 ? A HIS 179 
# 
loop_
_chem_comp_atom.comp_id 
_chem_comp_atom.atom_id 
_chem_comp_atom.type_symbol 
_chem_comp_atom.pdbx_aromatic_flag 
_chem_comp_atom.pdbx_stereo_config 
_chem_comp_atom.pdbx_ordinal 
ALA N    N N N 1   
ALA CA   C N S 2   
ALA C    C N N 3   
ALA O    O N N 4   
ALA CB   C N N 5   
ALA OXT  O N N 6   
ALA H    H N N 7   
ALA H2   H N N 8   
ALA HA   H N N 9   
ALA HB1  H N N 10  
ALA HB2  H N N 11  
ALA HB3  H N N 12  
ALA HXT  H N N 13  
ARG N    N N N 14  
ARG CA   C N S 15  
ARG C    C N N 16  
ARG O    O N N 17  
ARG CB   C N N 18  
ARG CG   C N N 19  
ARG CD   C N N 20  
ARG NE   N N N 21  
ARG CZ   C N N 22  
ARG NH1  N N N 23  
ARG NH2  N N N 24  
ARG OXT  O N N 25  
ARG H    H N N 26  
ARG H2   H N N 27  
ARG HA   H N N 28  
ARG HB2  H N N 29  
ARG HB3  H N N 30  
ARG HG2  H N N 31  
ARG HG3  H N N 32  
ARG HD2  H N N 33  
ARG HD3  H N N 34  
ARG HE   H N N 35  
ARG HH11 H N N 36  
ARG HH12 H N N 37  
ARG HH21 H N N 38  
ARG HH22 H N N 39  
ARG HXT  H N N 40  
ASN N    N N N 41  
ASN CA   C N S 42  
ASN C    C N N 43  
ASN O    O N N 44  
ASN CB   C N N 45  
ASN CG   C N N 46  
ASN OD1  O N N 47  
ASN ND2  N N N 48  
ASN OXT  O N N 49  
ASN H    H N N 50  
ASN H2   H N N 51  
ASN HA   H N N 52  
ASN HB2  H N N 53  
ASN HB3  H N N 54  
ASN HD21 H N N 55  
ASN HD22 H N N 56  
ASN HXT  H N N 57  
ASP N    N N N 58  
ASP CA   C N S 59  
ASP C    C N N 60  
ASP O    O N N 61  
ASP CB   C N N 62  
ASP CG   C N N 63  
ASP OD1  O N N 64  
ASP OD2  O N N 65  
ASP OXT  O N N 66  
ASP H    H N N 67  
ASP H2   H N N 68  
ASP HA   H N N 69  
ASP HB2  H N N 70  
ASP HB3  H N N 71  
ASP HD2  H N N 72  
ASP HXT  H N N 73  
CYS N    N N N 74  
CYS CA   C N R 75  
CYS C    C N N 76  
CYS O    O N N 77  
CYS CB   C N N 78  
CYS SG   S N N 79  
CYS OXT  O N N 80  
CYS H    H N N 81  
CYS H2   H N N 82  
CYS HA   H N N 83  
CYS HB2  H N N 84  
CYS HB3  H N N 85  
CYS HG   H N N 86  
CYS HXT  H N N 87  
GLN N    N N N 88  
GLN CA   C N S 89  
GLN C    C N N 90  
GLN O    O N N 91  
GLN CB   C N N 92  
GLN CG   C N N 93  
GLN CD   C N N 94  
GLN OE1  O N N 95  
GLN NE2  N N N 96  
GLN OXT  O N N 97  
GLN H    H N N 98  
GLN H2   H N N 99  
GLN HA   H N N 100 
GLN HB2  H N N 101 
GLN HB3  H N N 102 
GLN HG2  H N N 103 
GLN HG3  H N N 104 
GLN HE21 H N N 105 
GLN HE22 H N N 106 
GLN HXT  H N N 107 
GLU N    N N N 108 
GLU CA   C N S 109 
GLU C    C N N 110 
GLU O    O N N 111 
GLU CB   C N N 112 
GLU CG   C N N 113 
GLU CD   C N N 114 
GLU OE1  O N N 115 
GLU OE2  O N N 116 
GLU OXT  O N N 117 
GLU H    H N N 118 
GLU H2   H N N 119 
GLU HA   H N N 120 
GLU HB2  H N N 121 
GLU HB3  H N N 122 
GLU HG2  H N N 123 
GLU HG3  H N N 124 
GLU HE2  H N N 125 
GLU HXT  H N N 126 
GLY N    N N N 127 
GLY CA   C N N 128 
GLY C    C N N 129 
GLY O    O N N 130 
GLY OXT  O N N 131 
GLY H    H N N 132 
GLY H2   H N N 133 
GLY HA2  H N N 134 
GLY HA3  H N N 135 
GLY HXT  H N N 136 
HIS N    N N N 137 
HIS CA   C N S 138 
HIS C    C N N 139 
HIS O    O N N 140 
HIS CB   C N N 141 
HIS CG   C Y N 142 
HIS ND1  N Y N 143 
HIS CD2  C Y N 144 
HIS CE1  C Y N 145 
HIS NE2  N Y N 146 
HIS OXT  O N N 147 
HIS H    H N N 148 
HIS H2   H N N 149 
HIS HA   H N N 150 
HIS HB2  H N N 151 
HIS HB3  H N N 152 
HIS HD1  H N N 153 
HIS HD2  H N N 154 
HIS HE1  H N N 155 
HIS HE2  H N N 156 
HIS HXT  H N N 157 
HOH O    O N N 158 
HOH H1   H N N 159 
HOH H2   H N N 160 
ILE N    N N N 161 
ILE CA   C N S 162 
ILE C    C N N 163 
ILE O    O N N 164 
ILE CB   C N S 165 
ILE CG1  C N N 166 
ILE CG2  C N N 167 
ILE CD1  C N N 168 
ILE OXT  O N N 169 
ILE H    H N N 170 
ILE H2   H N N 171 
ILE HA   H N N 172 
ILE HB   H N N 173 
ILE HG12 H N N 174 
ILE HG13 H N N 175 
ILE HG21 H N N 176 
ILE HG22 H N N 177 
ILE HG23 H N N 178 
ILE HD11 H N N 179 
ILE HD12 H N N 180 
ILE HD13 H N N 181 
ILE HXT  H N N 182 
LEU N    N N N 183 
LEU CA   C N S 184 
LEU C    C N N 185 
LEU O    O N N 186 
LEU CB   C N N 187 
LEU CG   C N N 188 
LEU CD1  C N N 189 
LEU CD2  C N N 190 
LEU OXT  O N N 191 
LEU H    H N N 192 
LEU H2   H N N 193 
LEU HA   H N N 194 
LEU HB2  H N N 195 
LEU HB3  H N N 196 
LEU HG   H N N 197 
LEU HD11 H N N 198 
LEU HD12 H N N 199 
LEU HD13 H N N 200 
LEU HD21 H N N 201 
LEU HD22 H N N 202 
LEU HD23 H N N 203 
LEU HXT  H N N 204 
LYS N    N N N 205 
LYS CA   C N S 206 
LYS C    C N N 207 
LYS O    O N N 208 
LYS CB   C N N 209 
LYS CG   C N N 210 
LYS CD   C N N 211 
LYS CE   C N N 212 
LYS NZ   N N N 213 
LYS OXT  O N N 214 
LYS H    H N N 215 
LYS H2   H N N 216 
LYS HA   H N N 217 
LYS HB2  H N N 218 
LYS HB3  H N N 219 
LYS HG2  H N N 220 
LYS HG3  H N N 221 
LYS HD2  H N N 222 
LYS HD3  H N N 223 
LYS HE2  H N N 224 
LYS HE3  H N N 225 
LYS HZ1  H N N 226 
LYS HZ2  H N N 227 
LYS HZ3  H N N 228 
LYS HXT  H N N 229 
MET N    N N N 230 
MET CA   C N S 231 
MET C    C N N 232 
MET O    O N N 233 
MET CB   C N N 234 
MET CG   C N N 235 
MET SD   S N N 236 
MET CE   C N N 237 
MET OXT  O N N 238 
MET H    H N N 239 
MET H2   H N N 240 
MET HA   H N N 241 
MET HB2  H N N 242 
MET HB3  H N N 243 
MET HG2  H N N 244 
MET HG3  H N N 245 
MET HE1  H N N 246 
MET HE2  H N N 247 
MET HE3  H N N 248 
MET HXT  H N N 249 
PHE N    N N N 250 
PHE CA   C N S 251 
PHE C    C N N 252 
PHE O    O N N 253 
PHE CB   C N N 254 
PHE CG   C Y N 255 
PHE CD1  C Y N 256 
PHE CD2  C Y N 257 
PHE CE1  C Y N 258 
PHE CE2  C Y N 259 
PHE CZ   C Y N 260 
PHE OXT  O N N 261 
PHE H    H N N 262 
PHE H2   H N N 263 
PHE HA   H N N 264 
PHE HB2  H N N 265 
PHE HB3  H N N 266 
PHE HD1  H N N 267 
PHE HD2  H N N 268 
PHE HE1  H N N 269 
PHE HE2  H N N 270 
PHE HZ   H N N 271 
PHE HXT  H N N 272 
PRO N    N N N 273 
PRO CA   C N S 274 
PRO C    C N N 275 
PRO O    O N N 276 
PRO CB   C N N 277 
PRO CG   C N N 278 
PRO CD   C N N 279 
PRO OXT  O N N 280 
PRO H    H N N 281 
PRO HA   H N N 282 
PRO HB2  H N N 283 
PRO HB3  H N N 284 
PRO HG2  H N N 285 
PRO HG3  H N N 286 
PRO HD2  H N N 287 
PRO HD3  H N N 288 
PRO HXT  H N N 289 
SER N    N N N 290 
SER CA   C N S 291 
SER C    C N N 292 
SER O    O N N 293 
SER CB   C N N 294 
SER OG   O N N 295 
SER OXT  O N N 296 
SER H    H N N 297 
SER H2   H N N 298 
SER HA   H N N 299 
SER HB2  H N N 300 
SER HB3  H N N 301 
SER HG   H N N 302 
SER HXT  H N N 303 
THR N    N N N 304 
THR CA   C N S 305 
THR C    C N N 306 
THR O    O N N 307 
THR CB   C N R 308 
THR OG1  O N N 309 
THR CG2  C N N 310 
THR OXT  O N N 311 
THR H    H N N 312 
THR H2   H N N 313 
THR HA   H N N 314 
THR HB   H N N 315 
THR HG1  H N N 316 
THR HG21 H N N 317 
THR HG22 H N N 318 
THR HG23 H N N 319 
THR HXT  H N N 320 
TRP N    N N N 321 
TRP CA   C N S 322 
TRP C    C N N 323 
TRP O    O N N 324 
TRP CB   C N N 325 
TRP CG   C Y N 326 
TRP CD1  C Y N 327 
TRP CD2  C Y N 328 
TRP NE1  N Y N 329 
TRP CE2  C Y N 330 
TRP CE3  C Y N 331 
TRP CZ2  C Y N 332 
TRP CZ3  C Y N 333 
TRP CH2  C Y N 334 
TRP OXT  O N N 335 
TRP H    H N N 336 
TRP H2   H N N 337 
TRP HA   H N N 338 
TRP HB2  H N N 339 
TRP HB3  H N N 340 
TRP HD1  H N N 341 
TRP HE1  H N N 342 
TRP HE3  H N N 343 
TRP HZ2  H N N 344 
TRP HZ3  H N N 345 
TRP HH2  H N N 346 
TRP HXT  H N N 347 
TYR N    N N N 348 
TYR CA   C N S 349 
TYR C    C N N 350 
TYR O    O N N 351 
TYR CB   C N N 352 
TYR CG   C Y N 353 
TYR CD1  C Y N 354 
TYR CD2  C Y N 355 
TYR CE1  C Y N 356 
TYR CE2  C Y N 357 
TYR CZ   C Y N 358 
TYR OH   O N N 359 
TYR OXT  O N N 360 
TYR H    H N N 361 
TYR H2   H N N 362 
TYR HA   H N N 363 
TYR HB2  H N N 364 
TYR HB3  H N N 365 
TYR HD1  H N N 366 
TYR HD2  H N N 367 
TYR HE1  H N N 368 
TYR HE2  H N N 369 
TYR HH   H N N 370 
TYR HXT  H N N 371 
VAL N    N N N 372 
VAL CA   C N S 373 
VAL C    C N N 374 
VAL O    O N N 375 
VAL CB   C N N 376 
VAL CG1  C N N 377 
VAL CG2  C N N 378 
VAL OXT  O N N 379 
VAL H    H N N 380 
VAL H2   H N N 381 
VAL HA   H N N 382 
VAL HB   H N N 383 
VAL HG11 H N N 384 
VAL HG12 H N N 385 
VAL HG13 H N N 386 
VAL HG21 H N N 387 
VAL HG22 H N N 388 
VAL HG23 H N N 389 
VAL HXT  H N N 390 
# 
loop_
_chem_comp_bond.comp_id 
_chem_comp_bond.atom_id_1 
_chem_comp_bond.atom_id_2 
_chem_comp_bond.value_order 
_chem_comp_bond.pdbx_aromatic_flag 
_chem_comp_bond.pdbx_stereo_config 
_chem_comp_bond.pdbx_ordinal 
ALA N   CA   sing N N 1   
ALA N   H    sing N N 2   
ALA N   H2   sing N N 3   
ALA CA  C    sing N N 4   
ALA CA  CB   sing N N 5   
ALA CA  HA   sing N N 6   
ALA C   O    doub N N 7   
ALA C   OXT  sing N N 8   
ALA CB  HB1  sing N N 9   
ALA CB  HB2  sing N N 10  
ALA CB  HB3  sing N N 11  
ALA OXT HXT  sing N N 12  
ARG N   CA   sing N N 13  
ARG N   H    sing N N 14  
ARG N   H2   sing N N 15  
ARG CA  C    sing N N 16  
ARG CA  CB   sing N N 17  
ARG CA  HA   sing N N 18  
ARG C   O    doub N N 19  
ARG C   OXT  sing N N 20  
ARG CB  CG   sing N N 21  
ARG CB  HB2  sing N N 22  
ARG CB  HB3  sing N N 23  
ARG CG  CD   sing N N 24  
ARG CG  HG2  sing N N 25  
ARG CG  HG3  sing N N 26  
ARG CD  NE   sing N N 27  
ARG CD  HD2  sing N N 28  
ARG CD  HD3  sing N N 29  
ARG NE  CZ   sing N N 30  
ARG NE  HE   sing N N 31  
ARG CZ  NH1  sing N N 32  
ARG CZ  NH2  doub N N 33  
ARG NH1 HH11 sing N N 34  
ARG NH1 HH12 sing N N 35  
ARG NH2 HH21 sing N N 36  
ARG NH2 HH22 sing N N 37  
ARG OXT HXT  sing N N 38  
ASN N   CA   sing N N 39  
ASN N   H    sing N N 40  
ASN N   H2   sing N N 41  
ASN CA  C    sing N N 42  
ASN CA  CB   sing N N 43  
ASN CA  HA   sing N N 44  
ASN C   O    doub N N 45  
ASN C   OXT  sing N N 46  
ASN CB  CG   sing N N 47  
ASN CB  HB2  sing N N 48  
ASN CB  HB3  sing N N 49  
ASN CG  OD1  doub N N 50  
ASN CG  ND2  sing N N 51  
ASN ND2 HD21 sing N N 52  
ASN ND2 HD22 sing N N 53  
ASN OXT HXT  sing N N 54  
ASP N   CA   sing N N 55  
ASP N   H    sing N N 56  
ASP N   H2   sing N N 57  
ASP CA  C    sing N N 58  
ASP CA  CB   sing N N 59  
ASP CA  HA   sing N N 60  
ASP C   O    doub N N 61  
ASP C   OXT  sing N N 62  
ASP CB  CG   sing N N 63  
ASP CB  HB2  sing N N 64  
ASP CB  HB3  sing N N 65  
ASP CG  OD1  doub N N 66  
ASP CG  OD2  sing N N 67  
ASP OD2 HD2  sing N N 68  
ASP OXT HXT  sing N N 69  
CYS N   CA   sing N N 70  
CYS N   H    sing N N 71  
CYS N   H2   sing N N 72  
CYS CA  C    sing N N 73  
CYS CA  CB   sing N N 74  
CYS CA  HA   sing N N 75  
CYS C   O    doub N N 76  
CYS C   OXT  sing N N 77  
CYS CB  SG   sing N N 78  
CYS CB  HB2  sing N N 79  
CYS CB  HB3  sing N N 80  
CYS SG  HG   sing N N 81  
CYS OXT HXT  sing N N 82  
GLN N   CA   sing N N 83  
GLN N   H    sing N N 84  
GLN N   H2   sing N N 85  
GLN CA  C    sing N N 86  
GLN CA  CB   sing N N 87  
GLN CA  HA   sing N N 88  
GLN C   O    doub N N 89  
GLN C   OXT  sing N N 90  
GLN CB  CG   sing N N 91  
GLN CB  HB2  sing N N 92  
GLN CB  HB3  sing N N 93  
GLN CG  CD   sing N N 94  
GLN CG  HG2  sing N N 95  
GLN CG  HG3  sing N N 96  
GLN CD  OE1  doub N N 97  
GLN CD  NE2  sing N N 98  
GLN NE2 HE21 sing N N 99  
GLN NE2 HE22 sing N N 100 
GLN OXT HXT  sing N N 101 
GLU N   CA   sing N N 102 
GLU N   H    sing N N 103 
GLU N   H2   sing N N 104 
GLU CA  C    sing N N 105 
GLU CA  CB   sing N N 106 
GLU CA  HA   sing N N 107 
GLU C   O    doub N N 108 
GLU C   OXT  sing N N 109 
GLU CB  CG   sing N N 110 
GLU CB  HB2  sing N N 111 
GLU CB  HB3  sing N N 112 
GLU CG  CD   sing N N 113 
GLU CG  HG2  sing N N 114 
GLU CG  HG3  sing N N 115 
GLU CD  OE1  doub N N 116 
GLU CD  OE2  sing N N 117 
GLU OE2 HE2  sing N N 118 
GLU OXT HXT  sing N N 119 
GLY N   CA   sing N N 120 
GLY N   H    sing N N 121 
GLY N   H2   sing N N 122 
GLY CA  C    sing N N 123 
GLY CA  HA2  sing N N 124 
GLY CA  HA3  sing N N 125 
GLY C   O    doub N N 126 
GLY C   OXT  sing N N 127 
GLY OXT HXT  sing N N 128 
HIS N   CA   sing N N 129 
HIS N   H    sing N N 130 
HIS N   H2   sing N N 131 
HIS CA  C    sing N N 132 
HIS CA  CB   sing N N 133 
HIS CA  HA   sing N N 134 
HIS C   O    doub N N 135 
HIS C   OXT  sing N N 136 
HIS CB  CG   sing N N 137 
HIS CB  HB2  sing N N 138 
HIS CB  HB3  sing N N 139 
HIS CG  ND1  sing Y N 140 
HIS CG  CD2  doub Y N 141 
HIS ND1 CE1  doub Y N 142 
HIS ND1 HD1  sing N N 143 
HIS CD2 NE2  sing Y N 144 
HIS CD2 HD2  sing N N 145 
HIS CE1 NE2  sing Y N 146 
HIS CE1 HE1  sing N N 147 
HIS NE2 HE2  sing N N 148 
HIS OXT HXT  sing N N 149 
HOH O   H1   sing N N 150 
HOH O   H2   sing N N 151 
ILE N   CA   sing N N 152 
ILE N   H    sing N N 153 
ILE N   H2   sing N N 154 
ILE CA  C    sing N N 155 
ILE CA  CB   sing N N 156 
ILE CA  HA   sing N N 157 
ILE C   O    doub N N 158 
ILE C   OXT  sing N N 159 
ILE CB  CG1  sing N N 160 
ILE CB  CG2  sing N N 161 
ILE CB  HB   sing N N 162 
ILE CG1 CD1  sing N N 163 
ILE CG1 HG12 sing N N 164 
ILE CG1 HG13 sing N N 165 
ILE CG2 HG21 sing N N 166 
ILE CG2 HG22 sing N N 167 
ILE CG2 HG23 sing N N 168 
ILE CD1 HD11 sing N N 169 
ILE CD1 HD12 sing N N 170 
ILE CD1 HD13 sing N N 171 
ILE OXT HXT  sing N N 172 
LEU N   CA   sing N N 173 
LEU N   H    sing N N 174 
LEU N   H2   sing N N 175 
LEU CA  C    sing N N 176 
LEU CA  CB   sing N N 177 
LEU CA  HA   sing N N 178 
LEU C   O    doub N N 179 
LEU C   OXT  sing N N 180 
LEU CB  CG   sing N N 181 
LEU CB  HB2  sing N N 182 
LEU CB  HB3  sing N N 183 
LEU CG  CD1  sing N N 184 
LEU CG  CD2  sing N N 185 
LEU CG  HG   sing N N 186 
LEU CD1 HD11 sing N N 187 
LEU CD1 HD12 sing N N 188 
LEU CD1 HD13 sing N N 189 
LEU CD2 HD21 sing N N 190 
LEU CD2 HD22 sing N N 191 
LEU CD2 HD23 sing N N 192 
LEU OXT HXT  sing N N 193 
LYS N   CA   sing N N 194 
LYS N   H    sing N N 195 
LYS N   H2   sing N N 196 
LYS CA  C    sing N N 197 
LYS CA  CB   sing N N 198 
LYS CA  HA   sing N N 199 
LYS C   O    doub N N 200 
LYS C   OXT  sing N N 201 
LYS CB  CG   sing N N 202 
LYS CB  HB2  sing N N 203 
LYS CB  HB3  sing N N 204 
LYS CG  CD   sing N N 205 
LYS CG  HG2  sing N N 206 
LYS CG  HG3  sing N N 207 
LYS CD  CE   sing N N 208 
LYS CD  HD2  sing N N 209 
LYS CD  HD3  sing N N 210 
LYS CE  NZ   sing N N 211 
LYS CE  HE2  sing N N 212 
LYS CE  HE3  sing N N 213 
LYS NZ  HZ1  sing N N 214 
LYS NZ  HZ2  sing N N 215 
LYS NZ  HZ3  sing N N 216 
LYS OXT HXT  sing N N 217 
MET N   CA   sing N N 218 
MET N   H    sing N N 219 
MET N   H2   sing N N 220 
MET CA  C    sing N N 221 
MET CA  CB   sing N N 222 
MET CA  HA   sing N N 223 
MET C   O    doub N N 224 
MET C   OXT  sing N N 225 
MET CB  CG   sing N N 226 
MET CB  HB2  sing N N 227 
MET CB  HB3  sing N N 228 
MET CG  SD   sing N N 229 
MET CG  HG2  sing N N 230 
MET CG  HG3  sing N N 231 
MET SD  CE   sing N N 232 
MET CE  HE1  sing N N 233 
MET CE  HE2  sing N N 234 
MET CE  HE3  sing N N 235 
MET OXT HXT  sing N N 236 
PHE N   CA   sing N N 237 
PHE N   H    sing N N 238 
PHE N   H2   sing N N 239 
PHE CA  C    sing N N 240 
PHE CA  CB   sing N N 241 
PHE CA  HA   sing N N 242 
PHE C   O    doub N N 243 
PHE C   OXT  sing N N 244 
PHE CB  CG   sing N N 245 
PHE CB  HB2  sing N N 246 
PHE CB  HB3  sing N N 247 
PHE CG  CD1  doub Y N 248 
PHE CG  CD2  sing Y N 249 
PHE CD1 CE1  sing Y N 250 
PHE CD1 HD1  sing N N 251 
PHE CD2 CE2  doub Y N 252 
PHE CD2 HD2  sing N N 253 
PHE CE1 CZ   doub Y N 254 
PHE CE1 HE1  sing N N 255 
PHE CE2 CZ   sing Y N 256 
PHE CE2 HE2  sing N N 257 
PHE CZ  HZ   sing N N 258 
PHE OXT HXT  sing N N 259 
PRO N   CA   sing N N 260 
PRO N   CD   sing N N 261 
PRO N   H    sing N N 262 
PRO CA  C    sing N N 263 
PRO CA  CB   sing N N 264 
PRO CA  HA   sing N N 265 
PRO C   O    doub N N 266 
PRO C   OXT  sing N N 267 
PRO CB  CG   sing N N 268 
PRO CB  HB2  sing N N 269 
PRO CB  HB3  sing N N 270 
PRO CG  CD   sing N N 271 
PRO CG  HG2  sing N N 272 
PRO CG  HG3  sing N N 273 
PRO CD  HD2  sing N N 274 
PRO CD  HD3  sing N N 275 
PRO OXT HXT  sing N N 276 
SER N   CA   sing N N 277 
SER N   H    sing N N 278 
SER N   H2   sing N N 279 
SER CA  C    sing N N 280 
SER CA  CB   sing N N 281 
SER CA  HA   sing N N 282 
SER C   O    doub N N 283 
SER C   OXT  sing N N 284 
SER CB  OG   sing N N 285 
SER CB  HB2  sing N N 286 
SER CB  HB3  sing N N 287 
SER OG  HG   sing N N 288 
SER OXT HXT  sing N N 289 
THR N   CA   sing N N 290 
THR N   H    sing N N 291 
THR N   H2   sing N N 292 
THR CA  C    sing N N 293 
THR CA  CB   sing N N 294 
THR CA  HA   sing N N 295 
THR C   O    doub N N 296 
THR C   OXT  sing N N 297 
THR CB  OG1  sing N N 298 
THR CB  CG2  sing N N 299 
THR CB  HB   sing N N 300 
THR OG1 HG1  sing N N 301 
THR CG2 HG21 sing N N 302 
THR CG2 HG22 sing N N 303 
THR CG2 HG23 sing N N 304 
THR OXT HXT  sing N N 305 
TRP N   CA   sing N N 306 
TRP N   H    sing N N 307 
TRP N   H2   sing N N 308 
TRP CA  C    sing N N 309 
TRP CA  CB   sing N N 310 
TRP CA  HA   sing N N 311 
TRP C   O    doub N N 312 
TRP C   OXT  sing N N 313 
TRP CB  CG   sing N N 314 
TRP CB  HB2  sing N N 315 
TRP CB  HB3  sing N N 316 
TRP CG  CD1  doub Y N 317 
TRP CG  CD2  sing Y N 318 
TRP CD1 NE1  sing Y N 319 
TRP CD1 HD1  sing N N 320 
TRP CD2 CE2  doub Y N 321 
TRP CD2 CE3  sing Y N 322 
TRP NE1 CE2  sing Y N 323 
TRP NE1 HE1  sing N N 324 
TRP CE2 CZ2  sing Y N 325 
TRP CE3 CZ3  doub Y N 326 
TRP CE3 HE3  sing N N 327 
TRP CZ2 CH2  doub Y N 328 
TRP CZ2 HZ2  sing N N 329 
TRP CZ3 CH2  sing Y N 330 
TRP CZ3 HZ3  sing N N 331 
TRP CH2 HH2  sing N N 332 
TRP OXT HXT  sing N N 333 
TYR N   CA   sing N N 334 
TYR N   H    sing N N 335 
TYR N   H2   sing N N 336 
TYR CA  C    sing N N 337 
TYR CA  CB   sing N N 338 
TYR CA  HA   sing N N 339 
TYR C   O    doub N N 340 
TYR C   OXT  sing N N 341 
TYR CB  CG   sing N N 342 
TYR CB  HB2  sing N N 343 
TYR CB  HB3  sing N N 344 
TYR CG  CD1  doub Y N 345 
TYR CG  CD2  sing Y N 346 
TYR CD1 CE1  sing Y N 347 
TYR CD1 HD1  sing N N 348 
TYR CD2 CE2  doub Y N 349 
TYR CD2 HD2  sing N N 350 
TYR CE1 CZ   doub Y N 351 
TYR CE1 HE1  sing N N 352 
TYR CE2 CZ   sing Y N 353 
TYR CE2 HE2  sing N N 354 
TYR CZ  OH   sing N N 355 
TYR OH  HH   sing N N 356 
TYR OXT HXT  sing N N 357 
VAL N   CA   sing N N 358 
VAL N   H    sing N N 359 
VAL N   H2   sing N N 360 
VAL CA  C    sing N N 361 
VAL CA  CB   sing N N 362 
VAL CA  HA   sing N N 363 
VAL C   O    doub N N 364 
VAL C   OXT  sing N N 365 
VAL CB  CG1  sing N N 366 
VAL CB  CG2  sing N N 367 
VAL CB  HB   sing N N 368 
VAL CG1 HG11 sing N N 369 
VAL CG1 HG12 sing N N 370 
VAL CG1 HG13 sing N N 371 
VAL CG2 HG21 sing N N 372 
VAL CG2 HG22 sing N N 373 
VAL CG2 HG23 sing N N 374 
VAL OXT HXT  sing N N 375 
# 
_atom_sites.entry_id                    2JKF 
_atom_sites.fract_transf_matrix[1][1]   0.02155566 
_atom_sites.fract_transf_matrix[1][2]   0.00401847 
_atom_sites.fract_transf_matrix[1][3]   0.00187439 
_atom_sites.fract_transf_matrix[2][1]   -0.00131216 
_atom_sites.fract_transf_matrix[2][2]   -0.00215415 
_atom_sites.fract_transf_matrix[2][3]   0.01970825 
_atom_sites.fract_transf_matrix[3][1]   0.00219690 
_atom_sites.fract_transf_matrix[3][2]   -0.01127777 
_atom_sites.fract_transf_matrix[3][3]   -0.00108641 
_atom_sites.fract_transf_vector[1]      -0.060757 
_atom_sites.fract_transf_vector[2]      -0.032530 
_atom_sites.fract_transf_vector[3]      0.086311 
# 
loop_
_atom_type.symbol 
C 
N 
O 
S 
# 
loop_
_atom_site.group_PDB 
_atom_site.id 
_atom_site.type_symbol 
_atom_site.label_atom_id 
_atom_site.label_alt_id 
_atom_site.label_comp_id 
_atom_site.label_asym_id 
_atom_site.label_entity_id 
_atom_site.label_seq_id 
_atom_site.pdbx_PDB_ins_code 
_atom_site.Cartn_x 
_atom_site.Cartn_y 
_atom_site.Cartn_z 
_atom_site.occupancy 
_atom_site.B_iso_or_equiv 
_atom_site.pdbx_formal_charge 
_atom_site.auth_seq_id 
_atom_site.auth_comp_id 
_atom_site.auth_asym_id 
_atom_site.auth_atom_id 
_atom_site.pdbx_PDB_model_num 
ATOM   1    N N   . TYR A 1 5   ? -10.610 2.608   16.363  1.00 46.94 ? 5    TYR A N   1 
ATOM   2    C CA  . TYR A 1 5   ? -11.034 1.199   16.098  1.00 47.03 ? 5    TYR A CA  1 
ATOM   3    C C   . TYR A 1 5   ? -9.915  0.200   16.303  1.00 46.80 ? 5    TYR A C   1 
ATOM   4    O O   . TYR A 1 5   ? -8.728  0.554   16.440  1.00 46.86 ? 5    TYR A O   1 
ATOM   5    C CB  . TYR A 1 5   ? -11.505 1.051   14.652  1.00 47.08 ? 5    TYR A CB  1 
ATOM   6    C CG  . TYR A 1 5   ? -12.061 2.317   14.086  1.00 48.87 ? 5    TYR A CG  1 
ATOM   7    C CD1 . TYR A 1 5   ? -13.135 2.297   13.204  1.00 49.80 ? 5    TYR A CD1 1 
ATOM   8    C CD2 . TYR A 1 5   ? -11.529 3.550   14.462  1.00 50.18 ? 5    TYR A CD2 1 
ATOM   9    C CE1 . TYR A 1 5   ? -13.655 3.477   12.695  1.00 50.47 ? 5    TYR A CE1 1 
ATOM   10   C CE2 . TYR A 1 5   ? -12.042 4.735   13.964  1.00 50.31 ? 5    TYR A CE2 1 
ATOM   11   C CZ  . TYR A 1 5   ? -13.103 4.692   13.081  1.00 50.75 ? 5    TYR A CZ  1 
ATOM   12   O OH  . TYR A 1 5   ? -13.614 5.866   12.582  1.00 51.04 ? 5    TYR A OH  1 
ATOM   13   N N   . SER A 1 6   ? -10.336 -1.064  16.335  1.00 45.84 ? 6    SER A N   1 
ATOM   14   C CA  . SER A 1 6   ? -9.499  -2.170  15.873  1.00 44.11 ? 6    SER A CA  1 
ATOM   15   C C   . SER A 1 6   ? -9.802  -2.285  14.397  1.00 42.50 ? 6    SER A C   1 
ATOM   16   O O   . SER A 1 6   ? -10.848 -2.787  13.977  1.00 42.00 ? 6    SER A O   1 
ATOM   17   C CB  . SER A 1 6   ? -9.794  -3.496  16.566  1.00 44.10 ? 6    SER A CB  1 
ATOM   18   O OG  . SER A 1 6   ? -9.289  -4.558  15.770  1.00 44.06 ? 6    SER A OG  1 
ATOM   19   N N   . TRP A 1 7   ? -8.865  -1.783  13.622  1.00 41.18 ? 7    TRP A N   1 
ATOM   20   C CA  . TRP A 1 7   ? -9.040  -1.633  12.200  1.00 40.11 ? 7    TRP A CA  1 
ATOM   21   C C   . TRP A 1 7   ? -9.042  -2.959  11.482  1.00 39.37 ? 7    TRP A C   1 
ATOM   22   O O   . TRP A 1 7   ? -9.522  -3.042  10.355  1.00 39.99 ? 7    TRP A O   1 
ATOM   23   C CB  . TRP A 1 7   ? -7.943  -0.745  11.630  1.00 40.15 ? 7    TRP A CB  1 
ATOM   24   C CG  . TRP A 1 7   ? -8.198  0.673   11.891  1.00 39.89 ? 7    TRP A CG  1 
ATOM   25   C CD1 . TRP A 1 7   ? -7.685  1.433   12.898  1.00 39.88 ? 7    TRP A CD1 1 
ATOM   26   C CD2 . TRP A 1 7   ? -9.046  1.525   11.124  1.00 40.60 ? 7    TRP A CD2 1 
ATOM   27   N NE1 . TRP A 1 7   ? -8.169  2.717   12.807  1.00 41.09 ? 7    TRP A NE1 1 
ATOM   28   C CE2 . TRP A 1 7   ? -9.003  2.799   11.721  1.00 41.60 ? 7    TRP A CE2 1 
ATOM   29   C CE3 . TRP A 1 7   ? -9.834  1.335   9.984   1.00 40.80 ? 7    TRP A CE3 1 
ATOM   30   C CZ2 . TRP A 1 7   ? -9.732  3.878   11.223  1.00 42.73 ? 7    TRP A CZ2 1 
ATOM   31   C CZ3 . TRP A 1 7   ? -10.552 2.406   9.489   1.00 42.09 ? 7    TRP A CZ3 1 
ATOM   32   C CH2 . TRP A 1 7   ? -10.497 3.662   10.106  1.00 42.36 ? 7    TRP A CH2 1 
ATOM   33   N N   . ASP A 1 8   ? -8.515  -3.986  12.140  1.00 38.18 ? 8    ASP A N   1 
ATOM   34   C CA  . ASP A 1 8   ? -8.423  -5.331  11.554  1.00 37.47 ? 8    ASP A CA  1 
ATOM   35   C C   . ASP A 1 8   ? -9.780  -5.859  11.120  1.00 36.35 ? 8    ASP A C   1 
ATOM   36   O O   . ASP A 1 8   ? -9.941  -6.329  10.008  1.00 35.80 ? 8    ASP A O   1 
ATOM   37   C CB  . ASP A 1 8   ? -7.835  -6.328  12.549  1.00 37.70 ? 8    ASP A CB  1 
ATOM   38   C CG  . ASP A 1 8   ? -6.336  -6.181  12.708  1.00 39.06 ? 8    ASP A CG  1 
ATOM   39   O OD1 . ASP A 1 8   ? -5.781  -5.163  12.235  1.00 40.66 ? 8    ASP A OD1 1 
ATOM   40   O OD2 . ASP A 1 8   ? -5.711  -7.086  13.307  1.00 41.72 ? 8    ASP A OD2 1 
ATOM   41   N N   . SER A 1 9   ? -10.730 -5.814  12.043  1.00 35.92 ? 9    SER A N   1 
ATOM   42   C CA  . SER A 1 9   ? -12.127 -6.223  11.790  1.00 35.99 ? 9    SER A CA  1 
ATOM   43   C C   . SER A 1 9   ? -12.625 -5.582  10.521  1.00 35.15 ? 9    SER A C   1 
ATOM   44   O O   . SER A 1 9   ? -13.066 -6.241  9.578   1.00 34.94 ? 9    SER A O   1 
ATOM   45   C CB  . SER A 1 9   ? -13.057 -5.744  12.922  1.00 36.01 ? 9    SER A CB  1 
ATOM   46   O OG  . SER A 1 9   ? -12.390 -5.668  14.173  1.00 36.44 ? 9    SER A OG  1 
ATOM   47   N N   . TYR A 1 10  ? -12.540 -4.263  10.538  1.00 34.69 ? 10   TYR A N   1 
ATOM   48   C CA  . TYR A 1 10  ? -13.044 -3.431  9.463   1.00 34.22 ? 10   TYR A CA  1 
ATOM   49   C C   . TYR A 1 10  ? -12.352 -3.768  8.127   1.00 34.24 ? 10   TYR A C   1 
ATOM   50   O O   . TYR A 1 10  ? -13.018 -3.983  7.115   1.00 34.05 ? 10   TYR A O   1 
ATOM   51   C CB  . TYR A 1 10  ? -12.903 -1.944  9.819   1.00 34.21 ? 10   TYR A CB  1 
ATOM   52   C CG  . TYR A 1 10  ? -13.827 -1.080  9.004   1.00 36.56 ? 10   TYR A CG  1 
ATOM   53   C CD1 . TYR A 1 10  ? -15.198 -1.306  9.007   1.00 38.74 ? 10   TYR A CD1 1 
ATOM   54   C CD2 . TYR A 1 10  ? -13.335 -0.050  8.215   1.00 38.43 ? 10   TYR A CD2 1 
ATOM   55   C CE1 . TYR A 1 10  ? -16.053 -0.524  8.246   1.00 39.59 ? 10   TYR A CE1 1 
ATOM   56   C CE2 . TYR A 1 10  ? -14.179 0.732   7.457   1.00 39.06 ? 10   TYR A CE2 1 
ATOM   57   C CZ  . TYR A 1 10  ? -15.526 0.493   7.472   1.00 39.32 ? 10   TYR A CZ  1 
ATOM   58   O OH  . TYR A 1 10  ? -16.339 1.277   6.698   1.00 41.85 ? 10   TYR A OH  1 
ATOM   59   N N   . LEU A 1 11  ? -11.020 -3.833  8.126   1.00 33.96 ? 11   LEU A N   1 
ATOM   60   C CA  . LEU A 1 11  ? -10.258 -4.105  6.885   1.00 33.77 ? 11   LEU A CA  1 
ATOM   61   C C   . LEU A 1 11  ? -10.638 -5.460  6.305   1.00 33.91 ? 11   LEU A C   1 
ATOM   62   O O   . LEU A 1 11  ? -10.781 -5.614  5.103   1.00 34.41 ? 11   LEU A O   1 
ATOM   63   C CB  . LEU A 1 11  ? -8.743  -4.060  7.127   1.00 32.75 ? 11   LEU A CB  1 
ATOM   64   C CG  . LEU A 1 11  ? -8.155  -2.693  7.466   1.00 33.05 ? 11   LEU A CG  1 
ATOM   65   C CD1 . LEU A 1 11  ? -6.700  -2.790  7.937   1.00 29.54 ? 11   LEU A CD1 1 
ATOM   66   C CD2 . LEU A 1 11  ? -8.287  -1.739  6.271   1.00 32.73 ? 11   LEU A CD2 1 
ATOM   67   N N   . ASN A 1 12  ? -10.825 -6.428  7.186   1.00 34.24 ? 12   ASN A N   1 
ATOM   68   C CA  . ASN A 1 12  ? -11.165 -7.784  6.785   1.00 35.33 ? 12   ASN A CA  1 
ATOM   69   C C   . ASN A 1 12  ? -12.574 -7.854  6.196   1.00 34.49 ? 12   ASN A C   1 
ATOM   70   O O   . ASN A 1 12  ? -12.794 -8.412  5.124   1.00 34.24 ? 12   ASN A O   1 
ATOM   71   C CB  . ASN A 1 12  ? -11.072 -8.714  7.987   1.00 36.76 ? 12   ASN A CB  1 
ATOM   72   C CG  . ASN A 1 12  ? -10.319 -9.981  7.676   1.00 41.11 ? 12   ASN A CG  1 
ATOM   73   O OD1 . ASN A 1 12  ? -10.823 -10.855 6.964   1.00 46.47 ? 12   ASN A OD1 1 
ATOM   74   N ND2 . ASN A 1 12  ? -9.098  -10.096 8.210   1.00 43.32 ? 12   ASN A ND2 1 
ATOM   75   N N   . ASP A 1 13  ? -13.524 -7.274  6.904   1.00 33.36 ? 13   ASP A N   1 
ATOM   76   C CA  . ASP A 1 13  ? -14.912 -7.343  6.473   1.00 34.12 ? 13   ASP A CA  1 
ATOM   77   C C   . ASP A 1 13  ? -15.158 -6.532  5.198   1.00 33.58 ? 13   ASP A C   1 
ATOM   78   O O   . ASP A 1 13  ? -15.801 -7.013  4.274   1.00 32.27 ? 13   ASP A O   1 
ATOM   79   C CB  . ASP A 1 13  ? -15.843 -6.920  7.602   1.00 34.94 ? 13   ASP A CB  1 
ATOM   80   C CG  . ASP A 1 13  ? -15.840 -7.924  8.745   1.00 37.91 ? 13   ASP A CG  1 
ATOM   81   O OD1 . ASP A 1 13  ? -15.358 -9.068  8.537   1.00 39.91 ? 13   ASP A OD1 1 
ATOM   82   O OD2 . ASP A 1 13  ? -16.306 -7.573  9.852   1.00 42.51 ? 13   ASP A OD2 1 
ATOM   83   N N   . ARG A 1 14  ? -14.559 -5.342  5.131   1.00 33.72 ? 14   ARG A N   1 
ATOM   84   C CA  . ARG A 1 14  ? -14.820 -4.377  4.058   1.00 33.68 ? 14   ARG A CA  1 
ATOM   85   C C   . ARG A 1 14  ? -13.922 -4.559  2.831   1.00 33.61 ? 14   ARG A C   1 
ATOM   86   O O   . ARG A 1 14  ? -14.274 -4.150  1.728   1.00 33.78 ? 14   ARG A O   1 
ATOM   87   C CB  . ARG A 1 14  ? -14.645 -2.937  4.571   1.00 33.92 ? 14   ARG A CB  1 
ATOM   88   C CG  . ARG A 1 14  ? -15.208 -2.665  5.963   1.00 33.64 ? 14   ARG A CG  1 
ATOM   89   C CD  . ARG A 1 14  ? -16.664 -2.979  5.985   1.00 33.56 ? 14   ARG A CD  1 
ATOM   90   N NE  . ARG A 1 14  ? -17.197 -2.803  4.643   1.00 32.92 ? 14   ARG A NE  1 
ATOM   91   C CZ  . ARG A 1 14  ? -18.428 -3.123  4.287   1.00 32.01 ? 14   ARG A CZ  1 
ATOM   92   N NH1 . ARG A 1 14  ? -19.259 -3.634  5.180   1.00 32.23 ? 14   ARG A NH1 1 
ATOM   93   N NH2 . ARG A 1 14  ? -18.826 -2.930  3.042   1.00 31.97 ? 14   ARG A NH2 1 
ATOM   94   N N   . LEU A 1 15  ? -12.752 -5.146  3.016   1.00 33.26 ? 15   LEU A N   1 
ATOM   95   C CA  . LEU A 1 15  ? -11.776 -5.178  1.932   1.00 33.26 ? 15   LEU A CA  1 
ATOM   96   C C   . LEU A 1 15  ? -11.269 -6.594  1.624   1.00 32.91 ? 15   LEU A C   1 
ATOM   97   O O   . LEU A 1 15  ? -11.245 -7.006  0.469   1.00 32.79 ? 15   LEU A O   1 
ATOM   98   C CB  . LEU A 1 15  ? -10.613 -4.209  2.259   1.00 34.39 ? 15   LEU A CB  1 
ATOM   99   C CG  . LEU A 1 15  ? -9.689  -3.685  1.142   1.00 34.42 ? 15   LEU A CG  1 
ATOM   100  C CD1 . LEU A 1 15  ? -10.399 -3.461  -0.176  1.00 33.10 ? 15   LEU A CD1 1 
ATOM   101  C CD2 . LEU A 1 15  ? -9.014  -2.401  1.592   1.00 36.03 ? 15   LEU A CD2 1 
ATOM   102  N N   . LEU A 1 16  ? -10.890 -7.347  2.649   1.00 32.00 ? 16   LEU A N   1 
ATOM   103  C CA  . LEU A 1 16  ? -10.260 -8.649  2.423   1.00 31.68 ? 16   LEU A CA  1 
ATOM   104  C C   . LEU A 1 16  ? -11.351 -9.642  2.001   1.00 30.76 ? 16   LEU A C   1 
ATOM   105  O O   . LEU A 1 16  ? -11.097 -10.587 1.243   1.00 29.98 ? 16   LEU A O   1 
ATOM   106  C CB  . LEU A 1 16  ? -9.504  -9.144  3.665   1.00 32.34 ? 16   LEU A CB  1 
ATOM   107  C CG  . LEU A 1 16  ? -8.091  -9.682  3.409   1.00 33.92 ? 16   LEU A CG  1 
ATOM   108  C CD1 . LEU A 1 16  ? -7.202  -8.505  3.050   1.00 38.82 ? 16   LEU A CD1 1 
ATOM   109  C CD2 . LEU A 1 16  ? -7.548  -10.411 4.623   1.00 34.17 ? 16   LEU A CD2 1 
ATOM   110  N N   . ALA A 1 17  ? -12.576 -9.376  2.454   1.00 29.49 ? 17   ALA A N   1 
ATOM   111  C CA  . ALA A 1 17  ? -13.735 -10.235 2.144   1.00 28.53 ? 17   ALA A CA  1 
ATOM   112  C C   . ALA A 1 17  ? -14.076 -10.241 0.651   1.00 27.48 ? 17   ALA A C   1 
ATOM   113  O O   . ALA A 1 17  ? -14.764 -11.125 0.178   1.00 27.35 ? 17   ALA A O   1 
ATOM   114  C CB  . ALA A 1 17  ? -14.982 -9.837  2.992   1.00 28.38 ? 17   ALA A CB  1 
ATOM   115  N N   . THR A 1 18  ? -13.559 -9.267  -0.086  1.00 27.46 ? 18   THR A N   1 
ATOM   116  C CA  . THR A 1 18  ? -13.789 -9.145  -1.541  1.00 26.84 ? 18   THR A CA  1 
ATOM   117  C C   . THR A 1 18  ? -13.100 -10.262 -2.368  1.00 26.57 ? 18   THR A C   1 
ATOM   118  O O   . THR A 1 18  ? -13.489 -10.556 -3.496  1.00 25.83 ? 18   THR A O   1 
ATOM   119  C CB  . THR A 1 18  ? -13.270 -7.756  -2.073  1.00 27.43 ? 18   THR A CB  1 
ATOM   120  O OG1 . THR A 1 18  ? -11.832 -7.643  -1.878  1.00 26.11 ? 18   THR A OG1 1 
ATOM   121  C CG2 . THR A 1 18  ? -13.992 -6.602  -1.370  1.00 25.99 ? 18   THR A CG2 1 
ATOM   122  N N   . ASN A 1 19  ? -12.076 -10.863 -1.784  1.00 27.20 ? 19   ASN A N   1 
ATOM   123  C CA  . ASN A 1 19  ? -11.157 -11.797 -2.482  1.00 27.92 ? 19   ASN A CA  1 
ATOM   124  C C   . ASN A 1 19  ? -10.328 -11.159 -3.579  1.00 27.94 ? 19   ASN A C   1 
ATOM   125  O O   . ASN A 1 19  ? -9.721  -11.862 -4.386  1.00 29.24 ? 19   ASN A O   1 
ATOM   126  C CB  . ASN A 1 19  ? -11.895 -12.985 -3.090  1.00 28.47 ? 19   ASN A CB  1 
ATOM   127  C CG  . ASN A 1 19  ? -12.588 -13.815 -2.069  1.00 29.60 ? 19   ASN A CG  1 
ATOM   128  O OD1 . ASN A 1 19  ? -13.714 -14.281 -2.283  1.00 34.09 ? 19   ASN A OD1 1 
ATOM   129  N ND2 . ASN A 1 19  ? -11.934 -14.015 -0.944  1.00 29.16 ? 19   ASN A ND2 1 
ATOM   130  N N   . GLN A 1 20  ? -10.287 -9.836  -3.614  1.00 27.44 ? 20   GLN A N   1 
ATOM   131  C CA  . GLN A 1 20  ? -9.637  -9.141  -4.717  1.00 27.82 ? 20   GLN A CA  1 
ATOM   132  C C   . GLN A 1 20  ? -8.273  -8.596  -4.312  1.00 27.69 ? 20   GLN A C   1 
ATOM   133  O O   . GLN A 1 20  ? -7.506  -8.123  -5.160  1.00 28.72 ? 20   GLN A O   1 
ATOM   134  C CB  . GLN A 1 20  ? -10.529 -8.006  -5.258  1.00 27.87 ? 20   GLN A CB  1 
ATOM   135  C CG  . GLN A 1 20  ? -11.813 -8.488  -5.933  1.00 27.58 ? 20   GLN A CG  1 
ATOM   136  C CD  . GLN A 1 20  ? -11.555 -9.457  -7.100  1.00 29.12 ? 20   GLN A CD  1 
ATOM   137  O OE1 . GLN A 1 20  ? -10.585 -9.312  -7.851  1.00 29.15 ? 20   GLN A OE1 1 
ATOM   138  N NE2 . GLN A 1 20  ? -12.435 -10.439 -7.257  1.00 25.93 ? 20   GLN A NE2 1 
ATOM   139  N N   . VAL A 1 21  ? -7.982  -8.650  -3.022  1.00 26.72 ? 21   VAL A N   1 
ATOM   140  C CA  . VAL A 1 21  ? -6.678  -8.212  -2.517  1.00 26.80 ? 21   VAL A CA  1 
ATOM   141  C C   . VAL A 1 21  ? -6.070  -9.278  -1.607  1.00 27.01 ? 21   VAL A C   1 
ATOM   142  O O   . VAL A 1 21  ? -6.782  -10.089 -1.010  1.00 26.26 ? 21   VAL A O   1 
ATOM   143  C CB  . VAL A 1 21  ? -6.763  -6.848  -1.754  1.00 28.16 ? 21   VAL A CB  1 
ATOM   144  C CG1 . VAL A 1 21  ? -7.535  -5.791  -2.580  1.00 26.24 ? 21   VAL A CG1 1 
ATOM   145  C CG2 . VAL A 1 21  ? -7.403  -7.039  -0.386  1.00 28.85 ? 21   VAL A CG2 1 
ATOM   146  N N   . SER A 1 22  ? -4.742  -9.285  -1.531  1.00 26.67 ? 22   SER A N   1 
ATOM   147  C CA  . SER A 1 22  ? -4.016  -10.256 -0.711  1.00 27.40 ? 22   SER A CA  1 
ATOM   148  C C   . SER A 1 22  ? -3.709  -9.682  0.671   1.00 28.54 ? 22   SER A C   1 
ATOM   149  O O   . SER A 1 22  ? -3.321  -10.393 1.600   1.00 29.93 ? 22   SER A O   1 
ATOM   150  C CB  . SER A 1 22  ? -2.719  -10.692 -1.415  1.00 27.55 ? 22   SER A CB  1 
ATOM   151  O OG  . SER A 1 22  ? -1.916  -9.570  -1.778  1.00 28.94 ? 22   SER A OG  1 
ATOM   152  N N   . GLY A 1 23  ? -3.870  -8.377  0.788   1.00 29.38 ? 23   GLY A N   1 
ATOM   153  C CA  . GLY A 1 23  ? -3.532  -7.660  2.014   1.00 30.08 ? 23   GLY A CA  1 
ATOM   154  C C   . GLY A 1 23  ? -3.974  -6.221  1.959   1.00 29.99 ? 23   GLY A C   1 
ATOM   155  O O   . GLY A 1 23  ? -4.171  -5.670  0.899   1.00 30.64 ? 23   GLY A O   1 
ATOM   156  N N   . ALA A 1 24  ? -4.132  -5.621  3.125   1.00 30.80 ? 24   ALA A N   1 
ATOM   157  C CA  . ALA A 1 24  ? -4.554  -4.223  3.223   1.00 30.91 ? 24   ALA A CA  1 
ATOM   158  C C   . ALA A 1 24  ? -4.086  -3.673  4.541   1.00 31.16 ? 24   ALA A C   1 
ATOM   159  O O   . ALA A 1 24  ? -4.136  -4.363  5.574   1.00 32.45 ? 24   ALA A O   1 
ATOM   160  C CB  . ALA A 1 24  ? -6.089  -4.073  3.073   1.00 29.13 ? 24   ALA A CB  1 
ATOM   161  N N   . GLY A 1 25  ? -3.589  -2.442  4.496   1.00 30.72 ? 25   GLY A N   1 
ATOM   162  C CA  . GLY A 1 25  ? -3.158  -1.762  5.713   1.00 30.57 ? 25   GLY A CA  1 
ATOM   163  C C   . GLY A 1 25  ? -3.375  -0.274  5.727   1.00 29.61 ? 25   GLY A C   1 
ATOM   164  O O   . GLY A 1 25  ? -3.604  0.358   4.706   1.00 29.93 ? 25   GLY A O   1 
ATOM   165  N N   . LEU A 1 26  ? -3.301  0.275   6.920   1.00 29.99 ? 26   LEU A N   1 
ATOM   166  C CA  . LEU A 1 26  ? -3.328  1.712   7.110   1.00 29.86 ? 26   LEU A CA  1 
ATOM   167  C C   . LEU A 1 26  ? -1.972  2.235   7.601   1.00 29.17 ? 26   LEU A C   1 
ATOM   168  O O   . LEU A 1 26  ? -1.412  1.739   8.569   1.00 29.79 ? 26   LEU A O   1 
ATOM   169  C CB  . LEU A 1 26  ? -4.444  2.101   8.064   1.00 29.05 ? 26   LEU A CB  1 
ATOM   170  C CG  . LEU A 1 26  ? -5.868  1.975   7.497   1.00 31.01 ? 26   LEU A CG  1 
ATOM   171  C CD1 . LEU A 1 26  ? -6.901  2.012   8.625   1.00 27.05 ? 26   LEU A CD1 1 
ATOM   172  C CD2 . LEU A 1 26  ? -6.157  3.046   6.445   1.00 29.93 ? 26   LEU A CD2 1 
ATOM   173  N N   . ALA A 1 27  ? -1.474  3.246   6.907   1.00 28.09 ? 27   ALA A N   1 
ATOM   174  C CA  . ALA A 1 27  ? -0.288  3.980   7.319   1.00 27.66 ? 27   ALA A CA  1 
ATOM   175  C C   . ALA A 1 27  ? -0.641  5.425   7.727   1.00 27.98 ? 27   ALA A C   1 
ATOM   176  O O   . ALA A 1 27  ? -1.610  6.005   7.244   1.00 27.75 ? 27   ALA A O   1 
ATOM   177  C CB  . ALA A 1 27  ? 0.729   3.983   6.186   1.00 26.89 ? 27   ALA A CB  1 
ATOM   178  N N   . SER A 1 28  ? 0.136   5.979   8.648   1.00 28.45 ? 28   SER A N   1 
ATOM   179  C CA  . SER A 1 28  ? 0.064   7.400   8.937   1.00 28.81 ? 28   SER A CA  1 
ATOM   180  C C   . SER A 1 28  ? 0.785   8.172   7.857   1.00 28.58 ? 28   SER A C   1 
ATOM   181  O O   . SER A 1 28  ? 1.815   7.774   7.315   1.00 27.01 ? 28   SER A O   1 
ATOM   182  C CB  . SER A 1 28  ? 0.656   7.767   10.297  1.00 29.28 ? 28   SER A CB  1 
ATOM   183  O OG  . SER A 1 28  ? 0.518   9.162   10.540  1.00 29.86 ? 28   SER A OG  1 
ATOM   184  N N   . GLU A 1 29  ? 0.170   9.288   7.554   1.00 28.52 ? 29   GLU A N   1 
ATOM   185  C CA  . GLU A 1 29  ? 0.670   10.235  6.581   1.00 30.02 ? 29   GLU A CA  1 
ATOM   186  C C   . GLU A 1 29  ? 1.887   10.993  7.128   1.00 29.99 ? 29   GLU A C   1 
ATOM   187  O O   . GLU A 1 29  ? 2.619   11.642  6.388   1.00 31.03 ? 29   GLU A O   1 
ATOM   188  C CB  . GLU A 1 29  ? -0.483  11.183  6.272   1.00 30.77 ? 29   GLU A CB  1 
ATOM   189  C CG  . GLU A 1 29  ? -0.267  12.158  5.208   1.00 34.82 ? 29   GLU A CG  1 
ATOM   190  C CD  . GLU A 1 29  ? -1.540  12.924  4.964   1.00 38.74 ? 29   GLU A CD  1 
ATOM   191  O OE1 . GLU A 1 29  ? -2.586  12.494  5.522   1.00 43.89 ? 29   GLU A OE1 1 
ATOM   192  O OE2 . GLU A 1 29  ? -1.500  13.946  4.247   1.00 40.50 ? 29   GLU A OE2 1 
ATOM   193  N N   . GLU A 1 30  ? 2.116   10.877  8.430   1.00 29.61 ? 30   GLU A N   1 
ATOM   194  C CA  . GLU A 1 30  ? 3.216   11.582  9.073   1.00 30.14 ? 30   GLU A CA  1 
ATOM   195  C C   . GLU A 1 30  ? 4.561   10.896  8.857   1.00 29.82 ? 30   GLU A C   1 
ATOM   196  O O   . GLU A 1 30  ? 5.594   11.555  8.784   1.00 28.76 ? 30   GLU A O   1 
ATOM   197  C CB  . GLU A 1 30  ? 2.980   11.714  10.574  1.00 30.91 ? 30   GLU A CB  1 
ATOM   198  C CG  . GLU A 1 30  ? 2.144   12.924  10.952  1.00 34.37 ? 30   GLU A CG  1 
ATOM   199  C CD  . GLU A 1 30  ? 0.741   12.883  10.360  1.00 38.01 ? 30   GLU A CD  1 
ATOM   200  O OE1 . GLU A 1 30  ? 0.186   11.757  10.202  1.00 41.20 ? 30   GLU A OE1 1 
ATOM   201  O OE2 . GLU A 1 30  ? 0.202   13.978  10.052  1.00 38.41 ? 30   GLU A OE2 1 
ATOM   202  N N   . ASP A 1 31  ? 4.537   9.570   8.790   1.00 28.77 ? 31   ASP A N   1 
ATOM   203  C CA  . ASP A 1 31  ? 5.766   8.780   8.719   1.00 29.10 ? 31   ASP A CA  1 
ATOM   204  C C   . ASP A 1 31  ? 5.681   7.602   7.734   1.00 29.15 ? 31   ASP A C   1 
ATOM   205  O O   . ASP A 1 31  ? 6.702   7.022   7.372   1.00 28.89 ? 31   ASP A O   1 
ATOM   206  C CB  . ASP A 1 31  ? 6.143   8.265   10.109  1.00 29.70 ? 31   ASP A CB  1 
ATOM   207  C CG  . ASP A 1 31  ? 5.067   7.355   10.733  1.00 31.64 ? 31   ASP A CG  1 
ATOM   208  O OD1 . ASP A 1 31  ? 4.188   6.807   10.016  1.00 32.05 ? 31   ASP A OD1 1 
ATOM   209  O OD2 . ASP A 1 31  ? 5.118   7.181   11.968  1.00 34.65 ? 31   ASP A OD2 1 
ATOM   210  N N   . GLY A 1 32  ? 4.459   7.273   7.311   1.00 28.22 ? 32   GLY A N   1 
ATOM   211  C CA  . GLY A 1 32  ? 4.228   6.345   6.208   1.00 28.38 ? 32   GLY A CA  1 
ATOM   212  C C   . GLY A 1 32  ? 4.365   4.909   6.677   1.00 28.21 ? 32   GLY A C   1 
ATOM   213  O O   . GLY A 1 32  ? 4.574   4.006   5.885   1.00 28.64 ? 32   GLY A O   1 
ATOM   214  N N   . VAL A 1 33  ? 4.316   4.740   7.993   1.00 28.46 ? 33   VAL A N   1 
ATOM   215  C CA  . VAL A 1 33  ? 4.483   3.434   8.645   1.00 28.16 ? 33   VAL A CA  1 
ATOM   216  C C   . VAL A 1 33  ? 3.124   2.776   8.919   1.00 29.37 ? 33   VAL A C   1 
ATOM   217  O O   . VAL A 1 33  ? 2.233   3.351   9.564   1.00 27.99 ? 33   VAL A O   1 
ATOM   218  C CB  . VAL A 1 33  ? 5.303   3.541   9.955   1.00 27.77 ? 33   VAL A CB  1 
ATOM   219  C CG1 . VAL A 1 33  ? 5.257   2.229   10.719  1.00 29.32 ? 33   VAL A CG1 1 
ATOM   220  C CG2 . VAL A 1 33  ? 6.763   3.935   9.671   1.00 25.21 ? 33   VAL A CG2 1 
ATOM   221  N N   . VAL A 1 34  ? 2.973   1.571   8.375   1.00 30.09 ? 34   VAL A N   1 
ATOM   222  C CA  . VAL A 1 34  ? 1.730   0.816   8.500   1.00 29.42 ? 34   VAL A CA  1 
ATOM   223  C C   . VAL A 1 34  ? 1.545   0.485   9.958   1.00 29.04 ? 34   VAL A C   1 
ATOM   224  O O   . VAL A 1 34  ? 2.439   -0.072  10.597  1.00 29.79 ? 34   VAL A O   1 
ATOM   225  C CB  . VAL A 1 34  ? 1.749   -0.466  7.593   1.00 30.42 ? 34   VAL A CB  1 
ATOM   226  C CG1 . VAL A 1 34  ? 0.579   -1.401  7.918   1.00 29.69 ? 34   VAL A CG1 1 
ATOM   227  C CG2 . VAL A 1 34  ? 1.738   -0.058  6.111   1.00 27.16 ? 34   VAL A CG2 1 
ATOM   228  N N   . TYR A 1 35  ? 0.388   0.846   10.506  1.00 28.36 ? 35   TYR A N   1 
ATOM   229  C CA  . TYR A 1 35  ? 0.117   0.596   11.930  1.00 28.27 ? 35   TYR A CA  1 
ATOM   230  C C   . TYR A 1 35  ? -1.036  -0.394  12.129  1.00 27.92 ? 35   TYR A C   1 
ATOM   231  O O   . TYR A 1 35  ? -1.280  -0.856  13.226  1.00 29.01 ? 35   TYR A O   1 
ATOM   232  C CB  . TYR A 1 35  ? -0.169  1.905   12.688  1.00 28.70 ? 35   TYR A CB  1 
ATOM   233  C CG  . TYR A 1 35  ? -1.407  2.620   12.188  1.00 31.00 ? 35   TYR A CG  1 
ATOM   234  C CD1 . TYR A 1 35  ? -2.671  2.242   12.621  1.00 31.74 ? 35   TYR A CD1 1 
ATOM   235  C CD2 . TYR A 1 35  ? -1.308  3.651   11.265  1.00 30.51 ? 35   TYR A CD2 1 
ATOM   236  C CE1 . TYR A 1 35  ? -3.796  2.877   12.155  1.00 32.53 ? 35   TYR A CE1 1 
ATOM   237  C CE2 . TYR A 1 35  ? -2.425  4.293   10.800  1.00 31.40 ? 35   TYR A CE2 1 
ATOM   238  C CZ  . TYR A 1 35  ? -3.664  3.894   11.237  1.00 32.28 ? 35   TYR A CZ  1 
ATOM   239  O OH  . TYR A 1 35  ? -4.778  4.520   10.758  1.00 34.40 ? 35   TYR A OH  1 
ATOM   240  N N   . ALA A 1 36  ? -1.755  -0.720  11.076  1.00 28.17 ? 36   ALA A N   1 
ATOM   241  C CA  . ALA A 1 36  ? -2.769  -1.765  11.177  1.00 29.00 ? 36   ALA A CA  1 
ATOM   242  C C   . ALA A 1 36  ? -2.822  -2.477  9.843   1.00 30.17 ? 36   ALA A C   1 
ATOM   243  O O   . ALA A 1 36  ? -2.626  -1.859  8.791   1.00 30.81 ? 36   ALA A O   1 
ATOM   244  C CB  . ALA A 1 36  ? -4.143  -1.199  11.569  1.00 27.81 ? 36   ALA A CB  1 
ATOM   245  N N   . CYS A 1 37  ? -3.032  -3.786  9.880   1.00 29.81 ? 37   CYS A N   1 
ATOM   246  C CA  . CYS A 1 37  ? -3.056  -4.536  8.638   1.00 30.26 ? 37   CYS A CA  1 
ATOM   247  C C   . CYS A 1 37  ? -3.694  -5.911  8.751   1.00 29.68 ? 37   CYS A C   1 
ATOM   248  O O   . CYS A 1 37  ? -3.798  -6.490  9.832   1.00 29.02 ? 37   CYS A O   1 
ATOM   249  C CB  . CYS A 1 37  ? -1.638  -4.676  8.097   1.00 30.26 ? 37   CYS A CB  1 
ATOM   250  S SG  . CYS A 1 37  ? -0.601  -5.833  8.990   1.00 32.82 ? 37   CYS A SG  1 
ATOM   251  N N   . VAL A 1 38  ? -4.113  -6.405  7.597   1.00 28.82 ? 38   VAL A N   1 
ATOM   252  C CA  . VAL A 1 38  ? -4.624  -7.755  7.467   1.00 28.46 ? 38   VAL A CA  1 
ATOM   253  C C   . VAL A 1 38  ? -4.020  -8.375  6.225   1.00 27.63 ? 38   VAL A C   1 
ATOM   254  O O   . VAL A 1 38  ? -3.686  -7.676  5.276   1.00 26.44 ? 38   VAL A O   1 
ATOM   255  C CB  . VAL A 1 38  ? -6.202  -7.792  7.419   1.00 28.84 ? 38   VAL A CB  1 
ATOM   256  C CG1 . VAL A 1 38  ? -6.793  -7.175  8.678   1.00 29.54 ? 38   VAL A CG1 1 
ATOM   257  C CG2 . VAL A 1 38  ? -6.724  -7.068  6.220   1.00 27.32 ? 38   VAL A CG2 1 
ATOM   258  N N   . ALA A 1 39  ? -3.851  -9.693  6.252   1.00 27.88 ? 39   ALA A N   1 
ATOM   259  C CA  . ALA A 1 39  ? -3.366  -10.420 5.075   1.00 28.58 ? 39   ALA A CA  1 
ATOM   260  C C   . ALA A 1 39  ? -4.262  -11.615 4.835   1.00 29.11 ? 39   ALA A C   1 
ATOM   261  O O   . ALA A 1 39  ? -4.735  -12.240 5.786   1.00 28.66 ? 39   ALA A O   1 
ATOM   262  C CB  . ALA A 1 39  ? -1.919  -10.854 5.262   1.00 27.78 ? 39   ALA A CB  1 
ATOM   263  N N   . GLN A 1 40  ? -4.516  -11.938 3.575   1.00 30.51 ? 40   GLN A N   1 
ATOM   264  C CA  . GLN A 1 40  ? -5.422  -13.049 3.313   1.00 32.92 ? 40   GLN A CA  1 
ATOM   265  C C   . GLN A 1 40  ? -4.812  -14.397 3.752   1.00 34.57 ? 40   GLN A C   1 
ATOM   266  O O   . GLN A 1 40  ? -5.548  -15.339 3.966   1.00 35.93 ? 40   GLN A O   1 
ATOM   267  C CB  . GLN A 1 40  ? -5.994  -13.044 1.883   1.00 33.03 ? 40   GLN A CB  1 
ATOM   268  C CG  . GLN A 1 40  ? -5.254  -13.809 0.823   1.00 34.20 ? 40   GLN A CG  1 
ATOM   269  C CD  . GLN A 1 40  ? -5.776  -13.447 -0.570  1.00 33.20 ? 40   GLN A CD  1 
ATOM   270  O OE1 . GLN A 1 40  ? -5.007  -13.324 -1.526  1.00 30.17 ? 40   GLN A OE1 1 
ATOM   271  N NE2 . GLN A 1 40  ? -7.089  -13.244 -0.674  1.00 33.51 ? 40   GLN A NE2 1 
ATOM   272  N N   . GLY A 1 41  ? -3.503  -14.487 3.964   1.00 36.17 ? 41   GLY A N   1 
ATOM   273  C CA  . GLY A 1 41  ? -3.009  -15.627 4.726   1.00 37.63 ? 41   GLY A CA  1 
ATOM   274  C C   . GLY A 1 41  ? -4.134  -16.013 5.675   1.00 39.07 ? 41   GLY A C   1 
ATOM   275  O O   . GLY A 1 41  ? -4.775  -15.149 6.269   1.00 39.31 ? 41   GLY A O   1 
ATOM   276  N N   . GLU A 1 42  ? -4.381  -17.311 5.820   1.00 40.34 ? 42   GLU A N   1 
ATOM   277  C CA  . GLU A 1 42  ? -5.573  -17.813 6.519   1.00 41.09 ? 42   GLU A CA  1 
ATOM   278  C C   . GLU A 1 42  ? -5.769  -19.294 6.263   1.00 41.96 ? 42   GLU A C   1 
ATOM   279  O O   . GLU A 1 42  ? -5.940  -20.085 7.202   1.00 42.14 ? 42   GLU A O   1 
ATOM   280  C CB  . GLU A 1 42  ? -6.854  -17.107 6.067   1.00 40.89 ? 42   GLU A CB  1 
ATOM   281  C CG  . GLU A 1 42  ? -8.081  -17.625 6.775   1.00 40.86 ? 42   GLU A CG  1 
ATOM   282  C CD  . GLU A 1 42  ? -7.967  -17.499 8.283   1.00 41.06 ? 42   GLU A CD  1 
ATOM   283  O OE1 . GLU A 1 42  ? -7.025  -16.823 8.752   1.00 41.03 ? 42   GLU A OE1 1 
ATOM   284  O OE2 . GLU A 1 42  ? -8.812  -18.073 9.002   1.00 40.89 ? 42   GLU A OE2 1 
ATOM   285  N N   . GLU A 1 43  ? -5.792  -19.642 4.977   1.00 42.69 ? 43   GLU A N   1 
ATOM   286  C CA  . GLU A 1 43  ? -5.851  -21.037 4.573   1.00 43.18 ? 43   GLU A CA  1 
ATOM   287  C C   . GLU A 1 43  ? -4.527  -21.619 4.981   1.00 43.83 ? 43   GLU A C   1 
ATOM   288  O O   . GLU A 1 43  ? -4.432  -22.823 5.239   1.00 44.19 ? 43   GLU A O   1 
ATOM   289  C CB  . GLU A 1 43  ? -6.098  -21.248 3.094   1.00 43.32 ? 43   GLU A CB  1 
ATOM   290  C CG  . GLU A 1 43  ? -5.691  -22.660 2.687   1.00 43.10 ? 43   GLU A CG  1 
ATOM   291  C CD  . GLU A 1 43  ? -6.620  -23.267 1.648   1.00 42.52 ? 43   GLU A CD  1 
ATOM   292  O OE1 . GLU A 1 43  ? -6.942  -24.466 1.772   1.00 42.10 ? 43   GLU A OE1 1 
ATOM   293  O OE2 . GLU A 1 43  ? -7.036  -22.551 0.711   1.00 42.66 ? 43   GLU A OE2 1 
ATOM   294  N N   . SER A 1 44  ? -3.481  -20.795 4.886   1.00 43.83 ? 44   SER A N   1 
ATOM   295  C CA  . SER A 1 44  ? -2.833  -20.468 3.611   1.00 43.54 ? 44   SER A CA  1 
ATOM   296  C C   . SER A 1 44  ? -1.342  -20.861 3.687   1.00 43.17 ? 44   SER A C   1 
ATOM   297  O O   . SER A 1 44  ? -0.576  -20.424 2.837   1.00 43.56 ? 44   SER A O   1 
ATOM   298  C CB  . SER A 1 44  ? -3.015  -19.027 3.099   1.00 43.48 ? 44   SER A CB  1 
ATOM   299  O OG  . SER A 1 44  ? -1.797  -18.307 3.156   1.00 43.83 ? 44   SER A OG  1 
ATOM   300  N N   . ASP A 1 45  ? -0.851  -21.478 4.771   1.00 42.38 ? 45   ASP A N   1 
ATOM   301  C CA  . ASP A 1 45  ? -0.380  -20.773 5.991   1.00 41.34 ? 45   ASP A CA  1 
ATOM   302  C C   . ASP A 1 45  ? -1.274  -20.276 7.150   1.00 40.02 ? 45   ASP A C   1 
ATOM   303  O O   . ASP A 1 45  ? -2.078  -19.356 6.992   1.00 41.08 ? 45   ASP A O   1 
ATOM   304  C CB  . ASP A 1 45  ? 0.499   -19.619 5.492   1.00 41.72 ? 45   ASP A CB  1 
ATOM   305  C CG  . ASP A 1 45  ? 1.983   -19.823 5.828   1.00 41.56 ? 45   ASP A CG  1 
ATOM   306  O OD1 . ASP A 1 45  ? 2.295   -20.311 6.944   1.00 40.92 ? 45   ASP A OD1 1 
ATOM   307  O OD2 . ASP A 1 45  ? 2.836   -19.481 4.980   1.00 41.43 ? 45   ASP A OD2 1 
ATOM   308  N N   . PRO A 1 46  ? -1.118  -20.885 8.327   1.00 37.86 ? 46   PRO A N   1 
ATOM   309  C CA  . PRO A 1 46  ? -1.829  -20.398 9.492   1.00 35.91 ? 46   PRO A CA  1 
ATOM   310  C C   . PRO A 1 46  ? -0.849  -19.726 10.437  1.00 33.58 ? 46   PRO A C   1 
ATOM   311  O O   . PRO A 1 46  ? -1.221  -18.963 11.315  1.00 33.63 ? 46   PRO A O   1 
ATOM   312  C CB  . PRO A 1 46  ? -2.384  -21.688 10.111  1.00 36.23 ? 46   PRO A CB  1 
ATOM   313  C CG  . PRO A 1 46  ? -1.444  -22.811 9.611   1.00 36.86 ? 46   PRO A CG  1 
ATOM   314  C CD  . PRO A 1 46  ? -0.520  -22.208 8.575   1.00 37.85 ? 46   PRO A CD  1 
ATOM   315  N N   . ASN A 1 47  ? 0.420   -20.018 10.236  1.00 31.22 ? 47   ASN A N   1 
ATOM   316  C CA  . ASN A 1 47  ? 1.466   -19.383 11.013  1.00 29.41 ? 47   ASN A CA  1 
ATOM   317  C C   . ASN A 1 47  ? 2.046   -18.230 10.211  1.00 29.03 ? 47   ASN A C   1 
ATOM   318  O O   . ASN A 1 47  ? 3.088   -17.683 10.531  1.00 29.02 ? 47   ASN A O   1 
ATOM   319  C CB  . ASN A 1 47  ? 2.544   -20.390 11.358  1.00 28.61 ? 47   ASN A CB  1 
ATOM   320  C CG  . ASN A 1 47  ? 2.017   -21.517 12.184  1.00 28.29 ? 47   ASN A CG  1 
ATOM   321  O OD1 . ASN A 1 47  ? 1.232   -21.302 13.094  1.00 27.58 ? 47   ASN A OD1 1 
ATOM   322  N ND2 . ASN A 1 47  ? 2.430   -22.738 11.866  1.00 28.92 ? 47   ASN A ND2 1 
ATOM   323  N N   . PHE A 1 48  ? 1.348   -17.879 9.143   1.00 28.69 ? 48   PHE A N   1 
ATOM   324  C CA  . PHE A 1 48  ? 1.737   -16.760 8.314   1.00 29.57 ? 48   PHE A CA  1 
ATOM   325  C C   . PHE A 1 48  ? 1.691   -15.437 9.123   1.00 29.42 ? 48   PHE A C   1 
ATOM   326  O O   . PHE A 1 48  ? 0.767   -15.185 9.910   1.00 27.46 ? 48   PHE A O   1 
ATOM   327  C CB  . PHE A 1 48  ? 0.873   -16.692 7.037   1.00 30.04 ? 48   PHE A CB  1 
ATOM   328  C CG  . PHE A 1 48  ? 1.311   -15.625 6.088   1.00 31.45 ? 48   PHE A CG  1 
ATOM   329  C CD1 . PHE A 1 48  ? 2.424   -15.820 5.280   1.00 31.40 ? 48   PHE A CD1 1 
ATOM   330  C CD2 . PHE A 1 48  ? 0.656   -14.390 6.054   1.00 32.47 ? 48   PHE A CD2 1 
ATOM   331  C CE1 . PHE A 1 48  ? 2.863   -14.816 4.437   1.00 32.47 ? 48   PHE A CE1 1 
ATOM   332  C CE2 . PHE A 1 48  ? 1.078   -13.389 5.209   1.00 29.79 ? 48   PHE A CE2 1 
ATOM   333  C CZ  . PHE A 1 48  ? 2.179   -13.589 4.403   1.00 31.04 ? 48   PHE A CZ  1 
ATOM   334  N N   . ASP A 1 49  ? 2.736   -14.634 8.933   1.00 30.29 ? 49   ASP A N   1 
ATOM   335  C CA  . ASP A 1 49  ? 2.918   -13.329 9.615   1.00 31.50 ? 49   ASP A CA  1 
ATOM   336  C C   . ASP A 1 49  ? 2.521   -12.179 8.700   1.00 29.84 ? 49   ASP A C   1 
ATOM   337  O O   . ASP A 1 49  ? 3.245   -11.833 7.777   1.00 31.21 ? 49   ASP A O   1 
ATOM   338  C CB  . ASP A 1 49  ? 4.391   -13.172 10.032  1.00 32.72 ? 49   ASP A CB  1 
ATOM   339  C CG  . ASP A 1 49  ? 4.639   -11.954 10.919  1.00 34.60 ? 49   ASP A CG  1 
ATOM   340  O OD1 . ASP A 1 49  ? 3.668   -11.297 11.359  1.00 34.13 ? 49   ASP A OD1 1 
ATOM   341  O OD2 . ASP A 1 49  ? 5.832   -11.667 11.177  1.00 38.59 ? 49   ASP A OD2 1 
ATOM   342  N N   . LYS A 1 50  ? 1.349   -11.615 8.931   1.00 28.69 ? 50   LYS A N   1 
ATOM   343  C CA  . LYS A 1 50  ? 0.870   -10.515 8.096   1.00 28.60 ? 50   LYS A CA  1 
ATOM   344  C C   . LYS A 1 50  ? 1.840   -9.332  8.127   1.00 27.87 ? 50   LYS A C   1 
ATOM   345  O O   . LYS A 1 50  ? 2.000   -8.627  7.149   1.00 27.41 ? 50   LYS A O   1 
ATOM   346  C CB  . LYS A 1 50  ? -0.523  -10.029 8.527   1.00 28.48 ? 50   LYS A CB  1 
ATOM   347  C CG  . LYS A 1 50  ? -0.668  -9.718  9.994   1.00 28.81 ? 50   LYS A CG  1 
ATOM   348  C CD  . LYS A 1 50  ? -2.098  -9.342  10.311  1.00 30.28 ? 50   LYS A CD  1 
ATOM   349  C CE  . LYS A 1 50  ? -2.212  -8.775  11.709  1.00 30.37 ? 50   LYS A CE  1 
ATOM   350  N NZ  . LYS A 1 50  ? -3.475  -7.999  11.848  1.00 33.43 ? 50   LYS A NZ  1 
ATOM   351  N N   . TRP A 1 51  ? 2.485   -9.120  9.259   1.00 27.91 ? 51   TRP A N   1 
ATOM   352  C CA  . TRP A 1 51  ? 3.373   -7.972  9.394   1.00 29.15 ? 51   TRP A CA  1 
ATOM   353  C C   . TRP A 1 51  ? 4.557   -8.047  8.438   1.00 29.89 ? 51   TRP A C   1 
ATOM   354  O O   . TRP A 1 51  ? 5.096   -7.008  8.047   1.00 29.58 ? 51   TRP A O   1 
ATOM   355  C CB  . TRP A 1 51  ? 3.793   -7.771  10.837  1.00 28.74 ? 51   TRP A CB  1 
ATOM   356  C CG  . TRP A 1 51  ? 2.647   -7.155  11.570  1.00 31.66 ? 51   TRP A CG  1 
ATOM   357  C CD1 . TRP A 1 51  ? 1.737   -7.789  12.385  1.00 30.89 ? 51   TRP A CD1 1 
ATOM   358  C CD2 . TRP A 1 51  ? 2.228   -5.778  11.489  1.00 31.66 ? 51   TRP A CD2 1 
ATOM   359  N NE1 . TRP A 1 51  ? 0.801   -6.875  12.844  1.00 33.60 ? 51   TRP A NE1 1 
ATOM   360  C CE2 . TRP A 1 51  ? 1.084   -5.638  12.314  1.00 32.81 ? 51   TRP A CE2 1 
ATOM   361  C CE3 . TRP A 1 51  ? 2.720   -4.651  10.817  1.00 30.56 ? 51   TRP A CE3 1 
ATOM   362  C CZ2 . TRP A 1 51  ? 0.427   -4.407  12.484  1.00 33.44 ? 51   TRP A CZ2 1 
ATOM   363  C CZ3 . TRP A 1 51  ? 2.067   -3.424  10.992  1.00 31.69 ? 51   TRP A CZ3 1 
ATOM   364  C CH2 . TRP A 1 51  ? 0.936   -3.317  11.814  1.00 31.96 ? 51   TRP A CH2 1 
ATOM   365  N N   . SER A 1 52  ? 4.892   -9.271  8.010   1.00 29.36 ? 52   SER A N   1 
ATOM   366  C CA  . SER A 1 52  ? 6.051   -9.512  7.136   1.00 29.77 ? 52   SER A CA  1 
ATOM   367  C C   . SER A 1 52  ? 5.841   -8.846  5.789   1.00 29.35 ? 52   SER A C   1 
ATOM   368  O O   . SER A 1 52  ? 6.792   -8.512  5.086   1.00 30.47 ? 52   SER A O   1 
ATOM   369  C CB  . SER A 1 52  ? 6.329   -11.024 6.954   1.00 29.83 ? 52   SER A CB  1 
ATOM   370  O OG  . SER A 1 52  ? 5.229   -11.709 6.350   1.00 30.50 ? 52   SER A OG  1 
ATOM   371  N N   . LEU A 1 53  ? 4.581   -8.625  5.457   1.00 29.26 ? 53   LEU A N   1 
ATOM   372  C CA  . LEU A 1 53  ? 4.209   -7.988  4.190   1.00 29.12 ? 53   LEU A CA  1 
ATOM   373  C C   . LEU A 1 53  ? 4.207   -6.461  4.265   1.00 27.40 ? 53   LEU A C   1 
ATOM   374  O O   . LEU A 1 53  ? 4.232   -5.789  3.248   1.00 27.60 ? 53   LEU A O   1 
ATOM   375  C CB  . LEU A 1 53  ? 2.815   -8.453  3.739   1.00 29.91 ? 53   LEU A CB  1 
ATOM   376  C CG  . LEU A 1 53  ? 2.670   -9.917  3.322   1.00 30.68 ? 53   LEU A CG  1 
ATOM   377  C CD1 . LEU A 1 53  ? 1.195   -10.166 3.056   1.00 30.60 ? 53   LEU A CD1 1 
ATOM   378  C CD2 . LEU A 1 53  ? 3.562   -10.281 2.091   1.00 29.66 ? 53   LEU A CD2 1 
ATOM   379  N N   . PHE A 1 54  ? 4.180   -5.930  5.477   1.00 27.12 ? 54   PHE A N   1 
ATOM   380  C CA  . PHE A 1 54  ? 3.802   -4.525  5.694   1.00 26.89 ? 54   PHE A CA  1 
ATOM   381  C C   . PHE A 1 54  ? 4.784   -3.672  6.497   1.00 27.46 ? 54   PHE A C   1 
ATOM   382  O O   . PHE A 1 54  ? 4.711   -2.426  6.466   1.00 27.77 ? 54   PHE A O   1 
ATOM   383  C CB  . PHE A 1 54  ? 2.428   -4.456  6.392   1.00 26.09 ? 54   PHE A CB  1 
ATOM   384  C CG  . PHE A 1 54  ? 1.263   -4.730  5.470   1.00 25.98 ? 54   PHE A CG  1 
ATOM   385  C CD1 . PHE A 1 54  ? 0.851   -3.776  4.548   1.00 25.66 ? 54   PHE A CD1 1 
ATOM   386  C CD2 . PHE A 1 54  ? 0.601   -5.944  5.505   1.00 25.32 ? 54   PHE A CD2 1 
ATOM   387  C CE1 . PHE A 1 54  ? -0.207  -4.025  3.701   1.00 25.82 ? 54   PHE A CE1 1 
ATOM   388  C CE2 . PHE A 1 54  ? -0.479  -6.197  4.652   1.00 24.38 ? 54   PHE A CE2 1 
ATOM   389  C CZ  . PHE A 1 54  ? -0.873  -5.245  3.756   1.00 24.00 ? 54   PHE A CZ  1 
ATOM   390  N N   . TYR A 1 55  ? 5.651   -4.348  7.244   1.00 26.98 ? 55   TYR A N   1 
ATOM   391  C CA  . TYR A 1 55  ? 6.602   -3.703  8.134   1.00 27.00 ? 55   TYR A CA  1 
ATOM   392  C C   . TYR A 1 55  ? 7.989   -4.337  8.066   1.00 26.68 ? 55   TYR A C   1 
ATOM   393  O O   . TYR A 1 55  ? 8.120   -5.535  8.050   1.00 26.51 ? 55   TYR A O   1 
ATOM   394  C CB  . TYR A 1 55  ? 6.115   -3.730  9.588   1.00 27.01 ? 55   TYR A CB  1 
ATOM   395  C CG  . TYR A 1 55  ? 7.064   -2.959  10.476  1.00 28.04 ? 55   TYR A CG  1 
ATOM   396  C CD1 . TYR A 1 55  ? 7.233   -1.593  10.297  1.00 30.31 ? 55   TYR A CD1 1 
ATOM   397  C CD2 . TYR A 1 55  ? 7.845   -3.599  11.437  1.00 30.01 ? 55   TYR A CD2 1 
ATOM   398  C CE1 . TYR A 1 55  ? 8.131   -0.861  11.065  1.00 30.92 ? 55   TYR A CE1 1 
ATOM   399  C CE2 . TYR A 1 55  ? 8.747   -2.878  12.222  1.00 31.73 ? 55   TYR A CE2 1 
ATOM   400  C CZ  . TYR A 1 55  ? 8.883   -1.506  12.029  1.00 32.64 ? 55   TYR A CZ  1 
ATOM   401  O OH  . TYR A 1 55  ? 9.767   -0.773  12.792  1.00 32.84 ? 55   TYR A OH  1 
ATOM   402  N N   . LYS A 1 56  ? 9.011   -3.494  8.012   1.00 27.04 ? 56   LYS A N   1 
ATOM   403  C CA  . LYS A 1 56  ? 10.388  -3.917  8.239   1.00 27.17 ? 56   LYS A CA  1 
ATOM   404  C C   . LYS A 1 56  ? 11.243  -2.744  8.718   1.00 27.71 ? 56   LYS A C   1 
ATOM   405  O O   . LYS A 1 56  ? 11.304  -1.713  8.073   1.00 27.11 ? 56   LYS A O   1 
ATOM   406  C CB  . LYS A 1 56  ? 10.982  -4.526  6.982   1.00 27.43 ? 56   LYS A CB  1 
ATOM   407  C CG  . LYS A 1 56  ? 12.313  -5.185  7.236   1.00 27.23 ? 56   LYS A CG  1 
ATOM   408  C CD  . LYS A 1 56  ? 12.738  -6.015  6.054   1.00 29.39 ? 56   LYS A CD  1 
ATOM   409  C CE  . LYS A 1 56  ? 14.160  -6.566  6.228   1.00 29.28 ? 56   LYS A CE  1 
ATOM   410  N NZ  . LYS A 1 56  ? 14.759  -6.848  4.890   1.00 30.02 ? 56   LYS A NZ  1 
ATOM   411  N N   . GLU A 1 57  ? 11.888  -2.915  9.867   1.00 29.24 ? 57   GLU A N   1 
ATOM   412  C CA  . GLU A 1 57  ? 12.719  -1.845  10.454  1.00 30.24 ? 57   GLU A CA  1 
ATOM   413  C C   . GLU A 1 57  ? 13.856  -1.463  9.503   1.00 29.40 ? 57   GLU A C   1 
ATOM   414  O O   . GLU A 1 57  ? 14.244  -2.239  8.637   1.00 29.86 ? 57   GLU A O   1 
ATOM   415  C CB  . GLU A 1 57  ? 13.268  -2.240  11.838  1.00 30.98 ? 57   GLU A CB  1 
ATOM   416  C CG  . GLU A 1 57  ? 14.523  -3.107  11.805  1.00 33.72 ? 57   GLU A CG  1 
ATOM   417  C CD  . GLU A 1 57  ? 15.174  -3.285  13.197  1.00 36.68 ? 57   GLU A CD  1 
ATOM   418  O OE1 . GLU A 1 57  ? 14.507  -2.990  14.216  1.00 40.18 ? 57   GLU A OE1 1 
ATOM   419  O OE2 . GLU A 1 57  ? 16.349  -3.727  13.274  1.00 36.29 ? 57   GLU A OE2 1 
ATOM   420  N N   . ASP A 1 58  ? 14.356  -0.245  9.650   1.00 28.81 ? 58   ASP A N   1 
ATOM   421  C CA  . ASP A 1 58  ? 15.413  0.272   8.760   1.00 28.79 ? 58   ASP A CA  1 
ATOM   422  C C   . ASP A 1 58  ? 16.503  -0.751  8.444   1.00 27.31 ? 58   ASP A C   1 
ATOM   423  O O   . ASP A 1 58  ? 17.037  -1.407  9.323   1.00 26.19 ? 58   ASP A O   1 
ATOM   424  C CB  . ASP A 1 58  ? 16.050  1.549   9.329   1.00 29.23 ? 58   ASP A CB  1 
ATOM   425  C CG  . ASP A 1 58  ? 15.279  2.812   8.940   1.00 30.88 ? 58   ASP A CG  1 
ATOM   426  O OD1 . ASP A 1 58  ? 14.049  2.724   8.706   1.00 32.98 ? 58   ASP A OD1 1 
ATOM   427  O OD2 . ASP A 1 58  ? 15.912  3.888   8.859   1.00 32.46 ? 58   ASP A OD2 1 
ATOM   428  N N   . TYR A 1 59  ? 16.807  -0.856  7.161   1.00 26.87 ? 59   TYR A N   1 
ATOM   429  C CA  . TYR A 1 59  ? 17.849  -1.744  6.651   1.00 27.34 ? 59   TYR A CA  1 
ATOM   430  C C   . TYR A 1 59  ? 18.630  -1.054  5.522   1.00 27.10 ? 59   TYR A C   1 
ATOM   431  O O   . TYR A 1 59  ? 18.136  -0.129  4.856   1.00 26.38 ? 59   TYR A O   1 
ATOM   432  C CB  . TYR A 1 59  ? 17.259  -3.103  6.182   1.00 26.98 ? 59   TYR A CB  1 
ATOM   433  C CG  . TYR A 1 59  ? 16.072  -2.980  5.231   1.00 29.05 ? 59   TYR A CG  1 
ATOM   434  C CD1 . TYR A 1 59  ? 16.201  -3.273  3.880   1.00 29.21 ? 59   TYR A CD1 1 
ATOM   435  C CD2 . TYR A 1 59  ? 14.842  -2.551  5.687   1.00 29.41 ? 59   TYR A CD2 1 
ATOM   436  C CE1 . TYR A 1 59  ? 15.143  -3.153  3.022   1.00 29.27 ? 59   TYR A CE1 1 
ATOM   437  C CE2 . TYR A 1 59  ? 13.771  -2.436  4.834   1.00 32.56 ? 59   TYR A CE2 1 
ATOM   438  C CZ  . TYR A 1 59  ? 13.929  -2.735  3.500   1.00 32.05 ? 59   TYR A CZ  1 
ATOM   439  O OH  . TYR A 1 59  ? 12.854  -2.603  2.649   1.00 34.99 ? 59   TYR A OH  1 
ATOM   440  N N   . ASP A 1 60  ? 19.869  -1.497  5.349   1.00 26.64 ? 60   ASP A N   1 
ATOM   441  C CA  . ASP A 1 60  ? 20.714  -1.042  4.262   1.00 27.03 ? 60   ASP A CA  1 
ATOM   442  C C   . ASP A 1 60  ? 20.588  -1.999  3.101   1.00 26.79 ? 60   ASP A C   1 
ATOM   443  O O   . ASP A 1 60  ? 20.395  -3.183  3.289   1.00 26.72 ? 60   ASP A O   1 
ATOM   444  C CB  . ASP A 1 60  ? 22.186  -0.980  4.695   1.00 27.82 ? 60   ASP A CB  1 
ATOM   445  C CG  . ASP A 1 60  ? 22.441  0.079   5.747   1.00 30.42 ? 60   ASP A CG  1 
ATOM   446  O OD1 . ASP A 1 60  ? 21.495  0.838   6.066   1.00 33.74 ? 60   ASP A OD1 1 
ATOM   447  O OD2 . ASP A 1 60  ? 23.589  0.163   6.249   1.00 33.37 ? 60   ASP A OD2 1 
ATOM   448  N N   . ILE A 1 61  ? 20.703  -1.459  1.900   1.00 27.78 ? 61   ILE A N   1 
ATOM   449  C CA  . ILE A 1 61  ? 20.708  -2.241  0.669   1.00 28.47 ? 61   ILE A CA  1 
ATOM   450  C C   . ILE A 1 61  ? 21.927  -1.819  -0.133  1.00 29.11 ? 61   ILE A C   1 
ATOM   451  O O   . ILE A 1 61  ? 22.447  -0.717  0.041   1.00 30.07 ? 61   ILE A O   1 
ATOM   452  C CB  . ILE A 1 61  ? 19.401  -2.030  -0.170  1.00 29.00 ? 61   ILE A CB  1 
ATOM   453  C CG1 . ILE A 1 61  ? 19.297  -0.594  -0.666  1.00 28.95 ? 61   ILE A CG1 1 
ATOM   454  C CG2 . ILE A 1 61  ? 18.148  -2.350  0.653   1.00 28.64 ? 61   ILE A CG2 1 
ATOM   455  C CD1 . ILE A 1 61  ? 18.342  -0.429  -1.799  1.00 28.47 ? 61   ILE A CD1 1 
ATOM   456  N N   . GLU A 1 62  ? 22.422  -2.702  -0.984  1.00 29.65 ? 62   GLU A N   1 
ATOM   457  C CA  . GLU A 1 62  ? 23.519  -2.325  -1.846  1.00 29.98 ? 62   GLU A CA  1 
ATOM   458  C C   . GLU A 1 62  ? 23.016  -2.053  -3.245  1.00 30.03 ? 62   GLU A C   1 
ATOM   459  O O   . GLU A 1 62  ? 22.251  -2.834  -3.806  1.00 29.41 ? 62   GLU A O   1 
ATOM   460  C CB  . GLU A 1 62  ? 24.615  -3.380  -1.842  1.00 30.43 ? 62   GLU A CB  1 
ATOM   461  C CG  . GLU A 1 62  ? 25.980  -2.739  -1.732  1.00 32.08 ? 62   GLU A CG  1 
ATOM   462  C CD  . GLU A 1 62  ? 26.759  -2.780  -3.020  1.00 33.78 ? 62   GLU A CD  1 
ATOM   463  O OE1 . GLU A 1 62  ? 26.238  -2.324  -4.065  1.00 36.03 ? 62   GLU A OE1 1 
ATOM   464  O OE2 . GLU A 1 62  ? 27.909  -3.267  -2.982  1.00 34.90 ? 62   GLU A OE2 1 
ATOM   465  N N   . VAL A 1 63  ? 23.443  -0.918  -3.786  1.00 30.60 ? 63   VAL A N   1 
ATOM   466  C CA  . VAL A 1 63  ? 23.043  -0.502  -5.128  1.00 31.25 ? 63   VAL A CA  1 
ATOM   467  C C   . VAL A 1 63  ? 24.240  -0.345  -6.056  1.00 31.93 ? 63   VAL A C   1 
ATOM   468  O O   . VAL A 1 63  ? 25.306  0.147   -5.672  1.00 32.27 ? 63   VAL A O   1 
ATOM   469  C CB  . VAL A 1 63  ? 22.272  0.820   -5.094  1.00 31.64 ? 63   VAL A CB  1 
ATOM   470  C CG1 . VAL A 1 63  ? 21.779  1.162   -6.494  1.00 30.68 ? 63   VAL A CG1 1 
ATOM   471  C CG2 . VAL A 1 63  ? 21.110  0.732   -4.100  1.00 31.92 ? 63   VAL A CG2 1 
ATOM   472  N N   . GLU A 1 64  ? 24.058  -0.788  -7.287  1.00 32.50 ? 64   GLU A N   1 
ATOM   473  C CA  . GLU A 1 64  ? 25.094  -0.644  -8.297  1.00 33.10 ? 64   GLU A CA  1 
ATOM   474  C C   . GLU A 1 64  ? 24.581  0.143   -9.492  1.00 32.48 ? 64   GLU A C   1 
ATOM   475  O O   . GLU A 1 64  ? 23.704  -0.313  -10.209 1.00 32.24 ? 64   GLU A O   1 
ATOM   476  C CB  . GLU A 1 64  ? 25.597  -2.014  -8.752  1.00 33.40 ? 64   GLU A CB  1 
ATOM   477  C CG  . GLU A 1 64  ? 26.679  -1.927  -9.829  1.00 35.59 ? 64   GLU A CG  1 
ATOM   478  C CD  . GLU A 1 64  ? 27.230  -3.283  -10.222 1.00 37.78 ? 64   GLU A CD  1 
ATOM   479  O OE1 . GLU A 1 64  ? 26.824  -4.292  -9.598  1.00 39.39 ? 64   GLU A OE1 1 
ATOM   480  O OE2 . GLU A 1 64  ? 28.070  -3.342  -11.150 1.00 38.85 ? 64   GLU A OE2 1 
ATOM   481  N N   . ASP A 1 65  ? 25.142  1.327   -9.710  1.00 32.33 ? 65   ASP A N   1 
ATOM   482  C CA  . ASP A 1 65  ? 24.753  2.116   -10.884 1.00 32.51 ? 65   ASP A CA  1 
ATOM   483  C C   . ASP A 1 65  ? 25.350  1.564   -12.182 1.00 31.87 ? 65   ASP A C   1 
ATOM   484  O O   . ASP A 1 65  ? 26.039  0.540   -12.191 1.00 31.55 ? 65   ASP A O   1 
ATOM   485  C CB  . ASP A 1 65  ? 25.014  3.631   -10.698 1.00 33.12 ? 65   ASP A CB  1 
ATOM   486  C CG  . ASP A 1 65  ? 26.500  4.010   -10.651 1.00 34.61 ? 65   ASP A CG  1 
ATOM   487  O OD1 . ASP A 1 65  ? 27.326  3.394   -11.372 1.00 35.04 ? 65   ASP A OD1 1 
ATOM   488  O OD2 . ASP A 1 65  ? 26.825  4.975   -9.900  1.00 36.09 ? 65   ASP A OD2 1 
ATOM   489  N N   . GLU A 1 66  ? 25.056  2.258   -13.272 1.00 31.69 ? 66   GLU A N   1 
ATOM   490  C CA  . GLU A 1 66  ? 25.326  1.761   -14.613 1.00 31.68 ? 66   GLU A CA  1 
ATOM   491  C C   . GLU A 1 66  ? 26.818  1.852   -14.850 1.00 31.41 ? 66   GLU A C   1 
ATOM   492  O O   . GLU A 1 66  ? 27.361  1.295   -15.803 1.00 31.35 ? 66   GLU A O   1 
ATOM   493  C CB  . GLU A 1 66  ? 24.581  2.596   -15.666 1.00 32.29 ? 66   GLU A CB  1 
ATOM   494  C CG  . GLU A 1 66  ? 23.062  2.735   -15.444 1.00 33.43 ? 66   GLU A CG  1 
ATOM   495  C CD  . GLU A 1 66  ? 22.289  1.453   -15.713 1.00 34.13 ? 66   GLU A CD  1 
ATOM   496  O OE1 . GLU A 1 66  ? 22.747  0.366   -15.298 1.00 35.23 ? 66   GLU A OE1 1 
ATOM   497  O OE2 . GLU A 1 66  ? 21.215  1.535   -16.341 1.00 35.12 ? 66   GLU A OE2 1 
ATOM   498  N N   . ASN A 1 67  ? 27.477  2.584   -13.968 1.00 30.92 ? 67   ASN A N   1 
ATOM   499  C CA  . ASN A 1 67  ? 28.905  2.828   -14.126 1.00 30.33 ? 67   ASN A CA  1 
ATOM   500  C C   . ASN A 1 67  ? 29.677  1.648   -13.557 1.00 29.12 ? 67   ASN A C   1 
ATOM   501  O O   . ASN A 1 67  ? 30.831  1.427   -13.903 1.00 28.65 ? 67   ASN A O   1 
ATOM   502  C CB  . ASN A 1 67  ? 29.327  4.128   -13.424 1.00 30.29 ? 67   ASN A CB  1 
ATOM   503  C CG  . ASN A 1 67  ? 28.836  5.379   -14.154 1.00 30.58 ? 67   ASN A CG  1 
ATOM   504  O OD1 . ASN A 1 67  ? 28.573  5.342   -15.356 1.00 30.79 ? 67   ASN A OD1 1 
ATOM   505  N ND2 . ASN A 1 67  ? 28.713  6.489   -13.427 1.00 26.57 ? 67   ASN A ND2 1 
ATOM   506  N N   . GLY A 1 68  ? 29.021  0.900   -12.673 1.00 27.62 ? 68   GLY A N   1 
ATOM   507  C CA  . GLY A 1 68  ? 29.676  -0.186  -11.944 1.00 26.18 ? 68   GLY A CA  1 
ATOM   508  C C   . GLY A 1 68  ? 29.954  0.194   -10.500 1.00 25.30 ? 68   GLY A C   1 
ATOM   509  O O   . GLY A 1 68  ? 30.479  -0.599  -9.719  1.00 24.33 ? 68   GLY A O   1 
ATOM   510  N N   . THR A 1 69  ? 29.583  1.424   -10.161 1.00 24.89 ? 69   THR A N   1 
ATOM   511  C CA  . THR A 1 69  ? 29.737  1.964   -8.801  1.00 24.25 ? 69   THR A CA  1 
ATOM   512  C C   . THR A 1 69  ? 28.741  1.395   -7.801  1.00 24.06 ? 69   THR A C   1 
ATOM   513  O O   . THR A 1 69  ? 27.545  1.381   -8.033  1.00 24.32 ? 69   THR A O   1 
ATOM   514  C CB  . THR A 1 69  ? 29.574  3.502   -8.770  1.00 24.33 ? 69   THR A CB  1 
ATOM   515  O OG1 . THR A 1 69  ? 30.587  4.104   -9.580  1.00 24.78 ? 69   THR A OG1 1 
ATOM   516  C CG2 . THR A 1 69  ? 29.656  4.025   -7.328  1.00 22.03 ? 69   THR A CG2 1 
ATOM   517  N N   . LYS A 1 70  ? 29.263  0.962   -6.667  1.00 24.41 ? 70   LYS A N   1 
ATOM   518  C CA  . LYS A 1 70  ? 28.465  0.330   -5.631  1.00 25.65 ? 70   LYS A CA  1 
ATOM   519  C C   . LYS A 1 70  ? 28.349  1.225   -4.436  1.00 25.98 ? 70   LYS A C   1 
ATOM   520  O O   . LYS A 1 70  ? 29.350  1.639   -3.878  1.00 26.53 ? 70   LYS A O   1 
ATOM   521  C CB  . LYS A 1 70  ? 29.100  -1.000  -5.205  1.00 25.76 ? 70   LYS A CB  1 
ATOM   522  C CG  . LYS A 1 70  ? 29.256  -1.998  -6.339  1.00 26.01 ? 70   LYS A CG  1 
ATOM   523  C CD  . LYS A 1 70  ? 30.471  -2.882  -6.085  1.00 29.52 ? 70   LYS A CD  1 
ATOM   524  C CE  . LYS A 1 70  ? 30.827  -3.783  -7.279  1.00 30.85 ? 70   LYS A CE  1 
ATOM   525  N NZ  . LYS A 1 70  ? 30.496  -5.208  -7.026  1.00 32.10 ? 70   LYS A NZ  1 
ATOM   526  N N   . THR A 1 71  ? 27.111  1.525   -4.067  1.00 27.06 ? 71   THR A N   1 
ATOM   527  C CA  . THR A 1 71  ? 26.794  2.319   -2.875  1.00 27.37 ? 71   THR A CA  1 
ATOM   528  C C   . THR A 1 71  ? 25.843  1.530   -1.955  1.00 27.56 ? 71   THR A C   1 
ATOM   529  O O   . THR A 1 71  ? 25.244  0.528   -2.354  1.00 27.26 ? 71   THR A O   1 
ATOM   530  C CB  . THR A 1 71  ? 26.170  3.728   -3.238  1.00 27.92 ? 71   THR A CB  1 
ATOM   531  O OG1 . THR A 1 71  ? 25.001  3.567   -4.056  1.00 28.74 ? 71   THR A OG1 1 
ATOM   532  C CG2 . THR A 1 71  ? 27.172  4.629   -3.973  1.00 28.09 ? 71   THR A CG2 1 
ATOM   533  N N   . THR A 1 72  ? 25.771  1.970   -0.705  1.00 28.27 ? 72   THR A N   1 
ATOM   534  C CA  . THR A 1 72  ? 24.774  1.503   0.241   1.00 29.73 ? 72   THR A CA  1 
ATOM   535  C C   . THR A 1 72  ? 23.725  2.585   0.464   1.00 30.25 ? 72   THR A C   1 
ATOM   536  O O   . THR A 1 72  ? 24.046  3.755   0.650   1.00 31.11 ? 72   THR A O   1 
ATOM   537  C CB  . THR A 1 72  ? 25.381  1.155   1.614   1.00 29.80 ? 72   THR A CB  1 
ATOM   538  O OG1 . THR A 1 72  ? 26.547  0.349   1.441   1.00 31.07 ? 72   THR A OG1 1 
ATOM   539  C CG2 . THR A 1 72  ? 24.367  0.375   2.464   1.00 32.49 ? 72   THR A CG2 1 
ATOM   540  N N   . LYS A 1 73  ? 22.465  2.183   0.423   1.00 30.83 ? 73   LYS A N   1 
ATOM   541  C CA  . LYS A 1 73  ? 21.365  3.057   0.826   1.00 30.95 ? 73   LYS A CA  1 
ATOM   542  C C   . LYS A 1 73  ? 20.666  2.439   2.022   1.00 30.25 ? 73   LYS A C   1 
ATOM   543  O O   . LYS A 1 73  ? 20.500  1.224   2.103   1.00 28.96 ? 73   LYS A O   1 
ATOM   544  C CB  . LYS A 1 73  ? 20.382  3.272   -0.325  1.00 31.70 ? 73   LYS A CB  1 
ATOM   545  C CG  . LYS A 1 73  ? 21.032  3.761   -1.608  1.00 34.36 ? 73   LYS A CG  1 
ATOM   546  C CD  . LYS A 1 73  ? 20.008  3.904   -2.702  1.00 37.74 ? 73   LYS A CD  1 
ATOM   547  C CE  . LYS A 1 73  ? 20.565  4.681   -3.886  1.00 39.55 ? 73   LYS A CE  1 
ATOM   548  N NZ  . LYS A 1 73  ? 19.502  4.903   -4.914  1.00 39.93 ? 73   LYS A NZ  1 
ATOM   549  N N   . THR A 1 74  ? 20.303  3.304   2.958   1.00 30.15 ? 74   THR A N   1 
ATOM   550  C CA  . THR A 1 74  ? 19.533  2.938   4.143   1.00 29.97 ? 74   THR A CA  1 
ATOM   551  C C   . THR A 1 74  ? 18.079  3.193   3.879   1.00 29.51 ? 74   THR A C   1 
ATOM   552  O O   . THR A 1 74  ? 17.652  4.329   3.740   1.00 29.09 ? 74   THR A O   1 
ATOM   553  C CB  . THR A 1 74  ? 19.924  3.762   5.378   1.00 29.65 ? 74   THR A CB  1 
ATOM   554  O OG1 . THR A 1 74  ? 21.191  3.307   5.858   1.00 31.99 ? 74   THR A OG1 1 
ATOM   555  C CG2 . THR A 1 74  ? 18.901  3.604   6.480   1.00 30.02 ? 74   THR A CG2 1 
ATOM   556  N N   . ILE A 1 75  ? 17.329  2.106   3.825   1.00 29.99 ? 75   ILE A N   1 
ATOM   557  C CA  . ILE A 1 75  ? 15.920  2.147   3.445   1.00 29.67 ? 75   ILE A CA  1 
ATOM   558  C C   . ILE A 1 75  ? 15.077  2.368   4.679   1.00 29.99 ? 75   ILE A C   1 
ATOM   559  O O   . ILE A 1 75  ? 15.092  1.566   5.609   1.00 30.11 ? 75   ILE A O   1 
ATOM   560  C CB  . ILE A 1 75  ? 15.483  0.847   2.744   1.00 29.36 ? 75   ILE A CB  1 
ATOM   561  C CG1 . ILE A 1 75  ? 16.249  0.657   1.430   1.00 29.64 ? 75   ILE A CG1 1 
ATOM   562  C CG2 . ILE A 1 75  ? 13.953  0.815   2.525   1.00 31.22 ? 75   ILE A CG2 1 
ATOM   563  C CD1 . ILE A 1 75  ? 16.139  1.797   0.437   1.00 31.09 ? 75   ILE A CD1 1 
ATOM   564  N N   . ASN A 1 76  ? 14.384  3.501   4.701   1.00 31.01 ? 76   ASN A N   1 
ATOM   565  C CA  . ASN A 1 76  ? 13.246  3.691   5.605   1.00 31.79 ? 76   ASN A CA  1 
ATOM   566  C C   . ASN A 1 76  ? 11.982  3.581   4.754   1.00 31.37 ? 76   ASN A C   1 
ATOM   567  O O   . ASN A 1 76  ? 11.695  4.440   3.906   1.00 30.13 ? 76   ASN A O   1 
ATOM   568  C CB  . ASN A 1 76  ? 13.316  5.031   6.328   1.00 32.78 ? 76   ASN A CB  1 
ATOM   569  C CG  . ASN A 1 76  ? 12.175  5.216   7.317   1.00 34.22 ? 76   ASN A CG  1 
ATOM   570  O OD1 . ASN A 1 76  ? 10.997  5.184   6.953   1.00 39.35 ? 76   ASN A OD1 1 
ATOM   571  N ND2 . ASN A 1 76  ? 12.520  5.396   8.563   1.00 35.68 ? 76   ASN A ND2 1 
ATOM   572  N N   . GLU A 1 77  ? 11.249  2.497   4.976   1.00 31.26 ? 77   GLU A N   1 
ATOM   573  C CA  . GLU A 1 77  ? 10.200  2.095   4.048   1.00 31.47 ? 77   GLU A CA  1 
ATOM   574  C C   . GLU A 1 77  ? 9.070   3.121   3.977   1.00 30.41 ? 77   GLU A C   1 
ATOM   575  O O   . GLU A 1 77  ? 8.543   3.412   2.898   1.00 29.58 ? 77   GLU A O   1 
ATOM   576  C CB  . GLU A 1 77  ? 9.655   0.703   4.406   1.00 32.37 ? 77   GLU A CB  1 
ATOM   577  C CG  . GLU A 1 77  ? 10.685  -0.435  4.237   1.00 34.40 ? 77   GLU A CG  1 
ATOM   578  C CD  . GLU A 1 77  ? 10.066  -1.821  4.207   1.00 36.88 ? 77   GLU A CD  1 
ATOM   579  O OE1 . GLU A 1 77  ? 8.979   -2.017  4.836   1.00 39.95 ? 77   GLU A OE1 1 
ATOM   580  O OE2 . GLU A 1 77  ? 10.674  -2.714  3.552   1.00 37.37 ? 77   GLU A OE2 1 
ATOM   581  N N   . GLY A 1 78  ? 8.727   3.668   5.132   1.00 30.01 ? 78   GLY A N   1 
ATOM   582  C CA  . GLY A 1 78  ? 7.644   4.625   5.235   1.00 30.36 ? 78   GLY A CA  1 
ATOM   583  C C   . GLY A 1 78  ? 7.973   5.827   4.380   1.00 30.79 ? 78   GLY A C   1 
ATOM   584  O O   . GLY A 1 78  ? 7.097   6.368   3.691   1.00 31.82 ? 78   GLY A O   1 
ATOM   585  N N   . GLN A 1 79  ? 9.248   6.218   4.403   1.00 29.67 ? 79   GLN A N   1 
ATOM   586  C CA  . GLN A 1 79  ? 9.688   7.410   3.675   1.00 29.20 ? 79   GLN A CA  1 
ATOM   587  C C   . GLN A 1 79  ? 9.518   7.219   2.188   1.00 28.50 ? 79   GLN A C   1 
ATOM   588  O O   . GLN A 1 79  ? 9.279   8.175   1.472   1.00 26.80 ? 79   GLN A O   1 
ATOM   589  C CB  . GLN A 1 79  ? 11.149  7.767   3.967   1.00 29.84 ? 79   GLN A CB  1 
ATOM   590  C CG  . GLN A 1 79  ? 11.369  8.440   5.307   1.00 31.14 ? 79   GLN A CG  1 
ATOM   591  C CD  . GLN A 1 79  ? 10.444  9.633   5.534   1.00 33.25 ? 79   GLN A CD  1 
ATOM   592  O OE1 . GLN A 1 79  ? 10.077  9.927   6.669   1.00 35.87 ? 79   GLN A OE1 1 
ATOM   593  N NE2 . GLN A 1 79  ? 10.060  10.319  4.453   1.00 34.68 ? 79   GLN A NE2 1 
ATOM   594  N N   . THR A 1 80  ? 9.637   5.979   1.726   1.00 29.15 ? 80   THR A N   1 
ATOM   595  C CA  . THR A 1 80  ? 9.573   5.693   0.279   1.00 29.55 ? 80   THR A CA  1 
ATOM   596  C C   . THR A 1 80  ? 8.110   5.820   -0.199  1.00 31.30 ? 80   THR A C   1 
ATOM   597  O O   . THR A 1 80  ? 7.824   6.059   -1.375  1.00 31.78 ? 80   THR A O   1 
ATOM   598  C CB  . THR A 1 80  ? 10.130  4.294   -0.075  1.00 30.00 ? 80   THR A CB  1 
ATOM   599  O OG1 . THR A 1 80  ? 9.250   3.277   0.450   1.00 27.98 ? 80   THR A OG1 1 
ATOM   600  C CG2 . THR A 1 80  ? 11.625  4.123   0.456   1.00 26.37 ? 80   THR A CG2 1 
ATOM   601  N N   . ILE A 1 81  ? 7.191   5.679   0.743   1.00 32.39 ? 81   ILE A N   1 
ATOM   602  C CA  . ILE A 1 81  ? 5.780   5.880   0.448   1.00 34.15 ? 81   ILE A CA  1 
ATOM   603  C C   . ILE A 1 81  ? 5.446   7.380   0.467   1.00 34.03 ? 81   ILE A C   1 
ATOM   604  O O   . ILE A 1 81  ? 4.709   7.868   -0.368  1.00 35.20 ? 81   ILE A O   1 
ATOM   605  C CB  . ILE A 1 81  ? 4.873   5.122   1.431   1.00 35.01 ? 81   ILE A CB  1 
ATOM   606  C CG1 . ILE A 1 81  ? 4.818   3.647   1.018   1.00 35.44 ? 81   ILE A CG1 1 
ATOM   607  C CG2 . ILE A 1 81  ? 3.478   5.763   1.461   1.00 35.45 ? 81   ILE A CG2 1 
ATOM   608  C CD1 . ILE A 1 81  ? 3.922   2.836   1.869   1.00 36.91 ? 81   ILE A CD1 1 
ATOM   609  N N   . LEU A 1 82  ? 6.027   8.120   1.393   1.00 34.28 ? 82   LEU A N   1 
ATOM   610  C CA  . LEU A 1 82  ? 5.746   9.556   1.461   1.00 34.68 ? 82   LEU A CA  1 
ATOM   611  C C   . LEU A 1 82  ? 6.315   10.331  0.272   1.00 34.54 ? 82   LEU A C   1 
ATOM   612  O O   . LEU A 1 82  ? 5.752   11.356  -0.114  1.00 36.25 ? 82   LEU A O   1 
ATOM   613  C CB  . LEU A 1 82  ? 6.246   10.176  2.764   1.00 34.16 ? 82   LEU A CB  1 
ATOM   614  C CG  . LEU A 1 82  ? 5.572   9.684   4.031   1.00 32.98 ? 82   LEU A CG  1 
ATOM   615  C CD1 . LEU A 1 82  ? 6.037   10.543  5.169   1.00 31.75 ? 82   LEU A CD1 1 
ATOM   616  C CD2 . LEU A 1 82  ? 4.062   9.708   3.907   1.00 33.52 ? 82   LEU A CD2 1 
ATOM   617  N N   . VAL A 1 83  ? 7.401   9.840   -0.313  1.00 33.74 ? 83   VAL A N   1 
ATOM   618  C CA  . VAL A 1 83  ? 8.100   10.602  -1.350  1.00 33.16 ? 83   VAL A CA  1 
ATOM   619  C C   . VAL A 1 83  ? 7.265   10.641  -2.622  1.00 32.63 ? 83   VAL A C   1 
ATOM   620  O O   . VAL A 1 83  ? 7.264   11.619  -3.380  1.00 31.61 ? 83   VAL A O   1 
ATOM   621  C CB  . VAL A 1 83  ? 9.547   10.064  -1.645  1.00 33.84 ? 83   VAL A CB  1 
ATOM   622  C CG1 . VAL A 1 83  ? 9.507   8.670   -2.284  1.00 31.70 ? 83   VAL A CG1 1 
ATOM   623  C CG2 . VAL A 1 83  ? 10.309  11.071  -2.535  1.00 30.74 ? 83   VAL A CG2 1 
ATOM   624  N N   . VAL A 1 84  ? 6.524   9.568   -2.836  1.00 33.13 ? 84   VAL A N   1 
ATOM   625  C CA  . VAL A 1 84  ? 5.708   9.433   -4.039  1.00 33.03 ? 84   VAL A CA  1 
ATOM   626  C C   . VAL A 1 84  ? 4.557   10.463  -4.022  1.00 32.63 ? 84   VAL A C   1 
ATOM   627  O O   . VAL A 1 84  ? 4.261   11.097  -5.029  1.00 32.49 ? 84   VAL A O   1 
ATOM   628  C CB  . VAL A 1 84  ? 5.202   7.973   -4.224  1.00 34.41 ? 84   VAL A CB  1 
ATOM   629  C CG1 . VAL A 1 84  ? 3.998   7.937   -5.173  1.00 34.83 ? 84   VAL A CG1 1 
ATOM   630  C CG2 . VAL A 1 84  ? 6.375   7.060   -4.699  1.00 31.24 ? 84   VAL A CG2 1 
ATOM   631  N N   . PHE A 1 85  ? 3.947   10.666  -2.866  1.00 32.49 ? 85   PHE A N   1 
ATOM   632  C CA  . PHE A 1 85  ? 2.862   11.647  -2.754  1.00 33.48 ? 85   PHE A CA  1 
ATOM   633  C C   . PHE A 1 85  ? 3.417   13.065  -2.646  1.00 33.20 ? 85   PHE A C   1 
ATOM   634  O O   . PHE A 1 85  ? 2.881   13.982  -3.252  1.00 32.93 ? 85   PHE A O   1 
ATOM   635  C CB  . PHE A 1 85  ? 1.985   11.380  -1.532  1.00 33.35 ? 85   PHE A CB  1 
ATOM   636  C CG  . PHE A 1 85  ? 1.110   10.158  -1.653  1.00 35.83 ? 85   PHE A CG  1 
ATOM   637  C CD1 . PHE A 1 85  ? -0.125  10.231  -2.281  1.00 36.23 ? 85   PHE A CD1 1 
ATOM   638  C CD2 . PHE A 1 85  ? 1.502   8.951   -1.095  1.00 34.73 ? 85   PHE A CD2 1 
ATOM   639  C CE1 . PHE A 1 85  ? -0.950  9.114   -2.368  1.00 37.71 ? 85   PHE A CE1 1 
ATOM   640  C CE2 . PHE A 1 85  ? 0.678   7.834   -1.186  1.00 38.06 ? 85   PHE A CE2 1 
ATOM   641  C CZ  . PHE A 1 85  ? -0.561  7.929   -1.817  1.00 37.50 ? 85   PHE A CZ  1 
ATOM   642  N N   . ASN A 1 86  ? 4.494   13.219  -1.877  1.00 32.96 ? 86   ASN A N   1 
ATOM   643  C CA  . ASN A 1 86  ? 5.121   14.536  -1.657  1.00 33.56 ? 86   ASN A CA  1 
ATOM   644  C C   . ASN A 1 86  ? 5.826   15.077  -2.910  1.00 33.28 ? 86   ASN A C   1 
ATOM   645  O O   . ASN A 1 86  ? 5.741   16.260  -3.186  1.00 33.66 ? 86   ASN A O   1 
ATOM   646  C CB  . ASN A 1 86  ? 6.106   14.517  -0.469  1.00 32.76 ? 86   ASN A CB  1 
ATOM   647  C CG  . ASN A 1 86  ? 5.414   14.323  0.872   1.00 34.41 ? 86   ASN A CG  1 
ATOM   648  O OD1 . ASN A 1 86  ? 4.195   14.463  0.991   1.00 35.84 ? 86   ASN A OD1 1 
ATOM   649  N ND2 . ASN A 1 86  ? 6.195   13.997  1.892   1.00 34.90 ? 86   ASN A ND2 1 
ATOM   650  N N   . GLU A 1 87  ? 6.492   14.208  -3.666  1.00 33.60 ? 87   GLU A N   1 
ATOM   651  C CA  . GLU A 1 87  ? 7.360   14.636  -4.791  1.00 34.18 ? 87   GLU A CA  1 
ATOM   652  C C   . GLU A 1 87  ? 6.892   14.135  -6.149  1.00 33.41 ? 87   GLU A C   1 
ATOM   653  O O   . GLU A 1 87  ? 7.126   14.775  -7.158  1.00 33.24 ? 87   GLU A O   1 
ATOM   654  C CB  . GLU A 1 87  ? 8.792   14.134  -4.581  1.00 35.23 ? 87   GLU A CB  1 
ATOM   655  C CG  . GLU A 1 87  ? 9.337   14.348  -3.183  1.00 37.54 ? 87   GLU A CG  1 
ATOM   656  C CD  . GLU A 1 87  ? 9.498   15.813  -2.868  1.00 41.33 ? 87   GLU A CD  1 
ATOM   657  O OE1 . GLU A 1 87  ? 9.547   16.610  -3.832  1.00 45.89 ? 87   GLU A OE1 1 
ATOM   658  O OE2 . GLU A 1 87  ? 9.574   16.177  -1.672  1.00 44.24 ? 87   GLU A OE2 1 
ATOM   659  N N   . GLY A 1 88  ? 6.265   12.962  -6.178  1.00 33.13 ? 88   GLY A N   1 
ATOM   660  C CA  . GLY A 1 88  ? 5.726   12.424  -7.428  1.00 32.57 ? 88   GLY A CA  1 
ATOM   661  C C   . GLY A 1 88  ? 6.724   11.553  -8.169  1.00 32.08 ? 88   GLY A C   1 
ATOM   662  O O   . GLY A 1 88  ? 6.538   11.232  -9.327  1.00 32.60 ? 88   GLY A O   1 
ATOM   663  N N   . TYR A 1 89  ? 7.804   11.208  -7.485  1.00 32.25 ? 89   TYR A N   1 
ATOM   664  C CA  . TYR A 1 89  ? 8.776   10.234  -7.972  1.00 31.58 ? 89   TYR A CA  1 
ATOM   665  C C   . TYR A 1 89  ? 9.366   9.425   -6.812  1.00 31.41 ? 89   TYR A C   1 
ATOM   666  O O   . TYR A 1 89  ? 9.126   9.716   -5.643  1.00 32.33 ? 89   TYR A O   1 
ATOM   667  C CB  . TYR A 1 89  ? 9.889   10.922  -8.770  1.00 32.45 ? 89   TYR A CB  1 
ATOM   668  C CG  . TYR A 1 89  ? 10.598  12.040  -8.032  1.00 33.03 ? 89   TYR A CG  1 
ATOM   669  C CD1 . TYR A 1 89  ? 11.632  11.763  -7.145  1.00 32.76 ? 89   TYR A CD1 1 
ATOM   670  C CD2 . TYR A 1 89  ? 10.230  13.376  -8.231  1.00 33.45 ? 89   TYR A CD2 1 
ATOM   671  C CE1 . TYR A 1 89  ? 12.277  12.776  -6.463  1.00 33.78 ? 89   TYR A CE1 1 
ATOM   672  C CE2 . TYR A 1 89  ? 10.875  14.392  -7.562  1.00 32.53 ? 89   TYR A CE2 1 
ATOM   673  C CZ  . TYR A 1 89  ? 11.895  14.082  -6.676  1.00 33.47 ? 89   TYR A CZ  1 
ATOM   674  O OH  . TYR A 1 89  ? 12.534  15.078  -5.994  1.00 35.18 ? 89   TYR A OH  1 
ATOM   675  N N   . ALA A 1 90  ? 10.122  8.392   -7.137  1.00 31.22 ? 90   ALA A N   1 
ATOM   676  C CA  . ALA A 1 90  ? 10.667  7.493   -6.110  1.00 31.97 ? 90   ALA A CA  1 
ATOM   677  C C   . ALA A 1 90  ? 12.183  7.333   -6.305  1.00 32.07 ? 90   ALA A C   1 
ATOM   678  O O   . ALA A 1 90  ? 12.609  6.552   -7.138  1.00 31.73 ? 90   ALA A O   1 
ATOM   679  C CB  . ALA A 1 90  ? 9.955   6.130   -6.172  1.00 30.57 ? 90   ALA A CB  1 
ATOM   680  N N   . PRO A 1 91  ? 13.003  8.102   -5.569  1.00 33.37 ? 91   PRO A N   1 
ATOM   681  C CA  . PRO A 1 91  ? 14.412  7.980   -5.953  1.00 34.88 ? 91   PRO A CA  1 
ATOM   682  C C   . PRO A 1 91  ? 15.010  6.575   -5.732  1.00 35.56 ? 91   PRO A C   1 
ATOM   683  O O   . PRO A 1 91  ? 15.963  6.226   -6.408  1.00 34.72 ? 91   PRO A O   1 
ATOM   684  C CB  . PRO A 1 91  ? 15.127  9.034   -5.080  1.00 34.75 ? 91   PRO A CB  1 
ATOM   685  C CG  . PRO A 1 91  ? 14.040  9.885   -4.480  1.00 34.65 ? 91   PRO A CG  1 
ATOM   686  C CD  . PRO A 1 91  ? 12.825  8.987   -4.404  1.00 33.50 ? 91   PRO A CD  1 
ATOM   687  N N   . ASP A 1 92  ? 14.421  5.787   -4.825  1.00 37.03 ? 92   ASP A N   1 
ATOM   688  C CA  . ASP A 1 92  ? 14.959  4.457   -4.441  1.00 38.51 ? 92   ASP A CA  1 
ATOM   689  C C   . ASP A 1 92  ? 14.018  3.290   -4.731  1.00 37.69 ? 92   ASP A C   1 
ATOM   690  O O   . ASP A 1 92  ? 14.291  2.170   -4.291  1.00 38.17 ? 92   ASP A O   1 
ATOM   691  C CB  . ASP A 1 92  ? 15.230  4.352   -2.927  1.00 39.68 ? 92   ASP A CB  1 
ATOM   692  C CG  . ASP A 1 92  ? 16.074  5.472   -2.377  1.00 42.02 ? 92   ASP A CG  1 
ATOM   693  O OD1 . ASP A 1 92  ? 17.273  5.561   -2.714  1.00 46.00 ? 92   ASP A OD1 1 
ATOM   694  O OD2 . ASP A 1 92  ? 15.534  6.241   -1.548  1.00 48.22 ? 92   ASP A OD2 1 
ATOM   695  N N   . GLY A 1 93  ? 12.918  3.544   -5.433  1.00 36.60 ? 93   GLY A N   1 
ATOM   696  C CA  . GLY A 1 93  ? 11.809  2.583   -5.488  1.00 35.36 ? 93   GLY A CA  1 
ATOM   697  C C   . GLY A 1 93  ? 10.893  2.755   -4.285  1.00 34.17 ? 93   GLY A C   1 
ATOM   698  O O   . GLY A 1 93  ? 11.191  3.511   -3.390  1.00 33.02 ? 93   GLY A O   1 
ATOM   699  N N   . VAL A 1 94  ? 9.764   2.059   -4.286  1.00 34.05 ? 94   VAL A N   1 
ATOM   700  C CA  . VAL A 1 94  ? 8.934   1.900   -3.103  1.00 32.52 ? 94   VAL A CA  1 
ATOM   701  C C   . VAL A 1 94  ? 9.205   0.557   -2.447  1.00 32.82 ? 94   VAL A C   1 
ATOM   702  O O   . VAL A 1 94  ? 9.208   -0.485  -3.093  1.00 35.24 ? 94   VAL A O   1 
ATOM   703  C CB  . VAL A 1 94  ? 7.433   2.024   -3.456  1.00 33.54 ? 94   VAL A CB  1 
ATOM   704  C CG1 . VAL A 1 94  ? 6.551   1.843   -2.208  1.00 28.19 ? 94   VAL A CG1 1 
ATOM   705  C CG2 . VAL A 1 94  ? 7.182   3.375   -4.119  1.00 33.00 ? 94   VAL A CG2 1 
ATOM   706  N N   . TRP A 1 95  ? 9.485   0.589   -1.156  1.00 32.35 ? 95   TRP A N   1 
ATOM   707  C CA  . TRP A 1 95  ? 9.857   -0.604  -0.446  1.00 32.13 ? 95   TRP A CA  1 
ATOM   708  C C   . TRP A 1 95  ? 8.819   -0.816  0.602   1.00 32.69 ? 95   TRP A C   1 
ATOM   709  O O   . TRP A 1 95  ? 8.456   0.110   1.331   1.00 33.10 ? 95   TRP A O   1 
ATOM   710  C CB  . TRP A 1 95  ? 11.240  -0.473  0.207   1.00 31.98 ? 95   TRP A CB  1 
ATOM   711  C CG  . TRP A 1 95  ? 12.394  -0.490  -0.744  1.00 33.03 ? 95   TRP A CG  1 
ATOM   712  C CD1 . TRP A 1 95  ? 12.824  0.540   -1.528  1.00 32.89 ? 95   TRP A CD1 1 
ATOM   713  C CD2 . TRP A 1 95  ? 13.286  -1.592  -1.003  1.00 34.25 ? 95   TRP A CD2 1 
ATOM   714  N NE1 . TRP A 1 95  ? 13.927  0.146   -2.257  1.00 35.19 ? 95   TRP A NE1 1 
ATOM   715  C CE2 . TRP A 1 95  ? 14.224  -1.157  -1.956  1.00 33.02 ? 95   TRP A CE2 1 
ATOM   716  C CE3 . TRP A 1 95  ? 13.367  -2.907  -0.530  1.00 35.95 ? 95   TRP A CE3 1 
ATOM   717  C CZ2 . TRP A 1 95  ? 15.222  -1.984  -2.451  1.00 34.84 ? 95   TRP A CZ2 1 
ATOM   718  C CZ3 . TRP A 1 95  ? 14.378  -3.732  -1.014  1.00 35.30 ? 95   TRP A CZ3 1 
ATOM   719  C CH2 . TRP A 1 95  ? 15.288  -3.268  -1.967  1.00 35.34 ? 95   TRP A CH2 1 
ATOM   720  N N   . LEU A 1 96  ? 8.324   -2.042  0.660   1.00 32.53 ? 96   LEU A N   1 
ATOM   721  C CA  . LEU A 1 96  ? 7.354   -2.416  1.678   1.00 33.05 ? 96   LEU A CA  1 
ATOM   722  C C   . LEU A 1 96  ? 7.549   -3.863  2.115   1.00 32.90 ? 96   LEU A C   1 
ATOM   723  O O   . LEU A 1 96  ? 7.570   -4.786  1.306   1.00 32.69 ? 96   LEU A O   1 
ATOM   724  C CB  . LEU A 1 96  ? 5.932   -2.211  1.151   1.00 32.68 ? 96   LEU A CB  1 
ATOM   725  C CG  . LEU A 1 96  ? 4.843   -2.454  2.193   1.00 31.79 ? 96   LEU A CG  1 
ATOM   726  C CD1 . LEU A 1 96  ? 4.889   -1.338  3.201   1.00 31.98 ? 96   LEU A CD1 1 
ATOM   727  C CD2 . LEU A 1 96  ? 3.430   -2.608  1.563   1.00 28.17 ? 96   LEU A CD2 1 
ATOM   728  N N   . GLY A 1 97  ? 7.700   -4.038  3.415   1.00 33.27 ? 97   GLY A N   1 
ATOM   729  C CA  . GLY A 1 97  ? 7.907   -5.343  3.976   1.00 33.66 ? 97   GLY A CA  1 
ATOM   730  C C   . GLY A 1 97  ? 9.190   -6.010  3.511   1.00 34.03 ? 97   GLY A C   1 
ATOM   731  O O   . GLY A 1 97  ? 9.312   -7.213  3.623   1.00 34.70 ? 97   GLY A O   1 
ATOM   732  N N   . GLY A 1 98  ? 10.139  -5.238  2.978   1.00 34.08 ? 98   GLY A N   1 
ATOM   733  C CA  . GLY A 1 98  ? 11.452  -5.789  2.593   1.00 32.78 ? 98   GLY A CA  1 
ATOM   734  C C   . GLY A 1 98  ? 11.481  -6.047  1.100   1.00 32.36 ? 98   GLY A C   1 
ATOM   735  O O   . GLY A 1 98  ? 12.492  -6.409  0.536   1.00 32.20 ? 98   GLY A O   1 
ATOM   736  N N   . THR A 1 99  ? 10.334  -5.845  0.468   1.00 32.20 ? 99   THR A N   1 
ATOM   737  C CA  . THR A 1 99  ? 10.170  -6.064  -0.967  1.00 31.55 ? 99   THR A CA  1 
ATOM   738  C C   . THR A 1 99  ? 10.243  -4.740  -1.695  1.00 31.97 ? 99   THR A C   1 
ATOM   739  O O   . THR A 1 99  ? 9.670   -3.735  -1.274  1.00 30.61 ? 99   THR A O   1 
ATOM   740  C CB  . THR A 1 99  ? 8.773   -6.708  -1.321  1.00 32.19 ? 99   THR A CB  1 
ATOM   741  O OG1 . THR A 1 99  ? 8.624   -7.966  -0.661  1.00 33.74 ? 99   THR A OG1 1 
ATOM   742  C CG2 . THR A 1 99  ? 8.598   -6.904  -2.828  1.00 28.21 ? 99   THR A CG2 1 
ATOM   743  N N   . LYS A 1 100 ? 10.925  -4.779  -2.825  1.00 32.63 ? 100  LYS A N   1 
ATOM   744  C CA  . LYS A 1 100 ? 11.001  -3.646  -3.706  1.00 33.93 ? 100  LYS A CA  1 
ATOM   745  C C   . LYS A 1 100 ? 9.874   -3.653  -4.722  1.00 32.84 ? 100  LYS A C   1 
ATOM   746  O O   . LYS A 1 100 ? 9.709   -4.602  -5.484  1.00 32.98 ? 100  LYS A O   1 
ATOM   747  C CB  . LYS A 1 100 ? 12.318  -3.625  -4.457  1.00 34.11 ? 100  LYS A CB  1 
ATOM   748  C CG  . LYS A 1 100 ? 12.597  -2.276  -5.078  1.00 36.27 ? 100  LYS A CG  1 
ATOM   749  C CD  . LYS A 1 100 ? 13.789  -2.353  -6.013  1.00 39.19 ? 100  LYS A CD  1 
ATOM   750  C CE  . LYS A 1 100 ? 14.063  -0.985  -6.633  1.00 42.33 ? 100  LYS A CE  1 
ATOM   751  N NZ  . LYS A 1 100 ? 15.178  -1.021  -7.637  1.00 43.01 ? 100  LYS A NZ  1 
ATOM   752  N N   . TYR A 1 101 ? 9.123   -2.565  -4.749  1.00 30.95 ? 101  TYR A N   1 
ATOM   753  C CA  . TYR A 1 101 ? 8.204   -2.338  -5.852  1.00 30.67 ? 101  TYR A CA  1 
ATOM   754  C C   . TYR A 1 101 ? 8.681   -1.193  -6.715  1.00 30.81 ? 101  TYR A C   1 
ATOM   755  O O   . TYR A 1 101 ? 9.287   -0.227  -6.229  1.00 32.22 ? 101  TYR A O   1 
ATOM   756  C CB  . TYR A 1 101 ? 6.813   -1.993  -5.355  1.00 29.59 ? 101  TYR A CB  1 
ATOM   757  C CG  . TYR A 1 101 ? 6.189   -2.998  -4.427  1.00 27.25 ? 101  TYR A CG  1 
ATOM   758  C CD1 . TYR A 1 101 ? 5.058   -3.708  -4.812  1.00 27.43 ? 101  TYR A CD1 1 
ATOM   759  C CD2 . TYR A 1 101 ? 6.693   -3.209  -3.166  1.00 25.06 ? 101  TYR A CD2 1 
ATOM   760  C CE1 . TYR A 1 101 ? 4.447   -4.607  -3.963  1.00 26.31 ? 101  TYR A CE1 1 
ATOM   761  C CE2 . TYR A 1 101 ? 6.107   -4.106  -2.309  1.00 25.68 ? 101  TYR A CE2 1 
ATOM   762  C CZ  . TYR A 1 101 ? 4.969   -4.801  -2.720  1.00 26.28 ? 101  TYR A CZ  1 
ATOM   763  O OH  . TYR A 1 101 ? 4.361   -5.680  -1.885  1.00 24.71 ? 101  TYR A OH  1 
ATOM   764  N N   . GLN A 1 102 ? 8.357   -1.320  -7.989  1.00 29.76 ? 102  GLN A N   1 
ATOM   765  C CA  . GLN A 1 102 ? 8.523   -0.282  -8.973  1.00 30.30 ? 102  GLN A CA  1 
ATOM   766  C C   . GLN A 1 102 ? 7.304   0.665   -9.051  1.00 29.98 ? 102  GLN A C   1 
ATOM   767  O O   . GLN A 1 102 ? 6.157   0.258   -9.280  1.00 29.26 ? 102  GLN A O   1 
ATOM   768  C CB  . GLN A 1 102 ? 8.795   -0.901  -10.351 1.00 29.81 ? 102  GLN A CB  1 
ATOM   769  C CG  . GLN A 1 102 ? 9.167   0.130   -11.385 1.00 33.73 ? 102  GLN A CG  1 
ATOM   770  C CD  . GLN A 1 102 ? 8.895   -0.300  -12.814 1.00 36.96 ? 102  GLN A CD  1 
ATOM   771  O OE1 . GLN A 1 102 ? 8.634   -1.464  -13.092 1.00 41.16 ? 102  GLN A OE1 1 
ATOM   772  N NE2 . GLN A 1 102 ? 8.956   0.657   -13.734 1.00 42.84 ? 102  GLN A NE2 1 
ATOM   773  N N   . PHE A 1 103 ? 7.595   1.948   -8.890  1.00 30.51 ? 103  PHE A N   1 
ATOM   774  C CA  . PHE A 1 103 ? 6.605   3.039   -9.038  1.00 30.67 ? 103  PHE A CA  1 
ATOM   775  C C   . PHE A 1 103 ? 6.153   3.155   -10.482 1.00 29.52 ? 103  PHE A C   1 
ATOM   776  O O   . PHE A 1 103 ? 6.931   3.451   -11.374 1.00 29.03 ? 103  PHE A O   1 
ATOM   777  C CB  . PHE A 1 103 ? 7.198   4.363   -8.509  1.00 31.59 ? 103  PHE A CB  1 
ATOM   778  C CG  . PHE A 1 103 ? 6.299   5.588   -8.688  1.00 32.90 ? 103  PHE A CG  1 
ATOM   779  C CD1 . PHE A 1 103 ? 4.974   5.578   -8.266  1.00 32.24 ? 103  PHE A CD1 1 
ATOM   780  C CD2 . PHE A 1 103 ? 6.817   6.768   -9.235  1.00 32.70 ? 103  PHE A CD2 1 
ATOM   781  C CE1 . PHE A 1 103 ? 4.167   6.726   -8.410  1.00 35.73 ? 103  PHE A CE1 1 
ATOM   782  C CE2 . PHE A 1 103 ? 6.032   7.901   -9.381  1.00 32.86 ? 103  PHE A CE2 1 
ATOM   783  C CZ  . PHE A 1 103 ? 4.691   7.881   -8.973  1.00 32.73 ? 103  PHE A CZ  1 
ATOM   784  N N   . ILE A 1 104 ? 4.872   2.900   -10.712 1.00 29.61 ? 104  ILE A N   1 
ATOM   785  C CA  . ILE A 1 104 ? 4.331   2.888   -12.068 1.00 29.64 ? 104  ILE A CA  1 
ATOM   786  C C   . ILE A 1 104 ? 3.545   4.160   -12.387 1.00 29.96 ? 104  ILE A C   1 
ATOM   787  O O   . ILE A 1 104 ? 3.606   4.697   -13.499 1.00 29.42 ? 104  ILE A O   1 
ATOM   788  C CB  . ILE A 1 104 ? 3.416   1.668   -12.262 1.00 30.78 ? 104  ILE A CB  1 
ATOM   789  C CG1 . ILE A 1 104 ? 4.237   0.375   -12.117 1.00 32.01 ? 104  ILE A CG1 1 
ATOM   790  C CG2 . ILE A 1 104 ? 2.681   1.749   -13.620 1.00 30.66 ? 104  ILE A CG2 1 
ATOM   791  C CD1 . ILE A 1 104 ? 5.344   0.213   -13.172 1.00 28.02 ? 104  ILE A CD1 1 
ATOM   792  N N   . ASN A 1 105 ? 2.800   4.645   -11.408 1.00 31.18 ? 105  ASN A N   1 
ATOM   793  C CA  . ASN A 1 105 ? 1.843   5.721   -11.674 1.00 32.07 ? 105  ASN A CA  1 
ATOM   794  C C   . ASN A 1 105 ? 1.268   6.408   -10.438 1.00 31.56 ? 105  ASN A C   1 
ATOM   795  O O   . ASN A 1 105 ? 1.046   5.802   -9.392  1.00 29.44 ? 105  ASN A O   1 
ATOM   796  C CB  . ASN A 1 105 ? 0.696   5.182   -12.528 1.00 33.47 ? 105  ASN A CB  1 
ATOM   797  C CG  . ASN A 1 105 ? 0.031   6.267   -13.345 1.00 37.22 ? 105  ASN A CG  1 
ATOM   798  O OD1 . ASN A 1 105 ? 0.579   7.371   -13.482 1.00 43.65 ? 105  ASN A OD1 1 
ATOM   799  N ND2 . ASN A 1 105 ? -1.171  5.988   -13.855 1.00 39.09 ? 105  ASN A ND2 1 
ATOM   800  N N   . ILE A 1 106 ? 1.029   7.701   -10.579 1.00 32.18 ? 106  ILE A N   1 
ATOM   801  C CA  . ILE A 1 106 ? 0.254   8.401   -9.587  1.00 32.91 ? 106  ILE A CA  1 
ATOM   802  C C   . ILE A 1 106 ? -0.850  9.189   -10.253 1.00 32.69 ? 106  ILE A C   1 
ATOM   803  O O   . ILE A 1 106 ? -0.652  9.866   -11.249 1.00 33.65 ? 106  ILE A O   1 
ATOM   804  C CB  . ILE A 1 106 ? 1.098   9.297   -8.651  1.00 33.54 ? 106  ILE A CB  1 
ATOM   805  C CG1 . ILE A 1 106 ? 0.142   9.970   -7.653  1.00 35.53 ? 106  ILE A CG1 1 
ATOM   806  C CG2 . ILE A 1 106 ? 1.884   10.320  -9.467  1.00 33.07 ? 106  ILE A CG2 1 
ATOM   807  C CD1 . ILE A 1 106 ? 0.569   9.935   -6.201  1.00 35.45 ? 106  ILE A CD1 1 
ATOM   808  N N   . GLU A 1 107 ? -2.046  9.064   -9.710  1.00 32.77 ? 107  GLU A N   1 
ATOM   809  C CA  . GLU A 1 107 ? -3.166  9.832   -10.224 1.00 32.07 ? 107  GLU A CA  1 
ATOM   810  C C   . GLU A 1 107 ? -3.735  10.686  -9.115  1.00 30.90 ? 107  GLU A C   1 
ATOM   811  O O   . GLU A 1 107 ? -4.345  10.191  -8.180  1.00 31.91 ? 107  GLU A O   1 
ATOM   812  C CB  . GLU A 1 107 ? -4.213  8.913   -10.837 1.00 32.94 ? 107  GLU A CB  1 
ATOM   813  C CG  . GLU A 1 107 ? -3.901  8.534   -12.281 1.00 33.86 ? 107  GLU A CG  1 
ATOM   814  C CD  . GLU A 1 107 ? -4.541  7.217   -12.694 1.00 36.11 ? 107  GLU A CD  1 
ATOM   815  O OE1 . GLU A 1 107 ? -5.039  6.493   -11.804 1.00 38.08 ? 107  GLU A OE1 1 
ATOM   816  O OE2 . GLU A 1 107 ? -4.542  6.898   -13.905 1.00 37.38 ? 107  GLU A OE2 1 
ATOM   817  N N   . ARG A 1 108 ? -3.512  11.987  -9.235  1.00 30.09 ? 108  ARG A N   1 
ATOM   818  C CA  . ARG A 1 108 ? -3.969  12.961  -8.238  1.00 29.31 ? 108  ARG A CA  1 
ATOM   819  C C   . ARG A 1 108 ? -5.375  13.463  -8.554  1.00 28.27 ? 108  ARG A C   1 
ATOM   820  O O   . ARG A 1 108 ? -5.721  13.682  -9.697  1.00 25.78 ? 108  ARG A O   1 
ATOM   821  C CB  . ARG A 1 108 ? -2.964  14.114  -8.140  1.00 29.54 ? 108  ARG A CB  1 
ATOM   822  C CG  . ARG A 1 108 ? -1.532  13.615  -7.872  1.00 30.13 ? 108  ARG A CG  1 
ATOM   823  C CD  . ARG A 1 108 ? -0.622  14.702  -7.435  1.00 29.92 ? 108  ARG A CD  1 
ATOM   824  N NE  . ARG A 1 108 ? 0.777   14.284  -7.366  1.00 29.61 ? 108  ARG A NE  1 
ATOM   825  C CZ  . ARG A 1 108 ? 1.407   13.976  -6.233  1.00 27.07 ? 108  ARG A CZ  1 
ATOM   826  N NH1 . ARG A 1 108 ? 2.688   13.643  -6.249  1.00 27.43 ? 108  ARG A NH1 1 
ATOM   827  N NH2 . ARG A 1 108 ? 0.761   14.016  -5.080  1.00 24.21 ? 108  ARG A NH2 1 
ATOM   828  N N   . ASP A 1 109 ? -6.179  13.611  -7.515  1.00 29.01 ? 109  ASP A N   1 
ATOM   829  C CA  . ASP A 1 109 ? -7.598  14.001  -7.654  1.00 30.40 ? 109  ASP A CA  1 
ATOM   830  C C   . ASP A 1 109 ? -8.337  13.144  -8.676  1.00 28.23 ? 109  ASP A C   1 
ATOM   831  O O   . ASP A 1 109 ? -9.141  13.632  -9.446  1.00 27.97 ? 109  ASP A O   1 
ATOM   832  C CB  . ASP A 1 109 ? -7.749  15.491  -7.990  1.00 31.18 ? 109  ASP A CB  1 
ATOM   833  C CG  . ASP A 1 109 ? -8.050  16.338  -6.747  1.00 36.86 ? 109  ASP A CG  1 
ATOM   834  O OD1 . ASP A 1 109 ? -7.625  15.934  -5.631  1.00 40.78 ? 109  ASP A OD1 1 
ATOM   835  O OD2 . ASP A 1 109 ? -8.724  17.402  -6.876  1.00 43.58 ? 109  ASP A OD2 1 
ATOM   836  N N   . LEU A 1 110 ? -8.017  11.864  -8.679  1.00 27.25 ? 110  LEU A N   1 
ATOM   837  C CA  . LEU A 1 110 ? -8.797  10.881  -9.418  1.00 26.98 ? 110  LEU A CA  1 
ATOM   838  C C   . LEU A 1 110 ? -10.232 10.889  -8.894  1.00 25.64 ? 110  LEU A C   1 
ATOM   839  O O   . LEU A 1 110 ? -10.472 10.879  -7.686  1.00 25.63 ? 110  LEU A O   1 
ATOM   840  C CB  . LEU A 1 110 ? -8.155  9.491   -9.284  1.00 27.33 ? 110  LEU A CB  1 
ATOM   841  C CG  . LEU A 1 110 ? -8.849  8.295   -9.938  1.00 29.28 ? 110  LEU A CG  1 
ATOM   842  C CD1 . LEU A 1 110 ? -7.854  7.268   -10.491 1.00 30.10 ? 110  LEU A CD1 1 
ATOM   843  C CD2 . LEU A 1 110 ? -9.785  7.674   -8.902  1.00 31.17 ? 110  LEU A CD2 1 
ATOM   844  N N   . GLU A 1 111 ? -11.180 10.964  -9.813  1.00 25.65 ? 111  GLU A N   1 
ATOM   845  C CA  . GLU A 1 111 ? -12.622 10.995  -9.454  1.00 26.65 ? 111  GLU A CA  1 
ATOM   846  C C   . GLU A 1 111 ? -13.251 9.596   -9.435  1.00 26.94 ? 111  GLU A C   1 
ATOM   847  O O   . GLU A 1 111 ? -13.417 8.950   -10.477 1.00 26.39 ? 111  GLU A O   1 
ATOM   848  C CB  . GLU A 1 111 ? -13.397 11.917  -10.409 1.00 26.39 ? 111  GLU A CB  1 
ATOM   849  C CG  . GLU A 1 111 ? -12.736 13.283  -10.567 1.00 27.88 ? 111  GLU A CG  1 
ATOM   850  C CD  . GLU A 1 111 ? -13.577 14.310  -11.316 1.00 29.01 ? 111  GLU A CD  1 
ATOM   851  O OE1 . GLU A 1 111 ? -14.649 13.973  -11.882 1.00 29.24 ? 111  GLU A OE1 1 
ATOM   852  O OE2 . GLU A 1 111 ? -13.132 15.472  -11.360 1.00 31.12 ? 111  GLU A OE2 1 
ATOM   853  N N   . PHE A 1 112 ? -13.578 9.139   -8.232  1.00 27.30 ? 112  PHE A N   1 
ATOM   854  C CA  . PHE A 1 112 ? -14.298 7.874   -8.050  1.00 27.66 ? 112  PHE A CA  1 
ATOM   855  C C   . PHE A 1 112 ? -15.653 8.073   -7.353  1.00 27.21 ? 112  PHE A C   1 
ATOM   856  O O   . PHE A 1 112 ? -15.742 8.300   -6.140  1.00 28.12 ? 112  PHE A O   1 
ATOM   857  C CB  . PHE A 1 112 ? -13.436 6.846   -7.292  1.00 27.67 ? 112  PHE A CB  1 
ATOM   858  C CG  . PHE A 1 112 ? -14.116 5.506   -7.096  1.00 26.09 ? 112  PHE A CG  1 
ATOM   859  C CD1 . PHE A 1 112 ? -14.042 4.531   -8.067  1.00 28.55 ? 112  PHE A CD1 1 
ATOM   860  C CD2 . PHE A 1 112 ? -14.820 5.240   -5.943  1.00 25.77 ? 112  PHE A CD2 1 
ATOM   861  C CE1 . PHE A 1 112 ? -14.648 3.303   -7.886  1.00 28.23 ? 112  PHE A CE1 1 
ATOM   862  C CE2 . PHE A 1 112 ? -15.443 4.020   -5.748  1.00 26.41 ? 112  PHE A CE2 1 
ATOM   863  C CZ  . PHE A 1 112 ? -15.369 3.057   -6.727  1.00 27.10 ? 112  PHE A CZ  1 
ATOM   864  N N   . GLU A 1 113 ? -16.696 8.013   -8.163  1.00 27.56 ? 113  GLU A N   1 
ATOM   865  C CA  . GLU A 1 113 ? -18.078 8.079   -7.691  1.00 27.91 ? 113  GLU A CA  1 
ATOM   866  C C   . GLU A 1 113 ? -18.351 9.142   -6.628  1.00 26.44 ? 113  GLU A C   1 
ATOM   867  O O   . GLU A 1 113 ? -18.796 8.838   -5.526  1.00 24.76 ? 113  GLU A O   1 
ATOM   868  C CB  . GLU A 1 113 ? -18.485 6.708   -7.170  1.00 29.15 ? 113  GLU A CB  1 
ATOM   869  C CG  . GLU A 1 113 ? -18.066 5.603   -8.115  1.00 33.35 ? 113  GLU A CG  1 
ATOM   870  C CD  . GLU A 1 113 ? -18.701 4.275   -7.784  1.00 37.59 ? 113  GLU A CD  1 
ATOM   871  O OE1 . GLU A 1 113 ? -19.267 4.160   -6.671  1.00 42.15 ? 113  GLU A OE1 1 
ATOM   872  O OE2 . GLU A 1 113 ? -18.640 3.354   -8.638  1.00 40.40 ? 113  GLU A OE2 1 
ATOM   873  N N   . GLY A 1 114 ? -18.108 10.393  -6.985  1.00 26.10 ? 114  GLY A N   1 
ATOM   874  C CA  . GLY A 1 114 ? -18.484 11.527  -6.138  1.00 26.02 ? 114  GLY A CA  1 
ATOM   875  C C   . GLY A 1 114 ? -17.327 12.100  -5.340  1.00 26.11 ? 114  GLY A C   1 
ATOM   876  O O   . GLY A 1 114 ? -17.424 13.207  -4.853  1.00 25.64 ? 114  GLY A O   1 
ATOM   877  N N   . TYR A 1 115 ? -16.240 11.333  -5.221  1.00 27.45 ? 115  TYR A N   1 
ATOM   878  C CA  . TYR A 1 115 ? -15.064 11.704  -4.392  1.00 29.08 ? 115  TYR A CA  1 
ATOM   879  C C   . TYR A 1 115 ? -13.768 11.700  -5.169  1.00 29.76 ? 115  TYR A C   1 
ATOM   880  O O   . TYR A 1 115 ? -13.575 10.890  -6.078  1.00 30.45 ? 115  TYR A O   1 
ATOM   881  C CB  . TYR A 1 115 ? -14.913 10.760  -3.175  1.00 29.68 ? 115  TYR A CB  1 
ATOM   882  C CG  . TYR A 1 115 ? -16.097 10.852  -2.259  1.00 29.87 ? 115  TYR A CG  1 
ATOM   883  C CD1 . TYR A 1 115 ? -16.128 11.764  -1.226  1.00 32.78 ? 115  TYR A CD1 1 
ATOM   884  C CD2 . TYR A 1 115 ? -17.219 10.072  -2.478  1.00 34.08 ? 115  TYR A CD2 1 
ATOM   885  C CE1 . TYR A 1 115 ? -17.253 11.896  -0.412  1.00 33.63 ? 115  TYR A CE1 1 
ATOM   886  C CE2 . TYR A 1 115 ? -18.342 10.185  -1.678  1.00 35.16 ? 115  TYR A CE2 1 
ATOM   887  C CZ  . TYR A 1 115 ? -18.348 11.102  -0.641  1.00 34.96 ? 115  TYR A CZ  1 
ATOM   888  O OH  . TYR A 1 115 ? -19.461 11.209  0.159   1.00 37.88 ? 115  TYR A OH  1 
ATOM   889  N N   . ASN A 1 116 ? -12.871 12.602  -4.780  1.00 30.52 ? 116  ASN A N   1 
ATOM   890  C CA  . ASN A 1 116 ? -11.512 12.652  -5.337  1.00 31.18 ? 116  ASN A CA  1 
ATOM   891  C C   . ASN A 1 116 ? -10.463 11.983  -4.468  1.00 30.92 ? 116  ASN A C   1 
ATOM   892  O O   . ASN A 1 116 ? -10.508 12.039  -3.234  1.00 30.50 ? 116  ASN A O   1 
ATOM   893  C CB  . ASN A 1 116 ? -11.089 14.088  -5.624  1.00 31.65 ? 116  ASN A CB  1 
ATOM   894  C CG  . ASN A 1 116 ? -11.874 14.693  -6.754  1.00 34.18 ? 116  ASN A CG  1 
ATOM   895  O OD1 . ASN A 1 116 ? -13.040 14.370  -6.952  1.00 38.40 ? 116  ASN A OD1 1 
ATOM   896  N ND2 . ASN A 1 116 ? -11.240 15.572  -7.513  1.00 38.91 ? 116  ASN A ND2 1 
ATOM   897  N N   . PHE A 1 117 ? -9.513  11.354  -5.148  1.00 30.50 ? 117  PHE A N   1 
ATOM   898  C CA  . PHE A 1 117 ? -8.462  10.585  -4.487  1.00 30.76 ? 117  PHE A CA  1 
ATOM   899  C C   . PHE A 1 117 ? -7.108  10.703  -5.157  1.00 30.29 ? 117  PHE A C   1 
ATOM   900  O O   . PHE A 1 117 ? -7.006  10.737  -6.381  1.00 29.62 ? 117  PHE A O   1 
ATOM   901  C CB  . PHE A 1 117 ? -8.843  9.097   -4.440  1.00 30.44 ? 117  PHE A CB  1 
ATOM   902  C CG  . PHE A 1 117 ? -10.054 8.812   -3.595  1.00 30.89 ? 117  PHE A CG  1 
ATOM   903  C CD1 . PHE A 1 117 ? -9.983  8.886   -2.218  1.00 30.59 ? 117  PHE A CD1 1 
ATOM   904  C CD2 . PHE A 1 117 ? -11.264 8.471   -4.183  1.00 29.93 ? 117  PHE A CD2 1 
ATOM   905  C CE1 . PHE A 1 117 ? -11.094 8.623   -1.447  1.00 31.22 ? 117  PHE A CE1 1 
ATOM   906  C CE2 . PHE A 1 117 ? -12.366 8.182   -3.411  1.00 29.88 ? 117  PHE A CE2 1 
ATOM   907  C CZ  . PHE A 1 117 ? -12.280 8.271   -2.045  1.00 30.16 ? 117  PHE A CZ  1 
ATOM   908  N N   . ASP A 1 118 ? -6.080  10.778  -4.318  1.00 30.52 ? 118  ASP A N   1 
ATOM   909  C CA  . ASP A 1 118 ? -4.705  10.654  -4.771  1.00 32.54 ? 118  ASP A CA  1 
ATOM   910  C C   . ASP A 1 118 ? -4.381  9.179   -4.623  1.00 31.11 ? 118  ASP A C   1 
ATOM   911  O O   . ASP A 1 118 ? -4.424  8.644   -3.525  1.00 29.45 ? 118  ASP A O   1 
ATOM   912  C CB  . ASP A 1 118 ? -3.725  11.447  -3.907  1.00 33.82 ? 118  ASP A CB  1 
ATOM   913  C CG  . ASP A 1 118 ? -3.840  12.946  -4.089  1.00 38.30 ? 118  ASP A CG  1 
ATOM   914  O OD1 . ASP A 1 118 ? -4.600  13.434  -4.971  1.00 41.61 ? 118  ASP A OD1 1 
ATOM   915  O OD2 . ASP A 1 118 ? -3.118  13.644  -3.330  1.00 43.09 ? 118  ASP A OD2 1 
ATOM   916  N N   . VAL A 1 119 ? -4.063  8.543   -5.737  1.00 30.92 ? 119  VAL A N   1 
ATOM   917  C CA  . VAL A 1 119 ? -3.854  7.090   -5.768  1.00 31.60 ? 119  VAL A CA  1 
ATOM   918  C C   . VAL A 1 119 ? -2.635  6.767   -6.595  1.00 31.12 ? 119  VAL A C   1 
ATOM   919  O O   . VAL A 1 119 ? -2.526  7.194   -7.747  1.00 30.35 ? 119  VAL A O   1 
ATOM   920  C CB  . VAL A 1 119 ? -5.074  6.323   -6.363  1.00 31.17 ? 119  VAL A CB  1 
ATOM   921  C CG1 . VAL A 1 119 ? -5.515  6.971   -7.623  1.00 34.24 ? 119  VAL A CG1 1 
ATOM   922  C CG2 . VAL A 1 119 ? -4.733  4.822   -6.612  1.00 30.30 ? 119  VAL A CG2 1 
ATOM   923  N N   . ALA A 1 120 ? -1.737  5.992   -5.986  1.00 30.88 ? 120  ALA A N   1 
ATOM   924  C CA  . ALA A 1 120 ? -0.480  5.582   -6.615  1.00 31.64 ? 120  ALA A CA  1 
ATOM   925  C C   . ALA A 1 120 ? -0.469  4.072   -6.770  1.00 32.14 ? 120  ALA A C   1 
ATOM   926  O O   . ALA A 1 120 ? -1.063  3.344   -5.979  1.00 32.47 ? 120  ALA A O   1 
ATOM   927  C CB  . ALA A 1 120 ? 0.742   6.078   -5.788  1.00 29.68 ? 120  ALA A CB  1 
ATOM   928  N N   . THR A 1 121 ? 0.191   3.612   -7.820  1.00 33.65 ? 121  THR A N   1 
ATOM   929  C CA  . THR A 1 121 ? 0.308   2.175   -8.095  1.00 34.95 ? 121  THR A CA  1 
ATOM   930  C C   . THR A 1 121 ? 1.764   1.792   -8.350  1.00 34.05 ? 121  THR A C   1 
ATOM   931  O O   . THR A 1 121 ? 2.477   2.486   -9.056  1.00 33.19 ? 121  THR A O   1 
ATOM   932  C CB  . THR A 1 121 ? -0.571  1.762   -9.298  1.00 35.89 ? 121  THR A CB  1 
ATOM   933  O OG1 . THR A 1 121 ? -1.941  1.603   -8.864  1.00 41.28 ? 121  THR A OG1 1 
ATOM   934  C CG2 . THR A 1 121 ? -0.092  0.449   -9.893  1.00 37.86 ? 121  THR A CG2 1 
ATOM   935  N N   . CYS A 1 122 ? 2.178   0.703   -7.708  1.00 34.18 ? 122  CYS A N   1 
ATOM   936  C CA  . CYS A 1 122 ? 3.522   0.116   -7.842  1.00 33.95 ? 122  CYS A CA  1 
ATOM   937  C C   . CYS A 1 122 ? 3.436   -1.387  -8.135  1.00 32.68 ? 122  CYS A C   1 
ATOM   938  O O   . CYS A 1 122 ? 2.490   -2.069  -7.719  1.00 32.32 ? 122  CYS A O   1 
ATOM   939  C CB  . CYS A 1 122 ? 4.328   0.291   -6.549  1.00 33.65 ? 122  CYS A CB  1 
ATOM   940  S SG  . CYS A 1 122 ? 4.479   1.963   -5.903  1.00 40.10 ? 122  CYS A SG  1 
ATOM   941  N N   . ALA A 1 123 ? 4.469   -1.891  -8.804  1.00 31.63 ? 123  ALA A N   1 
ATOM   942  C CA  . ALA A 1 123 ? 4.512   -3.272  -9.268  1.00 31.60 ? 123  ALA A CA  1 
ATOM   943  C C   . ALA A 1 123 ? 5.681   -4.086  -8.701  1.00 31.27 ? 123  ALA A C   1 
ATOM   944  O O   . ALA A 1 123 ? 6.812   -3.604  -8.542  1.00 31.35 ? 123  ALA A O   1 
ATOM   945  C CB  . ALA A 1 123 ? 4.538   -3.299  -10.801 1.00 30.81 ? 123  ALA A CB  1 
ATOM   946  N N   . LYS A 1 124 ? 5.385   -5.341  -8.405  1.00 30.58 ? 124  LYS A N   1 
ATOM   947  C CA  . LYS A 1 124 ? 6.433   -6.344  -8.203  1.00 30.13 ? 124  LYS A CA  1 
ATOM   948  C C   . LYS A 1 124 ? 6.281   -7.481  -9.202  1.00 30.57 ? 124  LYS A C   1 
ATOM   949  O O   . LYS A 1 124 ? 5.462   -7.402  -10.118 1.00 32.03 ? 124  LYS A O   1 
ATOM   950  C CB  . LYS A 1 124 ? 6.436   -6.902  -6.775  1.00 29.45 ? 124  LYS A CB  1 
ATOM   951  C CG  . LYS A 1 124 ? 5.093   -7.283  -6.186  1.00 28.84 ? 124  LYS A CG  1 
ATOM   952  C CD  . LYS A 1 124 ? 5.271   -8.303  -5.104  1.00 32.20 ? 124  LYS A CD  1 
ATOM   953  C CE  . LYS A 1 124 ? 5.537   -9.663  -5.754  1.00 35.91 ? 124  LYS A CE  1 
ATOM   954  N NZ  . LYS A 1 124 ? 6.208   -10.650 -4.863  1.00 39.39 ? 124  LYS A NZ  1 
ATOM   955  N N   . LEU A 1 125 ? 7.063   -8.542  -9.001  1.00 30.35 ? 125  LEU A N   1 
ATOM   956  C CA  . LEU A 1 125 ? 6.916   -9.751  -9.780  1.00 30.28 ? 125  LEU A CA  1 
ATOM   957  C C   . LEU A 1 125 ? 5.544   -10.331 -9.434  1.00 29.68 ? 125  LEU A C   1 
ATOM   958  O O   . LEU A 1 125 ? 5.246   -10.601 -8.274  1.00 30.26 ? 125  LEU A O   1 
ATOM   959  C CB  . LEU A 1 125 ? 8.048   -10.747 -9.476  1.00 30.89 ? 125  LEU A CB  1 
ATOM   960  C CG  . LEU A 1 125 ? 7.939   -12.110 -10.179 1.00 31.92 ? 125  LEU A CG  1 
ATOM   961  C CD1 . LEU A 1 125 ? 7.825   -11.936 -11.675 1.00 32.75 ? 125  LEU A CD1 1 
ATOM   962  C CD2 . LEU A 1 125 ? 9.115   -13.011 -9.847  1.00 32.58 ? 125  LEU A CD2 1 
ATOM   963  N N   . LYS A 1 126 ? 4.692   -10.474 -10.441 1.00 29.68 ? 126  LYS A N   1 
ATOM   964  C CA  . LYS A 1 126 ? 3.401   -11.182 -10.279 1.00 28.89 ? 126  LYS A CA  1 
ATOM   965  C C   . LYS A 1 126 ? 2.559   -10.592 -9.152  1.00 28.28 ? 126  LYS A C   1 
ATOM   966  O O   . LYS A 1 126 ? 1.921   -11.308 -8.380  1.00 27.45 ? 126  LYS A O   1 
ATOM   967  C CB  . LYS A 1 126 ? 3.645   -12.672 -10.054 1.00 28.55 ? 126  LYS A CB  1 
ATOM   968  C CG  . LYS A 1 126 ? 4.438   -13.302 -11.189 1.00 29.74 ? 126  LYS A CG  1 
ATOM   969  C CD  . LYS A 1 126 ? 4.605   -14.816 -11.020 1.00 31.28 ? 126  LYS A CD  1 
ATOM   970  C CE  . LYS A 1 126 ? 3.404   -15.524 -11.601 1.00 33.52 ? 126  LYS A CE  1 
ATOM   971  N NZ  . LYS A 1 126 ? 3.629   -16.993 -11.803 1.00 34.90 ? 126  LYS A NZ  1 
ATOM   972  N N   . GLY A 1 127 ? 2.578   -9.263  -9.072  1.00 27.49 ? 127  GLY A N   1 
ATOM   973  C CA  . GLY A 1 127 ? 1.808   -8.546  -8.083  1.00 27.30 ? 127  GLY A CA  1 
ATOM   974  C C   . GLY A 1 127 ? 2.093   -7.067  -8.018  1.00 26.84 ? 127  GLY A C   1 
ATOM   975  O O   . GLY A 1 127 ? 2.821   -6.510  -8.826  1.00 26.32 ? 127  GLY A O   1 
ATOM   976  N N   . GLY A 1 128 ? 1.525   -6.438  -7.014  1.00 27.89 ? 128  GLY A N   1 
ATOM   977  C CA  . GLY A 1 128 ? 1.741   -5.010  -6.813  1.00 30.06 ? 128  GLY A CA  1 
ATOM   978  C C   . GLY A 1 128 ? 1.032   -4.465  -5.604  1.00 30.15 ? 128  GLY A C   1 
ATOM   979  O O   . GLY A 1 128 ? 0.538   -5.206  -4.758  1.00 28.79 ? 128  GLY A O   1 
ATOM   980  N N   . LEU A 1 129 ? 0.959   -3.143  -5.557  1.00 31.16 ? 129  LEU A N   1 
ATOM   981  C CA  . LEU A 1 129 ? 0.213   -2.478  -4.512  1.00 31.82 ? 129  LEU A CA  1 
ATOM   982  C C   . LEU A 1 129 ? -0.387  -1.159  -4.984  1.00 30.78 ? 129  LEU A C   1 
ATOM   983  O O   . LEU A 1 129 ? 0.055   -0.570  -5.960  1.00 30.96 ? 129  LEU A O   1 
ATOM   984  C CB  . LEU A 1 129 ? 1.097   -2.288  -3.280  1.00 32.95 ? 129  LEU A CB  1 
ATOM   985  C CG  . LEU A 1 129 ? 2.309   -1.390  -3.445  1.00 33.65 ? 129  LEU A CG  1 
ATOM   986  C CD1 . LEU A 1 129 ? 1.811   0.039   -3.731  1.00 34.63 ? 129  LEU A CD1 1 
ATOM   987  C CD2 . LEU A 1 129 ? 3.200   -1.459  -2.200  1.00 34.58 ? 129  LEU A CD2 1 
ATOM   988  N N   . HIS A 1 130 ? -1.434  -0.741  -4.295  1.00 29.67 ? 130  HIS A N   1 
ATOM   989  C CA  . HIS A 1 130 ? -2.018  0.576   -4.510  1.00 29.36 ? 130  HIS A CA  1 
ATOM   990  C C   . HIS A 1 130 ? -1.938  1.306   -3.205  1.00 28.46 ? 130  HIS A C   1 
ATOM   991  O O   . HIS A 1 130 ? -2.085  0.702   -2.141  1.00 26.33 ? 130  HIS A O   1 
ATOM   992  C CB  . HIS A 1 130 ? -3.486  0.471   -4.945  1.00 29.69 ? 130  HIS A CB  1 
ATOM   993  C CG  . HIS A 1 130 ? -3.678  -0.367  -6.170  1.00 29.49 ? 130  HIS A CG  1 
ATOM   994  N ND1 . HIS A 1 130 ? -3.363  0.084   -7.431  1.00 29.00 ? 130  HIS A ND1 1 
ATOM   995  C CD2 . HIS A 1 130 ? -4.119  -1.637  -6.324  1.00 26.76 ? 130  HIS A CD2 1 
ATOM   996  C CE1 . HIS A 1 130 ? -3.639  -0.860  -8.316  1.00 27.43 ? 130  HIS A CE1 1 
ATOM   997  N NE2 . HIS A 1 130 ? -4.095  -1.913  -7.669  1.00 27.22 ? 130  HIS A NE2 1 
ATOM   998  N N   . LEU A 1 131 ? -1.680  2.599   -3.319  1.00 28.35 ? 131  LEU A N   1 
ATOM   999  C CA  . LEU A 1 131 ? -1.657  3.525   -2.180  1.00 29.18 ? 131  LEU A CA  1 
ATOM   1000 C C   . LEU A 1 131 ? -2.650  4.648   -2.430  1.00 29.06 ? 131  LEU A C   1 
ATOM   1001 O O   . LEU A 1 131 ? -2.607  5.316   -3.482  1.00 29.43 ? 131  LEU A O   1 
ATOM   1002 C CB  . LEU A 1 131 ? -0.280  4.169   -2.045  1.00 28.31 ? 131  LEU A CB  1 
ATOM   1003 C CG  . LEU A 1 131 ? 0.918   3.242   -1.923  1.00 28.70 ? 131  LEU A CG  1 
ATOM   1004 C CD1 . LEU A 1 131 ? 2.209   4.015   -2.213  1.00 25.46 ? 131  LEU A CD1 1 
ATOM   1005 C CD2 . LEU A 1 131 ? 0.945   2.591   -0.532  1.00 26.14 ? 131  LEU A CD2 1 
ATOM   1006 N N   . VAL A 1 132 ? -3.519  4.856   -1.447  1.00 28.68 ? 132  VAL A N   1 
ATOM   1007 C CA  . VAL A 1 132 ? -4.587  5.842   -1.532  1.00 28.50 ? 132  VAL A CA  1 
ATOM   1008 C C   . VAL A 1 132 ? -4.629  6.680   -0.261  1.00 28.82 ? 132  VAL A C   1 
ATOM   1009 O O   . VAL A 1 132 ? -4.746  6.148   0.842   1.00 28.75 ? 132  VAL A O   1 
ATOM   1010 C CB  . VAL A 1 132 ? -5.972  5.167   -1.706  1.00 29.60 ? 132  VAL A CB  1 
ATOM   1011 C CG1 . VAL A 1 132 ? -7.056  6.226   -2.114  1.00 28.13 ? 132  VAL A CG1 1 
ATOM   1012 C CG2 . VAL A 1 132 ? -5.892  4.024   -2.686  1.00 27.54 ? 132  VAL A CG2 1 
ATOM   1013 N N   . LYS A 1 133 ? -4.522  7.997   -0.413  1.00 29.55 ? 133  LYS A N   1 
ATOM   1014 C CA  . LYS A 1 133 ? -4.699  8.887   0.735   1.00 30.42 ? 133  LYS A CA  1 
ATOM   1015 C C   . LYS A 1 133 ? -6.182  8.949   1.113   1.00 30.03 ? 133  LYS A C   1 
ATOM   1016 O O   . LYS A 1 133 ? -7.016  9.237   0.280   1.00 30.95 ? 133  LYS A O   1 
ATOM   1017 C CB  . LYS A 1 133 ? -4.138  10.285  0.461   1.00 30.98 ? 133  LYS A CB  1 
ATOM   1018 C CG  . LYS A 1 133 ? -2.672  10.338  0.657   1.00 33.15 ? 133  LYS A CG  1 
ATOM   1019 C CD  . LYS A 1 133 ? -2.180  11.731  0.838   1.00 35.94 ? 133  LYS A CD  1 
ATOM   1020 C CE  . LYS A 1 133 ? -0.746  11.730  1.295   1.00 37.96 ? 133  LYS A CE  1 
ATOM   1021 N NZ  . LYS A 1 133 ? -0.226  13.123  1.440   1.00 40.11 ? 133  LYS A NZ  1 
ATOM   1022 N N   . VAL A 1 134 ? -6.485  8.648   2.368   1.00 30.51 ? 134  VAL A N   1 
ATOM   1023 C CA  . VAL A 1 134 ? -7.865  8.584   2.884   1.00 31.45 ? 134  VAL A CA  1 
ATOM   1024 C C   . VAL A 1 134 ? -7.918  9.485   4.125   1.00 33.03 ? 134  VAL A C   1 
ATOM   1025 O O   . VAL A 1 134 ? -6.879  9.938   4.579   1.00 34.20 ? 134  VAL A O   1 
ATOM   1026 C CB  . VAL A 1 134 ? -8.285  7.106   3.200   1.00 31.15 ? 134  VAL A CB  1 
ATOM   1027 C CG1 . VAL A 1 134 ? -8.099  6.236   1.965   1.00 29.68 ? 134  VAL A CG1 1 
ATOM   1028 C CG2 . VAL A 1 134 ? -7.465  6.513   4.358   1.00 29.43 ? 134  VAL A CG2 1 
ATOM   1029 N N   . PRO A 1 135 ? -9.111  9.762   4.687   1.00 34.90 ? 135  PRO A N   1 
ATOM   1030 C CA  . PRO A 1 135 ? -9.111  10.814  5.725   1.00 35.68 ? 135  PRO A CA  1 
ATOM   1031 C C   . PRO A 1 135 ? -8.472  10.407  7.031   1.00 36.08 ? 135  PRO A C   1 
ATOM   1032 O O   . PRO A 1 135 ? -8.197  9.231   7.262   1.00 37.33 ? 135  PRO A O   1 
ATOM   1033 C CB  . PRO A 1 135 ? -10.598 11.099  5.957   1.00 35.96 ? 135  PRO A CB  1 
ATOM   1034 C CG  . PRO A 1 135 ? -11.292 9.841   5.548   1.00 36.80 ? 135  PRO A CG  1 
ATOM   1035 C CD  . PRO A 1 135 ? -10.450 9.190   4.465   1.00 35.22 ? 135  PRO A CD  1 
ATOM   1036 N N   . GLY A 1 136 ? -8.266  11.405  7.879   1.00 35.89 ? 136  GLY A N   1 
ATOM   1037 C CA  . GLY A 1 136 ? -7.628  11.217  9.171   1.00 35.07 ? 136  GLY A CA  1 
ATOM   1038 C C   . GLY A 1 136 ? -6.128  11.348  9.002   1.00 34.02 ? 136  GLY A C   1 
ATOM   1039 O O   . GLY A 1 136 ? -5.368  11.163  9.949   1.00 34.90 ? 136  GLY A O   1 
ATOM   1040 N N   . GLY A 1 137 ? -5.720  11.683  7.782   1.00 32.48 ? 137  GLY A N   1 
ATOM   1041 C CA  . GLY A 1 137 ? -4.300  11.801  7.436   1.00 31.45 ? 137  GLY A CA  1 
ATOM   1042 C C   . GLY A 1 137 ? -3.701  10.406  7.356   1.00 30.15 ? 137  GLY A C   1 
ATOM   1043 O O   . GLY A 1 137 ? -2.643  10.137  7.923   1.00 27.87 ? 137  GLY A O   1 
ATOM   1044 N N   . ASN A 1 138 ? -4.425  9.518   6.678   1.00 29.68 ? 138  ASN A N   1 
ATOM   1045 C CA  . ASN A 1 138 ? -4.014  8.122   6.512   1.00 29.89 ? 138  ASN A CA  1 
ATOM   1046 C C   . ASN A 1 138 ? -3.707  7.791   5.067   1.00 29.72 ? 138  ASN A C   1 
ATOM   1047 O O   . ASN A 1 138 ? -4.253  8.395   4.151   1.00 28.75 ? 138  ASN A O   1 
ATOM   1048 C CB  . ASN A 1 138 ? -5.117  7.171   6.976   1.00 30.48 ? 138  ASN A CB  1 
ATOM   1049 C CG  . ASN A 1 138 ? -5.229  7.086   8.475   1.00 31.98 ? 138  ASN A CG  1 
ATOM   1050 O OD1 . ASN A 1 138 ? -6.257  7.461   9.057   1.00 36.28 ? 138  ASN A OD1 1 
ATOM   1051 N ND2 . ASN A 1 138 ? -4.186  6.601   9.114   1.00 30.49 ? 138  ASN A ND2 1 
ATOM   1052 N N   . ILE A 1 139 ? -2.825  6.810   4.889   1.00 29.89 ? 139  ILE A N   1 
ATOM   1053 C CA  . ILE A 1 139 ? -2.604  6.185   3.601   1.00 29.86 ? 139  ILE A CA  1 
ATOM   1054 C C   . ILE A 1 139 ? -3.089  4.727   3.684   1.00 31.59 ? 139  ILE A C   1 
ATOM   1055 O O   . ILE A 1 139 ? -2.777  3.982   4.641   1.00 31.67 ? 139  ILE A O   1 
ATOM   1056 C CB  . ILE A 1 139 ? -1.108  6.260   3.175   1.00 29.64 ? 139  ILE A CB  1 
ATOM   1057 C CG1 . ILE A 1 139 ? -0.622  7.714   3.177   1.00 28.83 ? 139  ILE A CG1 1 
ATOM   1058 C CG2 . ILE A 1 139 ? -0.907  5.639   1.798   1.00 27.17 ? 139  ILE A CG2 1 
ATOM   1059 C CD1 . ILE A 1 139 ? 0.880   7.855   3.006   1.00 27.78 ? 139  ILE A CD1 1 
ATOM   1060 N N   . LEU A 1 140 ? -3.892  4.345   2.696   1.00 32.32 ? 140  LEU A N   1 
ATOM   1061 C CA  . LEU A 1 140 ? -4.400  2.972   2.594   1.00 33.29 ? 140  LEU A CA  1 
ATOM   1062 C C   . LEU A 1 140 ? -3.456  2.216   1.666   1.00 32.63 ? 140  LEU A C   1 
ATOM   1063 O O   . LEU A 1 140 ? -3.141  2.690   0.579   1.00 32.08 ? 140  LEU A O   1 
ATOM   1064 C CB  . LEU A 1 140 ? -5.837  2.935   2.045   1.00 33.10 ? 140  LEU A CB  1 
ATOM   1065 C CG  . LEU A 1 140 ? -6.357  1.541   1.650   1.00 33.39 ? 140  LEU A CG  1 
ATOM   1066 C CD1 . LEU A 1 140 ? -6.683  0.729   2.908   1.00 33.05 ? 140  LEU A CD1 1 
ATOM   1067 C CD2 . LEU A 1 140 ? -7.584  1.650   0.725   1.00 32.20 ? 140  LEU A CD2 1 
ATOM   1068 N N   . VAL A 1 141 ? -2.968  1.075   2.132   1.00 32.30 ? 141  VAL A N   1 
ATOM   1069 C CA  . VAL A 1 141 ? -2.054  0.243   1.339   1.00 32.32 ? 141  VAL A CA  1 
ATOM   1070 C C   . VAL A 1 141 ? -2.779  -1.036  0.978   1.00 32.28 ? 141  VAL A C   1 
ATOM   1071 O O   . VAL A 1 141 ? -3.257  -1.764  1.845   1.00 31.42 ? 141  VAL A O   1 
ATOM   1072 C CB  . VAL A 1 141 ? -0.805  -0.163  2.125   1.00 33.05 ? 141  VAL A CB  1 
ATOM   1073 C CG1 . VAL A 1 141 ? 0.321   -0.686  1.129   1.00 33.08 ? 141  VAL A CG1 1 
ATOM   1074 C CG2 . VAL A 1 141 ? -0.345  0.986   3.049   1.00 32.96 ? 141  VAL A CG2 1 
ATOM   1075 N N   . VAL A 1 142 ? -2.884  -1.297  -0.306  1.00 32.29 ? 142  VAL A N   1 
ATOM   1076 C CA  . VAL A 1 142 ? -3.551  -2.495  -0.743  1.00 33.00 ? 142  VAL A CA  1 
ATOM   1077 C C   . VAL A 1 142 ? -2.609  -3.311  -1.619  1.00 32.37 ? 142  VAL A C   1 
ATOM   1078 O O   . VAL A 1 142 ? -1.982  -2.768  -2.551  1.00 32.16 ? 142  VAL A O   1 
ATOM   1079 C CB  . VAL A 1 142 ? -4.867  -2.138  -1.459  1.00 33.82 ? 142  VAL A CB  1 
ATOM   1080 C CG1 . VAL A 1 142 ? -5.426  -3.332  -2.164  1.00 34.34 ? 142  VAL A CG1 1 
ATOM   1081 C CG2 . VAL A 1 142 ? -5.867  -1.530  -0.452  1.00 33.13 ? 142  VAL A CG2 1 
ATOM   1082 N N   . LEU A 1 143 ? -2.483  -4.599  -1.272  1.00 30.72 ? 143  LEU A N   1 
ATOM   1083 C CA  . LEU A 1 143 ? -1.669  -5.549  -2.048  1.00 30.97 ? 143  LEU A CA  1 
ATOM   1084 C C   . LEU A 1 143 ? -2.529  -6.418  -2.961  1.00 30.96 ? 143  LEU A C   1 
ATOM   1085 O O   . LEU A 1 143 ? -3.688  -6.720  -2.649  1.00 31.02 ? 143  LEU A O   1 
ATOM   1086 C CB  . LEU A 1 143 ? -0.833  -6.454  -1.135  1.00 30.47 ? 143  LEU A CB  1 
ATOM   1087 C CG  . LEU A 1 143 ? -0.037  -5.762  -0.020  1.00 31.39 ? 143  LEU A CG  1 
ATOM   1088 C CD1 . LEU A 1 143 ? 0.880   -6.755  0.615   1.00 29.87 ? 143  LEU A CD1 1 
ATOM   1089 C CD2 . LEU A 1 143 ? 0.752   -4.588  -0.581  1.00 29.08 ? 143  LEU A CD2 1 
ATOM   1090 N N   . TYR A 1 144 ? -1.947  -6.772  -4.101  1.00 30.80 ? 144  TYR A N   1 
ATOM   1091 C CA  . TYR A 1 144 ? -2.518  -7.768  -5.007  1.00 30.59 ? 144  TYR A CA  1 
ATOM   1092 C C   . TYR A 1 144 ? -1.483  -8.773  -5.537  1.00 30.22 ? 144  TYR A C   1 
ATOM   1093 O O   . TYR A 1 144 ? -0.283  -8.484  -5.695  1.00 27.43 ? 144  TYR A O   1 
ATOM   1094 C CB  . TYR A 1 144 ? -3.301  -7.114  -6.162  1.00 30.84 ? 144  TYR A CB  1 
ATOM   1095 C CG  . TYR A 1 144 ? -2.454  -6.445  -7.208  1.00 29.30 ? 144  TYR A CG  1 
ATOM   1096 C CD1 . TYR A 1 144 ? -1.985  -7.150  -8.305  1.00 30.85 ? 144  TYR A CD1 1 
ATOM   1097 C CD2 . TYR A 1 144 ? -2.151  -5.096  -7.118  1.00 31.08 ? 144  TYR A CD2 1 
ATOM   1098 C CE1 . TYR A 1 144 ? -1.200  -6.538  -9.271  1.00 30.00 ? 144  TYR A CE1 1 
ATOM   1099 C CE2 . TYR A 1 144 ? -1.358  -4.466  -8.084  1.00 31.70 ? 144  TYR A CE2 1 
ATOM   1100 C CZ  . TYR A 1 144 ? -0.885  -5.194  -9.142  1.00 31.02 ? 144  TYR A CZ  1 
ATOM   1101 O OH  . TYR A 1 144 ? -0.133  -4.564  -10.098 1.00 32.39 ? 144  TYR A OH  1 
ATOM   1102 N N   . ASP A 1 145 ? -1.990  -9.979  -5.781  1.00 30.82 ? 145  ASP A N   1 
ATOM   1103 C CA  . ASP A 1 145 ? -1.150  -11.147 -6.070  1.00 31.37 ? 145  ASP A CA  1 
ATOM   1104 C C   . ASP A 1 145 ? -1.740  -11.906 -7.246  1.00 31.80 ? 145  ASP A C   1 
ATOM   1105 O O   . ASP A 1 145 ? -2.796  -12.549 -7.130  1.00 31.06 ? 145  ASP A O   1 
ATOM   1106 C CB  . ASP A 1 145 ? -1.063  -12.020 -4.822  1.00 31.69 ? 145  ASP A CB  1 
ATOM   1107 C CG  . ASP A 1 145 ? -0.225  -13.292 -5.018  1.00 33.37 ? 145  ASP A CG  1 
ATOM   1108 O OD1 . ASP A 1 145 ? 0.068   -13.710 -6.163  1.00 34.72 ? 145  ASP A OD1 1 
ATOM   1109 O OD2 . ASP A 1 145 ? 0.147   -13.882 -3.990  1.00 34.19 ? 145  ASP A OD2 1 
ATOM   1110 N N   . GLU A 1 146 ? -1.038  -11.816 -8.371  1.00 32.16 ? 146  GLU A N   1 
ATOM   1111 C CA  . GLU A 1 146 ? -1.530  -12.351 -9.648  1.00 33.33 ? 146  GLU A CA  1 
ATOM   1112 C C   . GLU A 1 146 ? -1.626  -13.859 -9.697  1.00 32.95 ? 146  GLU A C   1 
ATOM   1113 O O   . GLU A 1 146 ? -2.326  -14.403 -10.535 1.00 34.28 ? 146  GLU A O   1 
ATOM   1114 C CB  . GLU A 1 146 ? -0.694  -11.838 -10.813 1.00 33.51 ? 146  GLU A CB  1 
ATOM   1115 C CG  . GLU A 1 146 ? -0.940  -10.354 -11.003 1.00 35.87 ? 146  GLU A CG  1 
ATOM   1116 C CD  . GLU A 1 146 ? -0.105  -9.711  -12.078 1.00 36.26 ? 146  GLU A CD  1 
ATOM   1117 O OE1 . GLU A 1 146 ? 0.744   -10.384 -12.699 1.00 39.89 ? 146  GLU A OE1 1 
ATOM   1118 O OE2 . GLU A 1 146 ? -0.307  -8.504  -12.296 1.00 38.71 ? 146  GLU A OE2 1 
ATOM   1119 N N   . GLU A 1 147 ? -0.945  -14.528 -8.785  1.00 32.48 ? 147  GLU A N   1 
ATOM   1120 C CA  . GLU A 1 147 ? -1.046  -15.981 -8.668  1.00 32.46 ? 147  GLU A CA  1 
ATOM   1121 C C   . GLU A 1 147 ? -2.342  -16.382 -7.948  1.00 31.89 ? 147  GLU A C   1 
ATOM   1122 O O   . GLU A 1 147 ? -2.707  -17.543 -7.921  1.00 30.71 ? 147  GLU A O   1 
ATOM   1123 C CB  . GLU A 1 147 ? 0.179   -16.536 -7.941  1.00 32.41 ? 147  GLU A CB  1 
ATOM   1124 C CG  . GLU A 1 147 ? 1.463   -16.235 -8.696  1.00 35.36 ? 147  GLU A CG  1 
ATOM   1125 C CD  . GLU A 1 147 ? 2.702   -16.782 -8.026  1.00 38.56 ? 147  GLU A CD  1 
ATOM   1126 O OE1 . GLU A 1 147 ? 3.026   -16.331 -6.914  1.00 41.05 ? 147  GLU A OE1 1 
ATOM   1127 O OE2 . GLU A 1 147 ? 3.377   -17.652 -8.621  1.00 42.02 ? 147  GLU A OE2 1 
ATOM   1128 N N   . LYS A 1 148 ? -3.044  -15.410 -7.379  1.00 32.19 ? 148  LYS A N   1 
ATOM   1129 C CA  . LYS A 1 148 ? -4.280  -15.700 -6.638  1.00 32.49 ? 148  LYS A CA  1 
ATOM   1130 C C   . LYS A 1 148 ? -5.532  -15.198 -7.339  1.00 31.84 ? 148  LYS A C   1 
ATOM   1131 O O   . LYS A 1 148 ? -6.518  -14.854 -6.692  1.00 31.13 ? 148  LYS A O   1 
ATOM   1132 C CB  . LYS A 1 148 ? -4.225  -15.122 -5.224  1.00 33.12 ? 148  LYS A CB  1 
ATOM   1133 C CG  . LYS A 1 148 ? -3.106  -15.683 -4.361  1.00 36.04 ? 148  LYS A CG  1 
ATOM   1134 C CD  . LYS A 1 148 ? -3.591  -15.990 -2.949  1.00 38.08 ? 148  LYS A CD  1 
ATOM   1135 C CE  . LYS A 1 148 ? -2.450  -16.385 -2.026  1.00 39.18 ? 148  LYS A CE  1 
ATOM   1136 N NZ  . LYS A 1 148 ? -1.486  -17.293 -2.703  1.00 40.50 ? 148  LYS A NZ  1 
ATOM   1137 N N   . GLU A 1 149 ? -5.507  -15.170 -8.661  1.00 32.61 ? 149  GLU A N   1 
ATOM   1138 C CA  . GLU A 1 149 ? -6.683  -14.722 -9.427  1.00 33.90 ? 149  GLU A CA  1 
ATOM   1139 C C   . GLU A 1 149 ? -6.982  -13.256 -9.125  1.00 33.88 ? 149  GLU A C   1 
ATOM   1140 O O   . GLU A 1 149 ? -8.128  -12.812 -9.168  1.00 34.38 ? 149  GLU A O   1 
ATOM   1141 C CB  . GLU A 1 149 ? -7.924  -15.535 -9.067  1.00 34.55 ? 149  GLU A CB  1 
ATOM   1142 C CG  . GLU A 1 149 ? -8.088  -16.880 -9.794  1.00 36.35 ? 149  GLU A CG  1 
ATOM   1143 C CD  . GLU A 1 149 ? -9.562  -17.282 -9.928  1.00 38.72 ? 149  GLU A CD  1 
ATOM   1144 O OE1 . GLU A 1 149 ? -9.867  -18.496 -9.924  1.00 41.77 ? 149  GLU A OE1 1 
ATOM   1145 O OE2 . GLU A 1 149 ? -10.432 -16.385 -10.034 1.00 41.04 ? 149  GLU A OE2 1 
ATOM   1146 N N   . GLN A 1 150 ? -5.951  -12.517 -8.767  1.00 33.53 ? 150  GLN A N   1 
ATOM   1147 C CA  . GLN A 1 150 ? -6.094  -11.076 -8.598  1.00 33.78 ? 150  GLN A CA  1 
ATOM   1148 C C   . GLN A 1 150 ? -5.348  -10.358 -9.706  1.00 33.64 ? 150  GLN A C   1 
ATOM   1149 O O   . GLN A 1 150 ? -4.509  -10.928 -10.410 1.00 34.77 ? 150  GLN A O   1 
ATOM   1150 C CB  . GLN A 1 150 ? -5.593  -10.642 -7.217  1.00 33.96 ? 150  GLN A CB  1 
ATOM   1151 C CG  . GLN A 1 150 ? -6.301  -11.323 -6.045  1.00 33.08 ? 150  GLN A CG  1 
ATOM   1152 C CD  . GLN A 1 150 ? -5.478  -11.271 -4.780  1.00 32.95 ? 150  GLN A CD  1 
ATOM   1153 O OE1 . GLN A 1 150 ? -4.473  -10.568 -4.722  1.00 31.02 ? 150  GLN A OE1 1 
ATOM   1154 N NE2 . GLN A 1 150 ? -5.904  -12.003 -3.752  1.00 29.61 ? 150  GLN A NE2 1 
ATOM   1155 N N   . ASP A 1 151 ? -5.715  -9.113  -9.900  1.00 33.94 ? 151  ASP A N   1 
ATOM   1156 C CA  . ASP A 1 151 ? -5.091  -8.261  -10.908 1.00 34.61 ? 151  ASP A CA  1 
ATOM   1157 C C   . ASP A 1 151 ? -5.129  -6.795  -10.520 1.00 33.28 ? 151  ASP A C   1 
ATOM   1158 O O   . ASP A 1 151 ? -5.836  -6.402  -9.606  1.00 31.74 ? 151  ASP A O   1 
ATOM   1159 C CB  . ASP A 1 151 ? -5.715  -8.455  -12.289 1.00 35.70 ? 151  ASP A CB  1 
ATOM   1160 C CG  . ASP A 1 151 ? -7.180  -8.112  -12.339 1.00 38.79 ? 151  ASP A CG  1 
ATOM   1161 O OD1 . ASP A 1 151 ? -7.929  -8.870  -12.987 1.00 44.81 ? 151  ASP A OD1 1 
ATOM   1162 O OD2 . ASP A 1 151 ? -7.603  -7.088  -11.760 1.00 45.61 ? 151  ASP A OD2 1 
ATOM   1163 N N   . ARG A 1 152 ? -4.355  -6.010  -11.255 1.00 33.37 ? 152  ARG A N   1 
ATOM   1164 C CA  . ARG A 1 152 ? -4.083  -4.608  -10.903 1.00 34.33 ? 152  ARG A CA  1 
ATOM   1165 C C   . ARG A 1 152 ? -5.352  -3.747  -10.953 1.00 32.95 ? 152  ARG A C   1 
ATOM   1166 O O   . ARG A 1 152 ? -5.607  -2.964  -10.040 1.00 31.80 ? 152  ARG A O   1 
ATOM   1167 C CB  . ARG A 1 152 ? -2.984  -4.030  -11.807 1.00 34.92 ? 152  ARG A CB  1 
ATOM   1168 C CG  . ARG A 1 152 ? -2.687  -2.547  -11.615 1.00 36.95 ? 152  ARG A CG  1 
ATOM   1169 C CD  . ARG A 1 152 ? -1.593  -2.091  -12.601 1.00 39.42 ? 152  ARG A CD  1 
ATOM   1170 N NE  . ARG A 1 152 ? -0.301  -2.753  -12.347 1.00 42.81 ? 152  ARG A NE  1 
ATOM   1171 C CZ  . ARG A 1 152 ? 0.777   -2.648  -13.131 1.00 43.66 ? 152  ARG A CZ  1 
ATOM   1172 N NH1 . ARG A 1 152 ? 0.735   -1.908  -14.230 1.00 44.39 ? 152  ARG A NH1 1 
ATOM   1173 N NH2 . ARG A 1 152 ? 1.895   -3.294  -12.829 1.00 43.95 ? 152  ARG A NH2 1 
ATOM   1174 N N   . GLY A 1 153 ? -6.155  -3.947  -11.991 1.00 32.84 ? 153  GLY A N   1 
ATOM   1175 C CA  . GLY A 1 153 ? -7.424  -3.205  -12.183 1.00 33.08 ? 153  GLY A CA  1 
ATOM   1176 C C   . GLY A 1 153 ? -8.449  -3.436  -11.083 1.00 33.00 ? 153  GLY A C   1 
ATOM   1177 O O   . GLY A 1 153 ? -8.938  -2.493  -10.446 1.00 32.88 ? 153  GLY A O   1 
ATOM   1178 N N   . ASN A 1 154 ? -8.744  -4.700  -10.815 1.00 31.72 ? 154  ASN A N   1 
ATOM   1179 C CA  . ASN A 1 154 ? -9.784  -5.030  -9.829  1.00 31.05 ? 154  ASN A CA  1 
ATOM   1180 C C   . ASN A 1 154 ? -9.375  -4.705  -8.376  1.00 30.57 ? 154  ASN A C   1 
ATOM   1181 O O   . ASN A 1 154 ? -10.200 -4.274  -7.568  1.00 30.95 ? 154  ASN A O   1 
ATOM   1182 C CB  . ASN A 1 154 ? -10.213 -6.494  -9.965  1.00 30.59 ? 154  ASN A CB  1 
ATOM   1183 C CG  . ASN A 1 154 ? -11.684 -6.693  -9.703  1.00 31.19 ? 154  ASN A CG  1 
ATOM   1184 O OD1 . ASN A 1 154 ? -12.303 -5.975  -8.912  1.00 34.61 ? 154  ASN A OD1 1 
ATOM   1185 N ND2 . ASN A 1 154 ? -12.249 -7.672  -10.348 1.00 26.15 ? 154  ASN A ND2 1 
ATOM   1186 N N   . SER A 1 155 ? -8.103  -4.887  -8.035  1.00 30.25 ? 155  SER A N   1 
ATOM   1187 C CA  . SER A 1 155 ? -7.658  -4.555  -6.670  1.00 30.60 ? 155  SER A CA  1 
ATOM   1188 C C   . SER A 1 155 ? -7.749  -3.029  -6.448  1.00 30.79 ? 155  SER A C   1 
ATOM   1189 O O   . SER A 1 155 ? -8.024  -2.571  -5.354  1.00 31.49 ? 155  SER A O   1 
ATOM   1190 C CB  . SER A 1 155 ? -6.251  -5.086  -6.350  1.00 29.91 ? 155  SER A CB  1 
ATOM   1191 O OG  . SER A 1 155 ? -5.249  -4.576  -7.217  1.00 31.64 ? 155  SER A OG  1 
ATOM   1192 N N   . LYS A 1 156 ? -7.553  -2.270  -7.510  1.00 30.82 ? 156  LYS A N   1 
ATOM   1193 C CA  . LYS A 1 156 ? -7.612  -0.811  -7.444  1.00 32.04 ? 156  LYS A CA  1 
ATOM   1194 C C   . LYS A 1 156 ? -9.062  -0.334  -7.258  1.00 32.46 ? 156  LYS A C   1 
ATOM   1195 O O   . LYS A 1 156 ? -9.325  0.575   -6.480  1.00 32.30 ? 156  LYS A O   1 
ATOM   1196 C CB  . LYS A 1 156 ? -6.986  -0.201  -8.678  1.00 30.99 ? 156  LYS A CB  1 
ATOM   1197 C CG  . LYS A 1 156 ? -7.042  1.321   -8.746  1.00 35.09 ? 156  LYS A CG  1 
ATOM   1198 C CD  . LYS A 1 156 ? -6.517  1.790   -10.094 1.00 33.79 ? 156  LYS A CD  1 
ATOM   1199 C CE  . LYS A 1 156 ? -6.207  3.244   -10.091 1.00 35.97 ? 156  LYS A CE  1 
ATOM   1200 N NZ  . LYS A 1 156 ? -5.676  3.627   -11.421 1.00 32.99 ? 156  LYS A NZ  1 
ATOM   1201 N N   . ILE A 1 157 ? -10.003 -0.982  -7.937  1.00 33.40 ? 157  ILE A N   1 
ATOM   1202 C CA  . ILE A 1 157 ? -11.427 -0.643  -7.769  1.00 33.49 ? 157  ILE A CA  1 
ATOM   1203 C C   . ILE A 1 157 ? -11.797 -0.971  -6.341  1.00 33.76 ? 157  ILE A C   1 
ATOM   1204 O O   . ILE A 1 157 ? -12.458 -0.184  -5.672  1.00 33.72 ? 157  ILE A O   1 
ATOM   1205 C CB  . ILE A 1 157 ? -12.335 -1.383  -8.783  1.00 34.09 ? 157  ILE A CB  1 
ATOM   1206 C CG1 . ILE A 1 157 ? -12.172 -0.741  -10.150 1.00 34.72 ? 157  ILE A CG1 1 
ATOM   1207 C CG2 . ILE A 1 157 ? -13.824 -1.319  -8.380  1.00 35.07 ? 157  ILE A CG2 1 
ATOM   1208 C CD1 . ILE A 1 157 ? -12.733 0.698   -10.213 1.00 34.54 ? 157  ILE A CD1 1 
ATOM   1209 N N   . ALA A 1 158 ? -11.294 -2.111  -5.858  1.00 33.40 ? 158  ALA A N   1 
ATOM   1210 C CA  . ALA A 1 158 ? -11.489 -2.524  -4.458  1.00 32.76 ? 158  ALA A CA  1 
ATOM   1211 C C   . ALA A 1 158 ? -10.885 -1.528  -3.443  1.00 32.59 ? 158  ALA A C   1 
ATOM   1212 O O   . ALA A 1 158 ? -11.507 -1.225  -2.423  1.00 34.48 ? 158  ALA A O   1 
ATOM   1213 C CB  . ALA A 1 158 ? -10.928 -3.961  -4.220  1.00 32.42 ? 158  ALA A CB  1 
ATOM   1214 N N   . ALA A 1 159 ? -9.682  -1.029  -3.715  1.00 30.60 ? 159  ALA A N   1 
ATOM   1215 C CA  . ALA A 1 159 ? -9.065  -0.008  -2.861  1.00 30.73 ? 159  ALA A CA  1 
ATOM   1216 C C   . ALA A 1 159 ? -9.897  1.301   -2.867  1.00 28.83 ? 159  ALA A C   1 
ATOM   1217 O O   . ALA A 1 159 ? -10.147 1.879   -1.844  1.00 26.86 ? 159  ALA A O   1 
ATOM   1218 C CB  . ALA A 1 159 ? -7.585  0.291   -3.308  1.00 29.73 ? 159  ALA A CB  1 
ATOM   1219 N N   . LEU A 1 160 ? -10.301 1.736   -4.049  1.00 29.99 ? 160  LEU A N   1 
ATOM   1220 C CA  . LEU A 1 160 ? -11.098 2.973   -4.235  1.00 30.78 ? 160  LEU A CA  1 
ATOM   1221 C C   . LEU A 1 160 ? -12.478 2.886   -3.576  1.00 30.96 ? 160  LEU A C   1 
ATOM   1222 O O   . LEU A 1 160 ? -12.970 3.856   -3.009  1.00 30.76 ? 160  LEU A O   1 
ATOM   1223 C CB  . LEU A 1 160 ? -11.247 3.299   -5.710  1.00 30.82 ? 160  LEU A CB  1 
ATOM   1224 C CG  . LEU A 1 160 ? -9.950  3.796   -6.372  1.00 32.08 ? 160  LEU A CG  1 
ATOM   1225 C CD1 . LEU A 1 160 ? -10.168 4.028   -7.857  1.00 30.91 ? 160  LEU A CD1 1 
ATOM   1226 C CD2 . LEU A 1 160 ? -9.440  5.069   -5.694  1.00 32.23 ? 160  LEU A CD2 1 
ATOM   1227 N N   . THR A 1 161 ? -13.051 1.691   -3.598  1.00 31.12 ? 161  THR A N   1 
ATOM   1228 C CA  . THR A 1 161 ? -14.372 1.453   -3.024  1.00 30.40 ? 161  THR A CA  1 
ATOM   1229 C C   . THR A 1 161 ? -14.278 1.568   -1.505  1.00 31.27 ? 161  THR A C   1 
ATOM   1230 O O   . THR A 1 161 ? -15.155 2.185   -0.857  1.00 29.62 ? 161  THR A O   1 
ATOM   1231 C CB  . THR A 1 161 ? -14.921 0.083   -3.471  1.00 30.37 ? 161  THR A CB  1 
ATOM   1232 O OG1 . THR A 1 161 ? -15.125 0.119   -4.889  1.00 30.17 ? 161  THR A OG1 1 
ATOM   1233 C CG2 . THR A 1 161 ? -16.239 -0.286  -2.747  1.00 28.43 ? 161  THR A CG2 1 
ATOM   1234 N N   . PHE A 1 162 ? -13.203 1.006   -0.944  1.00 31.11 ? 162  PHE A N   1 
ATOM   1235 C CA  . PHE A 1 162 ? -12.947 1.129   0.504   1.00 32.29 ? 162  PHE A CA  1 
ATOM   1236 C C   . PHE A 1 162 ? -12.650 2.596   0.900   1.00 32.19 ? 162  PHE A C   1 
ATOM   1237 O O   . PHE A 1 162 ? -13.211 3.115   1.863   1.00 32.33 ? 162  PHE A O   1 
ATOM   1238 C CB  . PHE A 1 162 ? -11.802 0.228   0.981   1.00 32.98 ? 162  PHE A CB  1 
ATOM   1239 C CG  . PHE A 1 162 ? -11.660 0.188   2.477   1.00 33.52 ? 162  PHE A CG  1 
ATOM   1240 C CD1 . PHE A 1 162 ? -12.610 -0.437  3.251   1.00 39.02 ? 162  PHE A CD1 1 
ATOM   1241 C CD2 . PHE A 1 162 ? -10.606 0.820   3.109   1.00 38.05 ? 162  PHE A CD2 1 
ATOM   1242 C CE1 . PHE A 1 162 ? -12.490 -0.459  4.645   1.00 39.46 ? 162  PHE A CE1 1 
ATOM   1243 C CE2 . PHE A 1 162 ? -10.466 0.795   4.498   1.00 35.78 ? 162  PHE A CE2 1 
ATOM   1244 C CZ  . PHE A 1 162 ? -11.402 0.156   5.259   1.00 39.09 ? 162  PHE A CZ  1 
ATOM   1245 N N   . ALA A 1 163 ? -11.804 3.260   0.126   1.00 31.31 ? 163  ALA A N   1 
ATOM   1246 C CA  . ALA A 1 163 ? -11.507 4.690   0.362   1.00 31.60 ? 163  ALA A CA  1 
ATOM   1247 C C   . ALA A 1 163 ? -12.801 5.554   0.361   1.00 31.41 ? 163  ALA A C   1 
ATOM   1248 O O   . ALA A 1 163 ? -12.978 6.406   1.219   1.00 30.44 ? 163  ALA A O   1 
ATOM   1249 C CB  . ALA A 1 163 ? -10.503 5.220   -0.665  1.00 29.26 ? 163  ALA A CB  1 
ATOM   1250 N N   . LYS A 1 164 ? -13.687 5.308   -0.595  1.00 31.52 ? 164  LYS A N   1 
ATOM   1251 C CA  . LYS A 1 164 ? -14.965 6.027   -0.680  1.00 32.45 ? 164  LYS A CA  1 
ATOM   1252 C C   . LYS A 1 164 ? -15.804 5.834   0.590   1.00 32.02 ? 164  LYS A C   1 
ATOM   1253 O O   . LYS A 1 164 ? -16.413 6.777   1.066   1.00 33.53 ? 164  LYS A O   1 
ATOM   1254 C CB  . LYS A 1 164 ? -15.747 5.579   -1.910  1.00 32.97 ? 164  LYS A CB  1 
ATOM   1255 C CG  . LYS A 1 164 ? -17.059 6.302   -2.153  1.00 35.73 ? 164  LYS A CG  1 
ATOM   1256 C CD  . LYS A 1 164 ? -17.975 5.415   -2.977  1.00 37.47 ? 164  LYS A CD  1 
ATOM   1257 C CE  . LYS A 1 164 ? -19.152 6.181   -3.538  1.00 38.62 ? 164  LYS A CE  1 
ATOM   1258 N NZ  . LYS A 1 164 ? -19.480 7.313   -2.642  1.00 40.89 ? 164  LYS A NZ  1 
ATOM   1259 N N   . GLU A 1 165 ? -15.788 4.638   1.169   1.00 31.32 ? 165  GLU A N   1 
ATOM   1260 C CA  . GLU A 1 165 ? -16.571 4.375   2.383   1.00 30.93 ? 165  GLU A CA  1 
ATOM   1261 C C   . GLU A 1 165 ? -16.039 5.223   3.528   1.00 30.37 ? 165  GLU A C   1 
ATOM   1262 O O   . GLU A 1 165 ? -16.796 5.756   4.338   1.00 29.52 ? 165  GLU A O   1 
ATOM   1263 C CB  . GLU A 1 165 ? -16.479 2.917   2.836   1.00 31.22 ? 165  GLU A CB  1 
ATOM   1264 C CG  . GLU A 1 165 ? -16.882 1.880   1.840   1.00 33.29 ? 165  GLU A CG  1 
ATOM   1265 C CD  . GLU A 1 165 ? -16.585 0.472   2.348   1.00 34.63 ? 165  GLU A CD  1 
ATOM   1266 O OE1 . GLU A 1 165 ? -16.570 0.266   3.585   1.00 36.52 ? 165  GLU A OE1 1 
ATOM   1267 O OE2 . GLU A 1 165 ? -16.359 -0.424  1.511   1.00 35.65 ? 165  GLU A OE2 1 
ATOM   1268 N N   . LEU A 1 166 ? -14.715 5.302   3.598   1.00 29.91 ? 166  LEU A N   1 
ATOM   1269 C CA  . LEU A 1 166 ? -14.032 6.088   4.619   1.00 29.28 ? 166  LEU A CA  1 
ATOM   1270 C C   . LEU A 1 166 ? -14.309 7.587   4.419   1.00 28.75 ? 166  LEU A C   1 
ATOM   1271 O O   . LEU A 1 166 ? -14.508 8.318   5.385   1.00 28.47 ? 166  LEU A O   1 
ATOM   1272 C CB  . LEU A 1 166 ? -12.526 5.831   4.578   1.00 29.10 ? 166  LEU A CB  1 
ATOM   1273 C CG  . LEU A 1 166 ? -12.072 4.400   4.875   1.00 29.65 ? 166  LEU A CG  1 
ATOM   1274 C CD1 . LEU A 1 166 ? -10.566 4.236   4.583   1.00 29.45 ? 166  LEU A CD1 1 
ATOM   1275 C CD2 . LEU A 1 166 ? -12.422 4.019   6.307   1.00 25.95 ? 166  LEU A CD2 1 
ATOM   1276 N N   . ALA A 1 167 ? -14.309 8.027   3.166   1.00 28.28 ? 167  ALA A N   1 
ATOM   1277 C CA  . ALA A 1 167 ? -14.521 9.445   2.832   1.00 29.87 ? 167  ALA A CA  1 
ATOM   1278 C C   . ALA A 1 167 ? -15.975 9.868   3.074   1.00 30.97 ? 167  ALA A C   1 
ATOM   1279 O O   . ALA A 1 167 ? -16.267 11.038  3.306   1.00 31.42 ? 167  ALA A O   1 
ATOM   1280 C CB  . ALA A 1 167 ? -14.139 9.732   1.394   1.00 29.01 ? 167  ALA A CB  1 
ATOM   1281 N N   . GLU A 1 168 ? -16.880 8.906   3.034   1.00 32.07 ? 168  GLU A N   1 
ATOM   1282 C CA  . GLU A 1 168 ? -18.290 9.216   3.227   1.00 33.23 ? 168  GLU A CA  1 
ATOM   1283 C C   . GLU A 1 168 ? -18.665 9.374   4.685   1.00 33.77 ? 168  GLU A C   1 
ATOM   1284 O O   . GLU A 1 168 ? -19.437 10.262  5.037   1.00 34.37 ? 168  GLU A O   1 
ATOM   1285 C CB  . GLU A 1 168 ? -19.172 8.147   2.621   1.00 33.78 ? 168  GLU A CB  1 
ATOM   1286 C CG  . GLU A 1 168 ? -19.574 8.432   1.204   1.00 35.00 ? 168  GLU A CG  1 
ATOM   1287 C CD  . GLU A 1 168 ? -20.213 7.223   0.585   1.00 36.65 ? 168  GLU A CD  1 
ATOM   1288 O OE1 . GLU A 1 168 ? -19.960 6.116   1.121   1.00 37.75 ? 168  GLU A OE1 1 
ATOM   1289 O OE2 . GLU A 1 168 ? -20.956 7.373   -0.414  1.00 37.48 ? 168  GLU A OE2 1 
ATOM   1290 N N   . SER A 1 169 ? -18.128 8.506   5.533   1.00 34.08 ? 169  SER A N   1 
ATOM   1291 C CA  . SER A 1 169 ? -18.532 8.486   6.932   1.00 34.38 ? 169  SER A CA  1 
ATOM   1292 C C   . SER A 1 169 ? -17.665 9.465   7.682   1.00 34.81 ? 169  SER A C   1 
ATOM   1293 O O   . SER A 1 169 ? -17.948 9.850   8.810   1.00 35.53 ? 169  SER A O   1 
ATOM   1294 C CB  . SER A 1 169 ? -18.423 7.081   7.524   1.00 34.24 ? 169  SER A CB  1 
ATOM   1295 O OG  . SER A 1 169 ? -17.077 6.688   7.639   1.00 33.39 ? 169  SER A OG  1 
ATOM   1296 N N   . SER A 1 170 ? -16.596 9.863   7.025   1.00 35.17 ? 170  SER A N   1 
ATOM   1297 C CA  . SER A 1 170 ? -15.739 10.914  7.538   1.00 35.91 ? 170  SER A CA  1 
ATOM   1298 C C   . SER A 1 170 ? -16.484 12.239  7.420   1.00 36.52 ? 170  SER A C   1 
ATOM   1299 O O   . SER A 1 170 ? -16.087 13.257  7.980   1.00 37.01 ? 170  SER A O   1 
ATOM   1300 C CB  . SER A 1 170 ? -14.423 10.977  6.759   1.00 35.82 ? 170  SER A CB  1 
ATOM   1301 O OG  . SER A 1 170 ? -13.968 12.311  6.666   1.00 36.08 ? 170  SER A OG  1 
ATOM   1302 N N   . GLN A 1 171 ? -17.594 12.217  6.707   1.00 37.41 ? 171  GLN A N   1 
ATOM   1303 C CA  . GLN A 1 171 ? -18.346 13.448  6.493   1.00 38.28 ? 171  GLN A CA  1 
ATOM   1304 C C   . GLN A 1 171 ? -19.652 13.488  7.289   1.00 38.34 ? 171  GLN A C   1 
ATOM   1305 O O   . GLN A 1 171 ? -20.350 14.496  7.288   1.00 38.16 ? 171  GLN A O   1 
ATOM   1306 C CB  . GLN A 1 171 ? -18.500 13.736  5.012   1.00 38.33 ? 171  GLN A CB  1 
ATOM   1307 C CG  . GLN A 1 171 ? -17.206 14.340  4.521   1.00 39.28 ? 171  GLN A CG  1 
ATOM   1308 C CD  . GLN A 1 171 ? -17.038 14.283  3.031   1.00 40.68 ? 171  GLN A CD  1 
ATOM   1309 O OE1 . GLN A 1 171 ? -17.962 14.583  2.278   1.00 42.32 ? 171  GLN A OE1 1 
ATOM   1310 N NE2 . GLN A 1 171 ? -15.846 13.899  2.588   1.00 42.32 ? 171  GLN A NE2 1 
ATOM   1311 N N   . LEU A 1 172 ? -19.948 12.385  7.976   1.00 38.41 ? 172  LEU A N   1 
ATOM   1312 C CA  . LEU A 1 172 ? -20.736 12.456  9.206   1.00 38.28 ? 172  LEU A CA  1 
ATOM   1313 C C   . LEU A 1 172 ? -19.669 12.750  10.245  1.00 38.66 ? 172  LEU A C   1 
ATOM   1314 O O   . LEU A 1 172 ? -18.784 11.931  10.470  1.00 38.56 ? 172  LEU A O   1 
ATOM   1315 C CB  . LEU A 1 172 ? -21.462 11.145  9.546   1.00 38.00 ? 172  LEU A CB  1 
ATOM   1316 C CG  . LEU A 1 172 ? -21.676 10.094  8.463   1.00 37.00 ? 172  LEU A CG  1 
ATOM   1317 C CD1 . LEU A 1 172 ? -22.743 9.111   8.909   1.00 35.50 ? 172  LEU A CD1 1 
ATOM   1318 C CD2 . LEU A 1 172 ? -22.045 10.758  7.139   1.00 37.16 ? 172  LEU A CD2 1 
ATOM   1319 N N   . GLN A 1 173 ? -19.704 13.944  10.827  1.00 39.22 ? 173  GLN A N   1 
ATOM   1320 C CA  . GLN A 1 173 ? -18.626 14.364  11.737  1.00 39.21 ? 173  GLN A CA  1 
ATOM   1321 C C   . GLN A 1 173 ? -19.192 14.932  13.024  1.00 39.15 ? 173  GLN A C   1 
ATOM   1322 O O   . GLN A 1 173 ? -18.493 15.553  13.834  1.00 39.60 ? 173  GLN A O   1 
ATOM   1323 C CB  . GLN A 1 173 ? -17.678 15.360  11.057  1.00 39.35 ? 173  GLN A CB  1 
ATOM   1324 C CG  . GLN A 1 173 ? -18.335 16.567  10.371  1.00 39.77 ? 173  GLN A CG  1 
ATOM   1325 C CD  . GLN A 1 173 ? -17.367 17.290  9.433   1.00 39.64 ? 173  GLN A CD  1 
ATOM   1326 O OE1 . GLN A 1 173 ? -16.508 16.665  8.812   1.00 38.23 ? 173  GLN A OE1 1 
ATOM   1327 N NE2 . GLN A 1 173 ? -17.508 18.607  9.329   1.00 39.54 ? 173  GLN A NE2 1 
ATOM   1328 N N   . HIS A 1 174 ? -20.476 14.666  13.197  1.00 38.80 ? 174  HIS A N   1 
ATOM   1329 C CA  . HIS A 1 174 ? -21.263 15.151  14.324  1.00 38.06 ? 174  HIS A CA  1 
ATOM   1330 C C   . HIS A 1 174 ? -21.477 14.003  15.286  1.00 37.82 ? 174  HIS A C   1 
ATOM   1331 O O   . HIS A 1 174 ? -21.908 12.926  14.872  1.00 37.34 ? 174  HIS A O   1 
ATOM   1332 C CB  . HIS A 1 174 ? -22.628 15.641  13.841  1.00 37.96 ? 174  HIS A CB  1 
ATOM   1333 C CG  . HIS A 1 174 ? -23.359 14.636  13.006  1.00 37.05 ? 174  HIS A CG  1 
ATOM   1334 N ND1 . HIS A 1 174 ? -23.204 13.277  13.180  1.00 35.44 ? 174  HIS A ND1 1 
ATOM   1335 C CD2 . HIS A 1 174 ? -24.236 14.785  11.984  1.00 37.46 ? 174  HIS A CD2 1 
ATOM   1336 C CE1 . HIS A 1 174 ? -23.952 12.634  12.301  1.00 36.56 ? 174  HIS A CE1 1 
ATOM   1337 N NE2 . HIS A 1 174 ? -24.591 13.525  11.565  1.00 36.94 ? 174  HIS A NE2 1 
HETATM 1338 O O   . HOH B 2 .   ? -13.045 1.714   18.449  1.00 35.03 ? 2001 HOH A O   1 
HETATM 1339 O O   . HOH B 2 .   ? -3.250  -4.727  12.725  1.00 23.33 ? 2002 HOH A O   1 
HETATM 1340 O O   . HOH B 2 .   ? -12.340 -11.625 5.032   1.00 35.25 ? 2003 HOH A O   1 
HETATM 1341 O O   . HOH B 2 .   ? -17.865 -8.357  5.085   1.00 33.82 ? 2004 HOH A O   1 
HETATM 1342 O O   . HOH B 2 .   ? -17.976 -4.518  8.680   1.00 55.34 ? 2005 HOH A O   1 
HETATM 1343 O O   . HOH B 2 .   ? -7.961  -8.335  -7.867  1.00 24.41 ? 2006 HOH A O   1 
HETATM 1344 O O   . HOH B 2 .   ? -1.498  -12.358 1.954   1.00 31.56 ? 2007 HOH A O   1 
HETATM 1345 O O   . HOH B 2 .   ? 3.370   13.249  4.660   1.00 38.37 ? 2008 HOH A O   1 
HETATM 1346 O O   . HOH B 2 .   ? -4.456  11.514  3.937   1.00 39.34 ? 2009 HOH A O   1 
HETATM 1347 O O   . HOH B 2 .   ? -2.060  10.870  10.988  1.00 41.43 ? 2010 HOH A O   1 
HETATM 1348 O O   . HOH B 2 .   ? 5.721   1.722   5.357   1.00 36.57 ? 2011 HOH A O   1 
HETATM 1349 O O   . HOH B 2 .   ? 1.856   5.159   11.012  1.00 42.10 ? 2012 HOH A O   1 
HETATM 1350 O O   . HOH B 2 .   ? -4.959  -11.131 8.636   1.00 34.00 ? 2013 HOH A O   1 
HETATM 1351 O O   . HOH B 2 .   ? 16.096  -5.328  -4.784  1.00 62.20 ? 2014 HOH A O   1 
HETATM 1352 O O   . HOH B 2 .   ? -7.470  -13.636 7.010   1.00 45.16 ? 2015 HOH A O   1 
HETATM 1353 O O   . HOH B 2 .   ? 0.539   3.434   -16.461 1.00 44.63 ? 2016 HOH A O   1 
HETATM 1354 O O   . HOH B 2 .   ? -2.333  16.480  -11.422 1.00 37.76 ? 2017 HOH A O   1 
HETATM 1355 O O   . HOH B 2 .   ? 0.127   -23.327 14.312  1.00 43.21 ? 2018 HOH A O   1 
HETATM 1356 O O   . HOH B 2 .   ? 5.513   -17.311 11.474  1.00 25.58 ? 2019 HOH A O   1 
HETATM 1357 O O   . HOH B 2 .   ? -0.159  -12.843 11.019  1.00 30.01 ? 2020 HOH A O   1 
HETATM 1358 O O   . HOH B 2 .   ? 7.968   -13.124 10.201  1.00 40.30 ? 2021 HOH A O   1 
HETATM 1359 O O   . HOH B 2 .   ? 5.069   -15.761 7.798   1.00 38.29 ? 2022 HOH A O   1 
HETATM 1360 O O   . HOH B 2 .   ? -1.791  -7.302  15.135  1.00 38.97 ? 2023 HOH A O   1 
HETATM 1361 O O   . HOH B 2 .   ? 9.460   -8.801  5.959   1.00 44.30 ? 2024 HOH A O   1 
HETATM 1362 O O   . HOH B 2 .   ? 5.148   -6.392  0.857   1.00 29.18 ? 2025 HOH A O   1 
HETATM 1363 O O   . HOH B 2 .   ? 5.427   -0.098  7.298   1.00 29.23 ? 2026 HOH A O   1 
HETATM 1364 O O   . HOH B 2 .   ? 7.318   -7.378  10.562  1.00 43.74 ? 2027 HOH A O   1 
HETATM 1365 O O   . HOH B 2 .   ? 8.196   -0.480  7.601   1.00 33.12 ? 2028 HOH A O   1 
HETATM 1366 O O   . HOH B 2 .   ? 11.891  0.838   7.331   1.00 26.43 ? 2029 HOH A O   1 
HETATM 1367 O O   . HOH B 2 .   ? 11.781  -5.385  11.167  1.00 36.15 ? 2030 HOH A O   1 
HETATM 1368 O O   . HOH B 2 .   ? 13.132  1.870   11.407  1.00 42.38 ? 2031 HOH A O   1 
HETATM 1369 O O   . HOH B 2 .   ? -14.559 -3.624  -3.836  1.00 56.84 ? 2032 HOH A O   1 
HETATM 1370 O O   . HOH B 2 .   ? 21.061  -3.562  7.409   1.00 29.13 ? 2033 HOH A O   1 
HETATM 1371 O O   . HOH B 2 .   ? 19.854  -2.834  -4.390  1.00 40.03 ? 2034 HOH A O   1 
HETATM 1372 O O   . HOH B 2 .   ? 21.504  -5.561  -0.581  1.00 29.75 ? 2035 HOH A O   1 
HETATM 1373 O O   . HOH B 2 .   ? 29.021  6.031   -10.911 1.00 32.35 ? 2036 HOH A O   1 
HETATM 1374 O O   . HOH B 2 .   ? 33.288  4.279   -9.117  1.00 28.58 ? 2037 HOH A O   1 
HETATM 1375 O O   . HOH B 2 .   ? 21.520  6.384   1.153   1.00 44.64 ? 2038 HOH A O   1 
HETATM 1376 O O   . HOH B 2 .   ? 9.216   6.600   8.159   1.00 33.26 ? 2039 HOH A O   1 
HETATM 1377 O O   . HOH B 2 .   ? 6.581   1.562   2.688   1.00 37.14 ? 2040 HOH A O   1 
HETATM 1378 O O   . HOH B 2 .   ? 9.490   2.063   8.100   1.00 31.31 ? 2041 HOH A O   1 
HETATM 1379 O O   . HOH B 2 .   ? 10.176  10.748  1.922   1.00 24.92 ? 2042 HOH A O   1 
HETATM 1380 O O   . HOH B 2 .   ? 5.324   18.146  -1.162  1.00 38.26 ? 2043 HOH A O   1 
HETATM 1381 O O   . HOH B 2 .   ? 8.750   13.093  1.146   1.00 34.32 ? 2044 HOH A O   1 
HETATM 1382 O O   . HOH B 2 .   ? 5.001   16.086  -8.186  1.00 34.84 ? 2045 HOH A O   1 
HETATM 1383 O O   . HOH B 2 .   ? 8.858   16.922  -6.631  1.00 38.17 ? 2046 HOH A O   1 
HETATM 1384 O O   . HOH B 2 .   ? 4.514   12.050  -10.578 1.00 34.65 ? 2047 HOH A O   1 
HETATM 1385 O O   . HOH B 2 .   ? 11.390  17.675  -6.026  1.00 35.09 ? 2048 HOH A O   1 
HETATM 1386 O O   . HOH B 2 .   ? 17.834  7.637   -7.156  1.00 28.67 ? 2049 HOH A O   1 
HETATM 1387 O O   . HOH B 2 .   ? 16.986  0.824   -4.333  1.00 40.55 ? 2050 HOH A O   1 
HETATM 1388 O O   . HOH B 2 .   ? 12.454  5.897   -2.932  1.00 41.02 ? 2051 HOH A O   1 
HETATM 1389 O O   . HOH B 2 .   ? 13.027  7.324   -0.791  1.00 50.61 ? 2052 HOH A O   1 
HETATM 1390 O O   . HOH B 2 .   ? 6.834   -8.247  1.064   1.00 40.24 ? 2053 HOH A O   1 
HETATM 1391 O O   . HOH B 2 .   ? 12.778  -6.879  -3.347  1.00 44.54 ? 2054 HOH A O   1 
HETATM 1392 O O   . HOH B 2 .   ? 17.477  -1.353  -5.360  1.00 49.29 ? 2055 HOH A O   1 
HETATM 1393 O O   . HOH B 2 .   ? 7.058   -3.136  -13.123 1.00 39.70 ? 2056 HOH A O   1 
HETATM 1394 O O   . HOH B 2 .   ? 2.904   4.548   -16.016 1.00 44.18 ? 2057 HOH A O   1 
HETATM 1395 O O   . HOH B 2 .   ? -2.054  13.027  -11.587 1.00 41.68 ? 2058 HOH A O   1 
HETATM 1396 O O   . HOH B 2 .   ? 3.116   13.572  -9.305  1.00 53.72 ? 2059 HOH A O   1 
HETATM 1397 O O   . HOH B 2 .   ? -8.186  14.251  -3.856  1.00 44.24 ? 2060 HOH A O   1 
HETATM 1398 O O   . HOH B 2 .   ? -18.318 1.814   -4.644  1.00 65.74 ? 2061 HOH A O   1 
HETATM 1399 O O   . HOH B 2 .   ? -13.475 14.507  -2.597  1.00 32.19 ? 2062 HOH A O   1 
HETATM 1400 O O   . HOH B 2 .   ? -2.443  5.079   -9.909  1.00 39.55 ? 2063 HOH A O   1 
HETATM 1401 O O   . HOH B 2 .   ? 3.924   -6.952  -12.100 1.00 29.07 ? 2064 HOH A O   1 
HETATM 1402 O O   . HOH B 2 .   ? 9.256   -8.760  -7.207  1.00 45.88 ? 2065 HOH A O   1 
HETATM 1403 O O   . HOH B 2 .   ? 2.104   -7.027  -3.589  1.00 51.91 ? 2066 HOH A O   1 
HETATM 1404 O O   . HOH B 2 .   ? 2.386   11.892  2.046   1.00 48.33 ? 2067 HOH A O   1 
HETATM 1405 O O   . HOH B 2 .   ? -6.841  10.924  -1.362  1.00 46.12 ? 2068 HOH A O   1 
HETATM 1406 O O   . HOH B 2 .   ? 1.367   -9.695  -4.026  1.00 41.31 ? 2069 HOH A O   1 
HETATM 1407 O O   . HOH B 2 .   ? 2.372   -13.791 -6.828  1.00 49.31 ? 2070 HOH A O   1 
HETATM 1408 O O   . HOH B 2 .   ? -2.613  -7.551  -12.908 1.00 27.93 ? 2071 HOH A O   1 
HETATM 1409 O O   . HOH B 2 .   ? -1.896  -18.806 -5.862  1.00 37.36 ? 2072 HOH A O   1 
HETATM 1410 O O   . HOH B 2 .   ? -2.220  -19.824 -0.711  1.00 2.00  ? 2073 HOH A O   1 
HETATM 1411 O O   . HOH B 2 .   ? -3.801  -10.802 -13.320 1.00 49.40 ? 2074 HOH A O   1 
HETATM 1412 O O   . HOH B 2 .   ? -4.306  -13.121 -11.685 1.00 40.62 ? 2075 HOH A O   1 
HETATM 1413 O O   . HOH B 2 .   ? -5.794  -5.202  -14.731 1.00 35.32 ? 2076 HOH A O   1 
HETATM 1414 O O   . HOH B 2 .   ? -9.185  -0.111  -11.789 1.00 39.02 ? 2077 HOH A O   1 
HETATM 1415 O O   . HOH B 2 .   ? -12.231 -9.525  -11.882 1.00 47.07 ? 2078 HOH A O   1 
HETATM 1416 O O   . HOH B 2 .   ? -13.482 -2.712  -1.630  1.00 24.46 ? 2079 HOH A O   1 
HETATM 1417 O O   . HOH B 2 .   ? -17.706 2.349   -1.623  1.00 39.75 ? 2080 HOH A O   1 
HETATM 1418 O O   . HOH B 2 .   ? -15.217 -2.178  0.403   1.00 34.86 ? 2081 HOH A O   1 
HETATM 1419 O O   . HOH B 2 .   ? -22.027 16.393  10.598  1.00 30.15 ? 2082 HOH A O   1 
HETATM 1420 O O   . HOH B 2 .   ? -18.391 17.025  6.506   1.00 28.21 ? 2083 HOH A O   1 
# 
